data_6FEQ
#
_entry.id   6FEQ
#
_cell.length_a   1.000
_cell.length_b   1.000
_cell.length_c   1.000
_cell.angle_alpha   90.00
_cell.angle_beta   90.00
_cell.angle_gamma   90.00
#
_symmetry.space_group_name_H-M   'P 1'
#
loop_
_entity.id
_entity.type
_entity.pdbx_description
1 polymer 'ATP-binding cassette sub-family G member 2'
2 polymer '5D3(Fab) light chain variable domain'
3 polymer '5D3(Fab) heavy chain variable domain'
4 non-polymer 2-acetamido-2-deoxy-beta-D-glucopyranose
5 non-polymer ~{N}-[5-[1-[4-[2-[6-methoxy-7-[2-[2-(2-methoxyethoxy)ethoxy]ethoxy]-3,4-dihydro-1~{H}-isoquinolin-2-yl]ethyl]phenyl]-1,2,3-triazol-4-yl]-2-propanoyl-phenyl]quinoline-2-carboxamide
#
loop_
_entity_poly.entity_id
_entity_poly.type
_entity_poly.pdbx_seq_one_letter_code
_entity_poly.pdbx_strand_id
1 'polypeptide(L)'
;MSSSNVEVFIPVSQGNTNGFPATASNDLKAFTEGAVLSFHNICYRVKLKSGFLPCRKPVEKEILSNINGIMKPGLNAILG
PTGGGKSSLLDVLAARKDPSGLSGDVLINGAPRPANFKCNSGYVVQDDVVMGTLTVRENLQFSAALRLATTMTNHEKNER
INRVIQELGLDKVADSKVGTQFIRGVSGGERKRTSIGMELITDPSILFLDEPTTGLDSSTANAVLLLLKRMSKQGRTIIF
SIHQPRYSIFKLFDSLTLLASGRLMFHGPAQEALGYFESAGYHCEAYNNPADFFLDIINGDSTAVALNREEDFKATEIIE
PSKQDKPLIEKLAEIYVNSSFYKETKAELHQLSGGEKKKKITVFKEISYTTSFCHQLRWVSKRSFKNLLGNPQASIAQII
VTVVLGLVIGAIYFGLKNDSTGIQNRAGVLFFLTTNQCFSSVSAVELFVVEKKLFIHEYISGYYRVSSYFLGKLLSDLLP
MRMLPSIIFTCIVYFMLGLKPKADAFFVMMFTLMMVAYSASSMALAIAAGQSVVSVATLLMTICFVFMMIFSGLLVNLTT
IASWLSWLQYFSIPRYGFTALQHNEFLGQNFCPGLNATGNNPCNYATCTGEEYLVKQGIDLSPWGLWKNHVALACMIVIF
LTIAYLKLLFLKKYS
;
A,B
2 'polypeptide(L)'
;DIVLTQSPSSFSVSLGDRVTISCKASGYILNRLAWYQQKPGNAPRLLISGATSLETGFPSRFSGTGSGKDYTLSISSLQT
EDVGTYYCQQYWSTPWTFGGGTKLEIRRADAAPTVSIFPPSSEQLTSGGASVVCFLNNFYPKDINVKWKIDGSERQNGVL
NSWTDQDSKDSTYSMSSTLTLTKDEYERHNSYTCEATHKTSTSPIVKSFNRNEC
;
C,E
3 'polypeptide(L)'
;QVQLQESGPGLVKPSQSLSLTCTVTGFSITSDYAWNWIRQFPGKKLEWMGYINFDGGTTYNPSLRGRISITRDTSKNQFF
LQLRSVTPEDTATYYCATFYGAKGTLDYWGQGTSVTVSSAKTTPPSVYPLAPVCGDTSGSSVTLGCLVKGYFPEPVTLTW
NSGSLSSGVHTFPAVLQSDLYTLSSSVTVTSSTWPSQSITCNVAHPASSTKVDKKIEPRGP
;
D,F
#
# COMPACT_ATOMS: atom_id res chain seq x y z
N ALA A 35 34.03 46.15 -11.66
CA ALA A 35 34.42 44.76 -11.76
C ALA A 35 34.07 44.20 -13.14
N VAL A 36 35.01 43.48 -13.74
CA VAL A 36 34.79 42.86 -15.05
C VAL A 36 35.18 41.39 -14.98
N LEU A 37 34.46 40.56 -15.72
CA LEU A 37 34.91 39.21 -15.99
C LEU A 37 35.80 39.21 -17.23
N SER A 38 36.53 38.12 -17.42
CA SER A 38 37.23 37.86 -18.68
C SER A 38 37.48 36.36 -18.76
N PHE A 39 36.84 35.72 -19.73
CA PHE A 39 36.97 34.30 -19.95
C PHE A 39 37.62 34.04 -21.30
N HIS A 40 38.35 32.93 -21.41
CA HIS A 40 39.19 32.71 -22.58
C HIS A 40 39.46 31.23 -22.79
N ASN A 41 39.13 30.75 -23.98
CA ASN A 41 39.52 29.44 -24.51
C ASN A 41 39.01 28.29 -23.63
N ILE A 42 37.71 28.27 -23.44
CA ILE A 42 37.09 27.25 -22.60
C ILE A 42 36.67 26.09 -23.47
N CYS A 43 37.16 24.90 -23.14
CA CYS A 43 36.80 23.66 -23.81
C CYS A 43 36.14 22.80 -22.73
N TYR A 44 34.85 22.98 -22.53
CA TYR A 44 34.15 22.19 -21.52
C TYR A 44 33.61 20.90 -22.13
N ARG A 45 33.81 19.80 -21.42
CA ARG A 45 33.31 18.50 -21.83
C ARG A 45 32.55 17.87 -20.69
N VAL A 46 32.00 16.68 -20.94
CA VAL A 46 31.31 15.94 -19.90
C VAL A 46 32.27 14.96 -19.24
N LYS A 61 32.21 14.46 -24.48
CA LYS A 61 31.37 15.31 -25.32
C LYS A 61 31.61 16.79 -25.02
N GLU A 62 32.34 17.46 -25.92
CA GLU A 62 32.69 18.87 -25.77
C GLU A 62 31.49 19.72 -26.15
N ILE A 63 30.65 20.06 -25.17
CA ILE A 63 29.58 20.97 -25.55
C ILE A 63 29.93 22.42 -25.28
N LEU A 64 31.04 22.86 -25.86
CA LEU A 64 31.60 24.21 -25.91
C LEU A 64 32.88 24.04 -26.73
N SER A 65 33.30 25.04 -27.52
CA SER A 65 34.53 24.88 -28.27
C SER A 65 35.61 25.85 -27.80
N ASN A 66 35.39 27.15 -27.96
CA ASN A 66 36.34 28.17 -27.53
C ASN A 66 35.62 29.50 -27.52
N ILE A 67 35.34 30.02 -26.33
CA ILE A 67 34.48 31.19 -26.20
C ILE A 67 35.26 32.27 -25.48
N ASN A 68 35.19 33.49 -26.01
CA ASN A 68 36.05 34.57 -25.57
C ASN A 68 35.24 35.83 -25.34
N GLY A 69 35.60 36.59 -24.31
CA GLY A 69 34.92 37.85 -24.05
C GLY A 69 35.14 38.35 -22.63
N ILE A 70 34.98 39.66 -22.47
CA ILE A 70 34.91 40.28 -21.17
C ILE A 70 33.45 40.58 -20.90
N MET A 71 33.14 40.94 -19.66
CA MET A 71 31.80 41.35 -19.26
C MET A 71 31.92 42.60 -18.38
N LYS A 72 31.65 43.75 -18.98
CA LYS A 72 31.73 45.02 -18.29
C LYS A 72 30.57 45.15 -17.30
N PRO A 73 30.70 46.03 -16.29
CA PRO A 73 29.54 46.33 -15.44
C PRO A 73 28.47 47.05 -16.23
N GLY A 74 27.34 46.38 -16.41
CA GLY A 74 26.30 46.84 -17.30
C GLY A 74 25.22 45.80 -17.33
N LEU A 75 24.78 45.39 -18.51
CA LEU A 75 23.74 44.39 -18.63
C LEU A 75 24.25 43.35 -19.61
N ASN A 76 24.99 42.36 -19.12
CA ASN A 76 25.52 41.30 -19.95
C ASN A 76 24.44 40.26 -20.22
N ALA A 77 24.42 39.76 -21.44
CA ALA A 77 23.33 38.90 -21.85
C ALA A 77 23.83 37.75 -22.70
N ILE A 78 23.14 36.62 -22.60
CA ILE A 78 23.44 35.41 -23.37
C ILE A 78 22.16 34.98 -24.06
N LEU A 79 22.10 35.11 -25.38
CA LEU A 79 20.96 34.67 -26.17
C LEU A 79 21.31 33.44 -27.00
N GLY A 80 20.27 32.71 -27.38
CA GLY A 80 20.46 31.57 -28.25
C GLY A 80 19.39 30.51 -28.11
N PRO A 81 19.50 29.45 -28.92
CA PRO A 81 18.55 28.35 -28.82
C PRO A 81 18.86 27.48 -27.61
N THR A 82 17.83 26.75 -27.18
CA THR A 82 17.90 26.03 -25.92
C THR A 82 18.84 24.83 -26.00
N GLY A 83 19.10 24.35 -27.21
CA GLY A 83 20.09 23.30 -27.36
C GLY A 83 21.53 23.77 -27.21
N GLY A 84 21.77 25.06 -27.32
CA GLY A 84 23.13 25.57 -27.27
C GLY A 84 23.67 25.73 -25.87
N GLY A 85 24.64 26.62 -25.72
CA GLY A 85 25.28 26.82 -24.43
C GLY A 85 24.72 28.00 -23.67
N LYS A 86 23.45 28.33 -23.91
CA LYS A 86 22.84 29.44 -23.18
C LYS A 86 22.59 29.08 -21.72
N SER A 87 22.64 27.80 -21.38
CA SER A 87 22.55 27.38 -19.98
C SER A 87 23.79 26.64 -19.52
N SER A 88 24.86 26.64 -20.32
CA SER A 88 26.05 25.93 -19.91
C SER A 88 27.27 26.83 -19.83
N LEU A 89 27.36 27.89 -20.64
CA LEU A 89 28.41 28.86 -20.40
C LEU A 89 28.15 29.63 -19.11
N LEU A 90 26.87 29.81 -18.78
CA LEU A 90 26.49 30.49 -17.55
C LEU A 90 26.98 29.74 -16.32
N ASP A 91 26.75 28.42 -16.27
CA ASP A 91 27.12 27.64 -15.10
C ASP A 91 28.62 27.45 -14.96
N VAL A 92 29.37 27.63 -16.04
CA VAL A 92 30.82 27.60 -15.94
C VAL A 92 31.34 28.89 -15.32
N LEU A 93 30.86 30.03 -15.81
CA LEU A 93 31.32 31.30 -15.25
C LEU A 93 30.77 31.56 -13.86
N ALA A 94 29.74 30.85 -13.45
CA ALA A 94 29.23 30.96 -12.09
C ALA A 94 29.75 29.87 -11.18
N ALA A 95 30.69 29.05 -11.69
CA ALA A 95 31.34 27.96 -10.96
C ALA A 95 30.34 26.94 -10.43
N ARG A 96 29.39 26.54 -11.25
CA ARG A 96 28.36 25.60 -10.82
C ARG A 96 28.52 24.21 -11.42
N LYS A 97 29.46 24.02 -12.32
CA LYS A 97 29.68 22.72 -12.92
C LYS A 97 30.93 22.08 -12.34
N ASP A 98 31.25 20.91 -12.86
CA ASP A 98 32.47 20.21 -12.46
C ASP A 98 33.68 20.94 -13.03
N PRO A 99 34.67 21.31 -12.22
CA PRO A 99 35.90 21.89 -12.77
C PRO A 99 36.76 20.94 -13.58
N SER A 100 36.42 19.65 -13.63
CA SER A 100 37.19 18.71 -14.45
C SER A 100 36.96 18.98 -15.93
N GLY A 101 35.79 19.47 -16.31
CA GLY A 101 35.55 19.77 -17.70
C GLY A 101 36.20 21.08 -18.12
N LEU A 102 36.53 21.92 -17.15
CA LEU A 102 37.06 23.25 -17.44
C LEU A 102 38.46 23.16 -18.02
N SER A 103 38.71 23.99 -19.04
CA SER A 103 40.03 24.06 -19.67
C SER A 103 40.63 25.45 -19.59
N GLY A 104 39.85 26.49 -19.90
CA GLY A 104 40.37 27.84 -19.91
C GLY A 104 40.38 28.46 -18.52
N ASP A 105 40.66 29.77 -18.51
CA ASP A 105 40.74 30.54 -17.29
C ASP A 105 39.65 31.58 -17.22
N VAL A 106 39.21 31.90 -16.00
CA VAL A 106 38.17 32.89 -15.77
C VAL A 106 38.70 33.89 -14.75
N LEU A 107 38.93 35.12 -15.20
CA LEU A 107 39.70 36.11 -14.48
C LEU A 107 38.80 37.25 -14.06
N ILE A 108 39.08 37.85 -12.91
CA ILE A 108 38.35 39.01 -12.42
C ILE A 108 39.35 40.12 -12.19
N ASN A 109 39.29 41.17 -13.01
CA ASN A 109 40.08 42.41 -12.88
C ASN A 109 41.59 42.15 -12.88
N GLY A 110 42.04 41.09 -13.53
CA GLY A 110 43.41 40.67 -13.42
C GLY A 110 43.66 39.57 -12.40
N ALA A 111 42.66 39.22 -11.60
CA ALA A 111 42.84 38.21 -10.58
C ALA A 111 42.01 36.97 -10.89
N PRO A 112 42.60 35.78 -10.80
CA PRO A 112 41.84 34.55 -11.06
C PRO A 112 40.88 34.26 -9.91
N ARG A 113 39.97 33.33 -10.16
CA ARG A 113 38.87 33.08 -9.25
C ARG A 113 39.34 32.32 -8.02
N PRO A 114 39.09 32.82 -6.81
CA PRO A 114 39.41 32.06 -5.61
C PRO A 114 38.31 31.07 -5.28
N ALA A 115 38.46 30.39 -4.14
CA ALA A 115 37.35 29.62 -3.60
C ALA A 115 36.35 30.49 -2.86
N ASN A 116 36.67 31.77 -2.69
CA ASN A 116 35.75 32.76 -2.15
C ASN A 116 34.81 33.32 -3.23
N PHE A 117 34.85 32.75 -4.44
CA PHE A 117 34.05 33.25 -5.55
C PHE A 117 32.56 33.02 -5.33
N LYS A 118 32.20 31.87 -4.75
CA LYS A 118 30.80 31.58 -4.50
C LYS A 118 30.21 32.44 -3.40
N CYS A 119 30.96 32.67 -2.32
CA CYS A 119 30.46 33.51 -1.25
C CYS A 119 30.45 34.99 -1.61
N ASN A 120 31.12 35.39 -2.67
CA ASN A 120 31.16 36.78 -3.08
C ASN A 120 30.33 37.06 -4.32
N SER A 121 29.45 36.14 -4.71
CA SER A 121 28.65 36.31 -5.91
C SER A 121 27.33 35.59 -5.73
N GLY A 122 26.31 36.05 -6.45
CA GLY A 122 24.96 35.52 -6.31
C GLY A 122 24.52 34.82 -7.57
N TYR A 123 23.93 33.64 -7.38
CA TYR A 123 23.32 32.88 -8.46
C TYR A 123 21.84 32.68 -8.15
N VAL A 124 21.00 32.88 -9.15
CA VAL A 124 19.56 32.85 -8.95
C VAL A 124 18.97 31.77 -9.84
N VAL A 125 18.27 30.82 -9.23
CA VAL A 125 17.76 29.66 -9.93
C VAL A 125 16.61 30.08 -10.84
N GLN A 126 16.36 29.29 -11.88
CA GLN A 126 15.32 29.61 -12.85
C GLN A 126 13.94 29.64 -12.21
N ASP A 127 13.49 28.49 -11.74
CA ASP A 127 12.28 28.47 -10.94
C ASP A 127 12.58 29.02 -9.55
N ASP A 128 11.53 29.47 -8.87
CA ASP A 128 11.68 30.04 -7.55
C ASP A 128 12.04 28.95 -6.55
N VAL A 129 13.10 29.18 -5.78
CA VAL A 129 13.45 28.29 -4.69
C VAL A 129 13.02 28.87 -3.34
N VAL A 130 12.15 29.87 -3.37
CA VAL A 130 11.81 30.56 -2.13
C VAL A 130 10.87 29.71 -1.30
N MET A 131 10.87 29.95 0.00
CA MET A 131 9.94 29.29 0.91
C MET A 131 8.57 29.92 0.74
N GLY A 132 7.69 29.24 0.01
CA GLY A 132 6.38 29.78 -0.30
C GLY A 132 5.44 29.89 0.88
N THR A 133 5.78 29.25 2.00
CA THR A 133 5.02 29.40 3.23
C THR A 133 5.57 30.47 4.14
N LEU A 134 6.82 30.89 3.97
CA LEU A 134 7.35 32.00 4.73
C LEU A 134 7.04 33.31 4.02
N THR A 135 7.10 34.39 4.77
CA THR A 135 6.96 35.68 4.13
C THR A 135 8.31 36.18 3.69
N VAL A 136 8.30 37.29 2.93
CA VAL A 136 9.54 37.81 2.37
C VAL A 136 10.41 38.41 3.46
N ARG A 137 9.80 38.92 4.53
CA ARG A 137 10.55 39.35 5.70
C ARG A 137 11.26 38.19 6.37
N GLU A 138 10.61 37.03 6.43
CA GLU A 138 11.20 35.86 7.06
C GLU A 138 12.32 35.25 6.22
N ASN A 139 12.17 35.21 4.89
CA ASN A 139 13.22 34.63 4.07
C ASN A 139 14.47 35.48 4.05
N LEU A 140 14.32 36.78 3.99
CA LEU A 140 15.49 37.64 3.96
C LEU A 140 16.19 37.71 5.29
N GLN A 141 15.48 37.48 6.39
CA GLN A 141 16.18 37.27 7.66
C GLN A 141 16.92 35.94 7.68
N PHE A 142 16.32 34.90 7.09
CA PHE A 142 16.96 33.59 7.05
C PHE A 142 18.23 33.64 6.22
N SER A 143 18.20 34.35 5.10
CA SER A 143 19.40 34.48 4.28
C SER A 143 20.45 35.33 4.98
N ALA A 144 20.02 36.32 5.76
CA ALA A 144 20.97 37.19 6.44
C ALA A 144 21.65 36.49 7.60
N ALA A 145 20.96 35.58 8.27
CA ALA A 145 21.52 34.96 9.45
C ALA A 145 22.47 33.82 9.11
N LEU A 146 22.66 33.52 7.84
CA LEU A 146 23.55 32.43 7.45
C LEU A 146 24.69 32.87 6.55
N ARG A 147 24.57 34.01 5.89
CA ARG A 147 25.62 34.43 4.97
C ARG A 147 26.50 35.55 5.52
N LEU A 148 25.90 36.50 6.21
CA LEU A 148 26.69 37.60 6.72
C LEU A 148 27.44 37.18 7.98
N ALA A 149 28.40 38.00 8.38
CA ALA A 149 29.24 37.70 9.52
C ALA A 149 28.45 37.82 10.82
N THR A 150 28.90 37.08 11.84
CA THR A 150 28.21 37.03 13.11
C THR A 150 28.45 38.26 13.98
N THR A 151 29.40 39.12 13.60
CA THR A 151 29.70 40.30 14.39
C THR A 151 28.60 41.35 14.24
N MET A 152 27.83 41.28 13.16
CA MET A 152 26.81 42.28 12.86
C MET A 152 25.65 42.21 13.83
N THR A 153 25.14 43.38 14.21
CA THR A 153 23.99 43.48 15.09
C THR A 153 22.73 43.21 14.29
N ASN A 154 21.69 42.70 14.97
CA ASN A 154 20.37 42.58 14.36
C ASN A 154 19.86 43.94 13.91
N HIS A 155 20.17 45.01 14.65
CA HIS A 155 19.85 46.36 14.20
C HIS A 155 20.64 46.75 12.96
N GLU A 156 21.86 46.23 12.83
CA GLU A 156 22.56 46.36 11.56
C GLU A 156 21.93 45.45 10.50
N LYS A 157 21.55 44.24 10.91
CA LYS A 157 21.03 43.26 9.97
C LYS A 157 19.66 43.63 9.43
N ASN A 158 18.80 44.22 10.26
CA ASN A 158 17.48 44.64 9.81
C ASN A 158 17.54 45.75 8.78
N GLU A 159 18.44 46.71 8.97
CA GLU A 159 18.56 47.83 8.04
C GLU A 159 19.09 47.38 6.68
N ARG A 160 20.00 46.41 6.67
CA ARG A 160 20.47 45.83 5.42
C ARG A 160 19.35 45.12 4.68
N ILE A 161 18.43 44.51 5.42
CA ILE A 161 17.24 43.96 4.81
C ILE A 161 16.34 45.08 4.30
N ASN A 162 16.16 46.12 5.12
CA ASN A 162 15.22 47.19 4.80
C ASN A 162 15.63 48.01 3.58
N ARG A 163 16.93 48.12 3.33
CA ARG A 163 17.38 48.81 2.12
C ARG A 163 17.08 47.98 0.89
N VAL A 164 17.22 46.66 0.99
CA VAL A 164 17.03 45.79 -0.16
C VAL A 164 15.57 45.70 -0.56
N ILE A 165 14.70 45.48 0.42
CA ILE A 165 13.29 45.30 0.14
C ILE A 165 12.65 46.59 -0.34
N GLN A 166 13.21 47.75 0.04
CA GLN A 166 12.80 49.01 -0.54
C GLN A 166 13.38 49.19 -1.93
N GLU A 167 14.60 48.66 -2.16
CA GLU A 167 15.20 48.72 -3.49
C GLU A 167 14.44 47.83 -4.46
N LEU A 168 13.86 46.75 -3.96
CA LEU A 168 13.03 45.90 -4.80
C LEU A 168 11.60 46.40 -4.90
N GLY A 169 11.24 47.43 -4.15
CA GLY A 169 9.90 47.94 -4.17
C GLY A 169 8.88 47.01 -3.54
N LEU A 170 9.27 46.29 -2.49
CA LEU A 170 8.41 45.25 -1.92
C LEU A 170 7.92 45.61 -0.52
N ASP A 171 7.70 46.90 -0.24
CA ASP A 171 7.23 47.28 1.08
C ASP A 171 5.74 46.98 1.23
N LYS A 172 4.99 46.99 0.14
CA LYS A 172 3.57 46.69 0.21
C LYS A 172 3.30 45.21 0.45
N VAL A 173 4.23 44.33 0.10
CA VAL A 173 4.08 42.91 0.34
C VAL A 173 5.08 42.41 1.38
N ALA A 174 5.60 43.34 2.19
CA ALA A 174 6.77 43.09 3.04
C ALA A 174 6.50 42.08 4.15
N ASP A 175 5.24 41.82 4.49
CA ASP A 175 4.92 40.83 5.51
C ASP A 175 3.84 39.88 5.02
N SER A 176 3.57 39.89 3.72
CA SER A 176 2.63 38.97 3.11
C SER A 176 3.32 37.65 2.81
N LYS A 177 2.60 36.55 2.97
CA LYS A 177 3.16 35.25 2.64
C LYS A 177 3.36 35.13 1.14
N VAL A 178 4.38 34.37 0.75
CA VAL A 178 4.77 34.30 -0.65
C VAL A 178 3.73 33.56 -1.47
N GLY A 179 3.40 32.33 -1.09
CA GLY A 179 2.36 31.61 -1.79
C GLY A 179 2.62 30.13 -1.88
N THR A 180 1.60 29.33 -1.53
CA THR A 180 1.72 27.89 -1.64
C THR A 180 0.49 27.40 -2.39
N GLN A 181 0.32 26.09 -2.55
CA GLN A 181 -0.91 25.55 -3.13
C GLN A 181 -2.10 25.78 -2.22
N PHE A 182 -1.87 25.81 -0.92
CA PHE A 182 -2.95 25.89 0.06
C PHE A 182 -3.10 27.27 0.69
N ILE A 183 -2.25 28.22 0.31
CA ILE A 183 -2.34 29.59 0.82
C ILE A 183 -2.31 30.54 -0.35
N ARG A 184 -3.27 31.46 -0.41
CA ARG A 184 -3.21 32.53 -1.40
C ARG A 184 -2.10 33.50 -1.04
N GLY A 185 -1.17 33.69 -1.96
CA GLY A 185 0.01 34.50 -1.67
C GLY A 185 0.28 35.59 -2.68
N VAL A 186 1.50 36.14 -2.63
CA VAL A 186 1.91 37.20 -3.54
C VAL A 186 2.09 36.61 -4.94
N SER A 187 1.76 37.39 -5.96
CA SER A 187 1.80 36.95 -7.35
C SER A 187 3.22 36.62 -7.80
N GLY A 188 3.29 35.93 -8.94
CA GLY A 188 4.56 35.47 -9.47
C GLY A 188 5.50 36.57 -9.92
N GLY A 189 4.98 37.77 -10.13
CA GLY A 189 5.82 38.89 -10.51
C GLY A 189 6.75 39.38 -9.41
N GLU A 190 6.48 39.00 -8.17
CA GLU A 190 7.30 39.45 -7.05
C GLU A 190 7.92 38.31 -6.27
N ARG A 191 7.54 37.06 -6.57
CA ARG A 191 8.38 35.94 -6.16
C ARG A 191 9.76 36.05 -6.76
N LYS A 192 9.83 36.46 -8.02
CA LYS A 192 11.11 36.67 -8.67
C LYS A 192 11.84 37.84 -8.05
N ARG A 193 11.12 38.88 -7.62
CA ARG A 193 11.74 39.97 -6.90
C ARG A 193 12.28 39.52 -5.56
N THR A 194 11.63 38.53 -4.94
CA THR A 194 12.11 38.02 -3.66
C THR A 194 13.41 37.26 -3.84
N SER A 195 13.48 36.41 -4.87
CA SER A 195 14.63 35.54 -5.03
C SER A 195 15.89 36.29 -5.40
N ILE A 196 15.78 37.39 -6.13
CA ILE A 196 16.95 38.20 -6.45
C ILE A 196 17.48 38.86 -5.19
N GLY A 197 16.59 39.33 -4.32
CA GLY A 197 17.01 39.95 -3.09
C GLY A 197 17.65 38.99 -2.11
N MET A 198 17.35 37.70 -2.23
CA MET A 198 18.04 36.70 -1.44
C MET A 198 19.52 36.62 -1.78
N GLU A 199 19.89 37.01 -2.99
CA GLU A 199 21.30 37.09 -3.37
C GLU A 199 21.83 38.51 -3.39
N LEU A 200 21.02 39.49 -3.00
CA LEU A 200 21.51 40.84 -2.80
C LEU A 200 21.93 41.11 -1.37
N ILE A 201 22.03 40.06 -0.56
CA ILE A 201 22.29 40.27 0.85
C ILE A 201 23.75 40.64 1.08
N THR A 202 24.66 39.93 0.44
CA THR A 202 26.08 40.20 0.61
C THR A 202 26.56 41.40 -0.17
N ASP A 203 25.66 42.04 -0.94
CA ASP A 203 25.92 43.11 -1.90
C ASP A 203 27.07 42.74 -2.82
N PRO A 204 26.92 41.70 -3.64
CA PRO A 204 28.07 41.20 -4.40
C PRO A 204 28.35 42.09 -5.58
N SER A 205 29.55 41.94 -6.13
CA SER A 205 29.88 42.64 -7.36
C SER A 205 29.26 41.98 -8.58
N ILE A 206 28.99 40.67 -8.51
CA ILE A 206 28.62 39.88 -9.67
C ILE A 206 27.32 39.15 -9.36
N LEU A 207 26.33 39.31 -10.23
CA LEU A 207 25.07 38.58 -10.12
C LEU A 207 24.93 37.64 -11.29
N PHE A 208 24.35 36.47 -11.02
CA PHE A 208 24.04 35.49 -12.06
C PHE A 208 22.55 35.18 -12.01
N LEU A 209 21.84 35.54 -13.05
CA LEU A 209 20.44 35.17 -13.20
C LEU A 209 20.33 34.04 -14.20
N ASP A 210 19.37 33.17 -14.00
CA ASP A 210 19.06 32.10 -14.95
C ASP A 210 17.61 32.25 -15.35
N GLU A 211 17.38 32.67 -16.60
CA GLU A 211 16.08 32.86 -17.23
C GLU A 211 15.14 33.70 -16.37
N PRO A 212 15.39 35.00 -16.20
CA PRO A 212 14.54 35.79 -15.32
C PRO A 212 13.18 36.10 -15.90
N THR A 213 12.96 35.85 -17.19
CA THR A 213 11.69 36.15 -17.81
C THR A 213 10.89 34.92 -18.19
N THR A 214 11.47 33.73 -18.14
CA THR A 214 10.73 32.53 -18.47
C THR A 214 9.79 32.18 -17.33
N GLY A 215 8.49 32.18 -17.62
CA GLY A 215 7.48 31.88 -16.63
C GLY A 215 6.59 33.06 -16.26
N LEU A 216 6.98 34.27 -16.64
CA LEU A 216 6.22 35.46 -16.32
C LEU A 216 5.44 35.93 -17.54
N ASP A 217 4.58 36.92 -17.32
CA ASP A 217 3.89 37.56 -18.42
C ASP A 217 4.81 38.58 -19.08
N SER A 218 4.40 39.03 -20.27
CA SER A 218 5.19 40.01 -21.00
C SER A 218 5.14 41.38 -20.32
N SER A 219 3.97 41.73 -19.78
CA SER A 219 3.89 42.94 -18.98
C SER A 219 4.60 42.78 -17.65
N THR A 220 4.72 41.54 -17.17
CA THR A 220 5.44 41.29 -15.95
C THR A 220 6.94 41.40 -16.16
N ALA A 221 7.43 40.88 -17.29
CA ALA A 221 8.86 40.76 -17.52
C ALA A 221 9.57 42.08 -17.70
N ASN A 222 8.90 43.07 -18.29
CA ASN A 222 9.49 44.39 -18.41
C ASN A 222 9.66 45.06 -17.06
N ALA A 223 8.78 44.74 -16.11
CA ALA A 223 8.91 45.30 -14.77
C ALA A 223 10.10 44.72 -14.03
N VAL A 224 10.48 43.49 -14.35
CA VAL A 224 11.65 42.89 -13.72
C VAL A 224 12.91 43.51 -14.27
N LEU A 225 13.00 43.66 -15.59
CA LEU A 225 14.24 44.06 -16.23
C LEU A 225 14.52 45.54 -16.04
N LEU A 226 13.48 46.38 -16.03
CA LEU A 226 13.65 47.79 -15.68
C LEU A 226 14.16 47.96 -14.27
N LEU A 227 13.82 47.05 -13.37
CA LEU A 227 14.44 47.06 -12.05
C LEU A 227 15.89 46.64 -12.13
N LEU A 228 16.21 45.74 -13.04
CA LEU A 228 17.59 45.26 -13.16
C LEU A 228 18.50 46.30 -13.78
N LYS A 229 18.02 47.04 -14.78
CA LYS A 229 18.87 48.06 -15.40
C LYS A 229 19.15 49.19 -14.43
N ARG A 230 18.23 49.45 -13.50
CA ARG A 230 18.50 50.39 -12.42
C ARG A 230 19.55 49.84 -11.46
N MET A 231 19.66 48.52 -11.35
CA MET A 231 20.74 47.95 -10.56
C MET A 231 22.06 48.03 -11.31
N SER A 232 21.99 48.01 -12.65
CA SER A 232 23.19 47.99 -13.47
C SER A 232 23.95 49.32 -13.43
N LYS A 233 23.25 50.43 -13.22
CA LYS A 233 23.92 51.71 -13.11
C LYS A 233 24.56 51.92 -11.75
N GLN A 234 24.24 51.07 -10.77
CA GLN A 234 24.83 51.19 -9.44
C GLN A 234 26.19 50.51 -9.32
N GLY A 235 26.58 49.70 -10.30
CA GLY A 235 27.86 49.04 -10.29
C GLY A 235 27.83 47.55 -10.04
N ARG A 236 26.66 46.93 -10.06
CA ARG A 236 26.53 45.49 -9.91
C ARG A 236 26.41 44.87 -11.30
N THR A 237 27.30 43.94 -11.61
CA THR A 237 27.34 43.32 -12.93
C THR A 237 26.28 42.23 -12.98
N ILE A 238 25.52 42.19 -14.07
CA ILE A 238 24.38 41.29 -14.19
C ILE A 238 24.59 40.39 -15.39
N ILE A 239 24.57 39.09 -15.15
CA ILE A 239 24.83 38.08 -16.17
C ILE A 239 23.64 37.14 -16.18
N PHE A 240 22.95 37.06 -17.32
CA PHE A 240 21.74 36.26 -17.44
C PHE A 240 21.65 35.62 -18.81
N SER A 241 20.50 35.00 -19.06
CA SER A 241 20.23 34.29 -20.31
C SER A 241 18.73 34.29 -20.52
N ILE A 242 18.26 34.88 -21.62
CA ILE A 242 16.82 34.97 -21.88
C ILE A 242 16.45 34.06 -23.03
N HIS A 243 15.41 33.26 -22.82
CA HIS A 243 14.76 32.55 -23.93
C HIS A 243 13.80 33.48 -24.65
N GLN A 244 14.09 33.75 -25.94
CA GLN A 244 13.36 34.55 -26.93
C GLN A 244 12.80 35.87 -26.39
N PRO A 245 13.65 36.88 -26.21
CA PRO A 245 13.17 38.18 -25.74
C PRO A 245 12.37 38.97 -26.78
N ARG A 246 11.99 40.18 -26.41
CA ARG A 246 11.24 41.09 -27.26
C ARG A 246 12.15 42.30 -27.55
N TYR A 247 11.78 43.10 -28.56
CA TYR A 247 12.57 44.29 -28.86
C TYR A 247 12.50 45.31 -27.74
N SER A 248 11.38 45.34 -27.01
CA SER A 248 11.30 46.19 -25.83
C SER A 248 12.24 45.70 -24.74
N ILE A 249 12.48 44.39 -24.69
CA ILE A 249 13.52 43.86 -23.82
C ILE A 249 14.90 44.20 -24.38
N PHE A 250 15.10 43.92 -25.67
CA PHE A 250 16.41 43.95 -26.28
C PHE A 250 16.96 45.36 -26.42
N LYS A 251 16.12 46.38 -26.34
CA LYS A 251 16.62 47.75 -26.42
C LYS A 251 17.35 48.19 -25.17
N LEU A 252 17.34 47.39 -24.11
CA LEU A 252 17.87 47.79 -22.82
C LEU A 252 19.22 47.17 -22.49
N PHE A 253 19.69 46.21 -23.29
CA PHE A 253 20.90 45.49 -22.93
C PHE A 253 22.13 46.36 -23.15
N ASP A 254 23.23 45.97 -22.52
CA ASP A 254 24.49 46.65 -22.70
C ASP A 254 25.57 45.81 -23.36
N SER A 255 25.43 44.48 -23.35
CA SER A 255 26.38 43.63 -24.04
C SER A 255 25.69 42.32 -24.38
N LEU A 256 26.06 41.77 -25.52
CA LEU A 256 25.37 40.61 -26.06
C LEU A 256 26.37 39.50 -26.38
N THR A 257 26.00 38.26 -26.05
CA THR A 257 26.75 37.08 -26.48
C THR A 257 25.76 36.07 -27.05
N LEU A 258 25.94 35.75 -28.32
CA LEU A 258 25.04 34.85 -29.03
C LEU A 258 25.68 33.47 -29.17
N LEU A 259 25.10 32.48 -28.49
CA LEU A 259 25.65 31.14 -28.49
C LEU A 259 24.68 30.17 -29.13
N ALA A 260 25.23 29.20 -29.86
CA ALA A 260 24.44 28.10 -30.40
C ALA A 260 25.34 26.91 -30.66
N SER A 261 24.92 25.75 -30.13
CA SER A 261 25.51 24.43 -30.40
C SER A 261 26.99 24.37 -30.06
N GLY A 262 27.37 25.07 -28.99
CA GLY A 262 28.75 25.03 -28.55
C GLY A 262 29.71 25.85 -29.37
N ARG A 263 29.25 26.95 -29.95
CA ARG A 263 30.11 27.84 -30.71
C ARG A 263 29.76 29.28 -30.41
N LEU A 264 30.78 30.09 -30.13
CA LEU A 264 30.59 31.53 -29.97
C LEU A 264 30.28 32.15 -31.32
N MET A 265 29.13 32.83 -31.41
CA MET A 265 28.71 33.40 -32.67
C MET A 265 28.67 34.92 -32.68
N PHE A 266 28.51 35.56 -31.52
CA PHE A 266 28.67 37.00 -31.45
C PHE A 266 29.09 37.36 -30.03
N HIS A 267 29.89 38.42 -29.92
CA HIS A 267 30.17 39.05 -28.64
C HIS A 267 30.44 40.52 -28.87
N GLY A 268 29.76 41.37 -28.12
CA GLY A 268 29.92 42.80 -28.25
C GLY A 268 28.71 43.55 -27.74
N PRO A 269 28.62 44.84 -28.07
CA PRO A 269 27.42 45.60 -27.72
C PRO A 269 26.23 45.12 -28.54
N ALA A 270 25.06 45.07 -27.88
CA ALA A 270 23.87 44.53 -28.52
C ALA A 270 23.31 45.43 -29.61
N GLN A 271 23.59 46.73 -29.55
CA GLN A 271 23.17 47.62 -30.63
C GLN A 271 23.91 47.31 -31.92
N GLU A 272 25.19 46.97 -31.84
CA GLU A 272 25.98 46.62 -33.00
C GLU A 272 25.87 45.15 -33.39
N ALA A 273 24.86 44.45 -32.87
CA ALA A 273 24.65 43.07 -33.30
C ALA A 273 23.75 42.99 -34.53
N LEU A 274 22.82 43.93 -34.67
CA LEU A 274 21.97 43.96 -35.85
C LEU A 274 22.75 44.43 -37.06
N GLY A 275 23.52 45.51 -36.90
CA GLY A 275 24.32 46.02 -37.99
C GLY A 275 25.46 45.11 -38.40
N TYR A 276 25.92 44.24 -37.50
CA TYR A 276 26.91 43.27 -37.89
C TYR A 276 26.33 42.24 -38.84
N PHE A 277 25.12 41.78 -38.58
CA PHE A 277 24.49 40.80 -39.45
C PHE A 277 23.96 41.42 -40.73
N GLU A 278 23.74 42.74 -40.74
CA GLU A 278 23.54 43.44 -42.01
C GLU A 278 24.81 43.38 -42.85
N SER A 279 25.96 43.61 -42.22
CA SER A 279 27.24 43.51 -42.91
C SER A 279 27.71 42.08 -43.08
N ALA A 280 27.05 41.11 -42.47
CA ALA A 280 27.41 39.72 -42.67
C ALA A 280 26.87 39.17 -43.98
N GLY A 281 25.87 39.80 -44.57
CA GLY A 281 25.35 39.35 -45.83
C GLY A 281 23.86 39.04 -45.80
N TYR A 282 23.17 39.54 -44.78
CA TYR A 282 21.74 39.31 -44.61
C TYR A 282 20.99 40.64 -44.62
N HIS A 283 19.67 40.54 -44.55
CA HIS A 283 18.83 41.73 -44.46
C HIS A 283 17.73 41.48 -43.44
N CYS A 284 17.51 42.48 -42.57
CA CYS A 284 16.40 42.47 -41.64
C CYS A 284 15.28 43.33 -42.20
N GLU A 285 14.13 42.72 -42.43
CA GLU A 285 12.98 43.42 -43.00
C GLU A 285 12.38 44.39 -41.99
N ALA A 286 11.44 45.20 -42.47
CA ALA A 286 10.71 46.11 -41.61
C ALA A 286 9.79 45.34 -40.67
N TYR A 287 9.60 45.90 -39.48
CA TYR A 287 8.73 45.37 -38.43
C TYR A 287 9.13 43.95 -38.01
N ASN A 288 10.39 43.77 -37.59
CA ASN A 288 10.90 42.47 -37.18
C ASN A 288 11.68 42.63 -35.87
N ASN A 289 11.48 41.69 -34.96
CA ASN A 289 12.26 41.65 -33.73
C ASN A 289 13.67 41.20 -34.06
N PRO A 290 14.70 41.98 -33.70
CA PRO A 290 16.08 41.53 -34.00
C PRO A 290 16.49 40.29 -33.25
N ALA A 291 15.96 40.07 -32.05
CA ALA A 291 16.27 38.86 -31.32
C ALA A 291 15.64 37.64 -31.97
N ASP A 292 14.46 37.79 -32.55
CA ASP A 292 13.94 36.76 -33.44
C ASP A 292 14.75 36.66 -34.71
N PHE A 293 15.27 37.79 -35.20
CA PHE A 293 16.07 37.79 -36.40
C PHE A 293 17.41 37.13 -36.17
N PHE A 294 17.91 37.15 -34.93
CA PHE A 294 19.17 36.50 -34.62
C PHE A 294 19.03 34.99 -34.65
N LEU A 295 17.93 34.46 -34.11
CA LEU A 295 17.67 33.03 -34.22
C LEU A 295 17.10 32.64 -35.56
N ASP A 296 16.70 33.61 -36.39
CA ASP A 296 16.30 33.28 -37.75
C ASP A 296 17.49 32.83 -38.57
N ILE A 297 18.65 33.43 -38.31
CA ILE A 297 19.87 33.10 -39.06
C ILE A 297 20.38 31.73 -38.64
N ILE A 298 20.05 31.30 -37.42
CA ILE A 298 20.49 29.99 -36.92
C ILE A 298 19.82 28.87 -37.69
N ASN A 299 18.54 29.01 -38.00
CA ASN A 299 17.79 27.92 -38.58
C ASN A 299 17.68 28.00 -40.10
N GLY A 300 18.28 29.01 -40.72
CA GLY A 300 18.30 29.06 -42.16
C GLY A 300 17.18 29.87 -42.78
N ASP A 301 17.03 31.11 -42.32
CA ASP A 301 16.08 32.12 -42.83
C ASP A 301 14.63 31.64 -42.81
N LEU A 328 25.98 24.89 -41.80
CA LEU A 328 25.51 26.26 -41.70
C LEU A 328 26.05 26.90 -40.43
N ILE A 329 26.22 26.08 -39.39
CA ILE A 329 26.72 26.59 -38.12
C ILE A 329 28.20 26.95 -38.22
N GLU A 330 29.01 26.03 -38.73
CA GLU A 330 30.44 26.29 -38.90
C GLU A 330 30.70 27.37 -39.95
N LYS A 331 29.79 27.54 -40.91
CA LYS A 331 29.91 28.62 -41.88
C LYS A 331 29.76 29.98 -41.24
N LEU A 332 28.79 30.13 -40.34
CA LEU A 332 28.55 31.40 -39.69
C LEU A 332 29.58 31.74 -38.62
N ALA A 333 30.17 30.72 -38.00
CA ALA A 333 31.16 30.98 -36.96
C ALA A 333 32.45 31.53 -37.55
N GLU A 334 32.84 31.06 -38.74
CA GLU A 334 34.06 31.52 -39.37
C GLU A 334 33.96 32.95 -39.86
N ILE A 335 32.75 33.43 -40.16
CA ILE A 335 32.55 34.83 -40.45
C ILE A 335 32.83 35.66 -39.20
N TYR A 336 32.48 35.13 -38.03
CA TYR A 336 32.77 35.83 -36.79
C TYR A 336 34.27 35.77 -36.46
N VAL A 337 34.99 34.78 -37.00
CA VAL A 337 36.43 34.71 -36.77
C VAL A 337 37.14 35.88 -37.44
N ASN A 338 36.65 36.30 -38.62
CA ASN A 338 37.26 37.39 -39.37
C ASN A 338 36.64 38.74 -39.03
N SER A 339 36.14 38.92 -37.82
CA SER A 339 35.45 40.13 -37.44
C SER A 339 36.39 41.15 -36.83
N SER A 340 36.04 42.42 -36.99
CA SER A 340 36.65 43.49 -36.24
C SER A 340 36.15 43.55 -34.80
N PHE A 341 35.05 42.88 -34.49
CA PHE A 341 34.61 42.69 -33.12
C PHE A 341 35.33 41.55 -32.43
N TYR A 342 35.80 40.57 -33.21
CA TYR A 342 36.53 39.45 -32.64
C TYR A 342 37.94 39.84 -32.23
N LYS A 343 38.62 40.63 -33.07
CA LYS A 343 39.98 41.05 -32.78
C LYS A 343 40.03 42.02 -31.62
N GLU A 344 39.02 42.89 -31.50
CA GLU A 344 38.95 43.81 -30.37
C GLU A 344 38.76 43.06 -29.06
N THR A 345 38.03 41.95 -29.10
CA THR A 345 38.02 41.02 -27.97
C THR A 345 39.38 40.39 -27.79
N LYS A 346 40.02 40.02 -28.91
CA LYS A 346 41.28 39.29 -28.85
C LYS A 346 42.42 40.17 -28.33
N ALA A 347 42.47 41.43 -28.76
CA ALA A 347 43.50 42.35 -28.29
C ALA A 347 43.24 42.82 -26.87
N GLU A 348 42.05 42.60 -26.33
CA GLU A 348 41.72 42.97 -24.96
C GLU A 348 42.05 41.88 -23.96
N LEU A 349 41.85 40.60 -24.33
CA LEU A 349 42.08 39.52 -23.40
C LEU A 349 43.55 39.27 -23.17
N HIS A 350 44.42 39.69 -24.09
CA HIS A 350 45.85 39.63 -23.84
C HIS A 350 46.38 40.88 -23.17
N GLN A 351 45.59 41.95 -23.12
CA GLN A 351 45.97 43.13 -22.36
C GLN A 351 45.92 42.84 -20.87
N LEU A 352 45.00 41.95 -20.45
CA LEU A 352 44.87 41.63 -19.04
C LEU A 352 45.68 40.40 -18.65
N SER A 353 45.79 39.43 -19.56
CA SER A 353 46.48 38.18 -19.25
C SER A 353 47.98 38.41 -19.13
N GLY A 354 48.53 39.22 -20.02
CA GLY A 354 49.96 39.52 -19.99
C GLY A 354 50.25 40.94 -19.55
N TYR A 369 33.69 27.02 8.64
CA TYR A 369 33.33 27.96 7.60
C TYR A 369 33.25 29.36 8.17
N THR A 370 32.34 30.17 7.62
CA THR A 370 32.15 31.51 8.14
C THR A 370 31.41 31.48 9.48
N THR A 371 30.44 30.58 9.62
CA THR A 371 29.58 30.52 10.79
C THR A 371 29.79 29.20 11.50
N SER A 372 29.67 29.20 12.82
CA SER A 372 29.87 28.00 13.61
C SER A 372 28.70 27.05 13.45
N PHE A 373 28.80 25.90 14.13
CA PHE A 373 27.88 24.80 13.87
C PHE A 373 26.52 25.05 14.49
N CYS A 374 26.48 25.29 15.81
CA CYS A 374 25.23 25.36 16.53
C CYS A 374 24.38 26.55 16.10
N HIS A 375 25.00 27.59 15.56
CA HIS A 375 24.22 28.69 15.03
C HIS A 375 23.49 28.27 13.76
N GLN A 376 24.09 27.39 12.96
CA GLN A 376 23.45 26.94 11.74
C GLN A 376 22.29 26.03 12.04
N LEU A 377 22.38 25.22 13.09
CA LEU A 377 21.29 24.32 13.40
C LEU A 377 20.11 25.06 14.02
N ARG A 378 20.36 26.22 14.59
CA ARG A 378 19.28 26.99 15.20
C ARG A 378 18.34 27.54 14.13
N TRP A 379 18.89 28.21 13.12
CA TRP A 379 18.04 28.85 12.14
C TRP A 379 17.44 27.87 11.16
N VAL A 380 18.10 26.75 10.89
CA VAL A 380 17.55 25.79 9.94
C VAL A 380 16.34 25.08 10.54
N SER A 381 16.47 24.62 11.78
CA SER A 381 15.33 24.03 12.46
C SER A 381 14.22 25.03 12.71
N LYS A 382 14.55 26.31 12.84
CA LYS A 382 13.54 27.35 12.90
C LYS A 382 12.78 27.47 11.59
N ARG A 383 13.48 27.34 10.47
CA ARG A 383 12.83 27.53 9.19
C ARG A 383 11.87 26.40 8.87
N SER A 384 12.32 25.16 9.02
CA SER A 384 11.48 24.04 8.64
C SER A 384 10.33 23.83 9.62
N PHE A 385 10.41 24.37 10.82
CA PHE A 385 9.31 24.25 11.75
C PHE A 385 8.17 25.17 11.39
N LYS A 386 8.48 26.40 10.96
CA LYS A 386 7.43 27.28 10.45
C LYS A 386 6.87 26.77 9.14
N ASN A 387 7.70 26.06 8.36
CA ASN A 387 7.18 25.35 7.19
C ASN A 387 6.22 24.26 7.62
N LEU A 388 6.50 23.61 8.75
CA LEU A 388 5.60 22.58 9.23
C LEU A 388 4.31 23.17 9.77
N LEU A 389 4.38 24.31 10.44
CA LEU A 389 3.16 24.97 10.88
C LEU A 389 2.45 25.65 9.72
N GLY A 390 3.21 26.21 8.78
CA GLY A 390 2.63 26.98 7.72
C GLY A 390 1.90 26.16 6.67
N ASN A 391 2.14 24.85 6.64
CA ASN A 391 1.39 23.94 5.79
C ASN A 391 0.65 22.98 6.73
N PRO A 392 -0.53 23.37 7.21
CA PRO A 392 -1.23 22.50 8.17
C PRO A 392 -1.79 21.25 7.53
N GLN A 393 -2.29 21.35 6.29
CA GLN A 393 -3.00 20.27 5.63
C GLN A 393 -2.12 19.08 5.28
N ALA A 394 -0.81 19.19 5.43
CA ALA A 394 0.07 18.03 5.32
C ALA A 394 0.48 17.51 6.69
N SER A 395 0.19 18.25 7.76
CA SER A 395 0.57 17.85 9.11
C SER A 395 -0.62 17.66 10.03
N ILE A 396 -1.67 18.47 9.89
CA ILE A 396 -2.89 18.23 10.63
C ILE A 396 -3.55 16.96 10.13
N ALA A 397 -3.45 16.68 8.82
CA ALA A 397 -4.08 15.52 8.22
C ALA A 397 -3.55 14.20 8.77
N GLN A 398 -2.27 14.11 9.05
CA GLN A 398 -1.74 12.92 9.67
C GLN A 398 -2.19 12.78 11.13
N ILE A 399 -2.54 13.87 11.79
CA ILE A 399 -3.10 13.77 13.12
C ILE A 399 -4.54 13.28 13.06
N ILE A 400 -5.34 13.81 12.12
CA ILE A 400 -6.75 13.47 12.02
C ILE A 400 -6.94 12.02 11.60
N VAL A 401 -6.11 11.55 10.66
CA VAL A 401 -6.12 10.14 10.27
C VAL A 401 -5.73 9.26 11.44
N THR A 402 -4.80 9.71 12.27
CA THR A 402 -4.37 8.93 13.41
C THR A 402 -5.48 8.82 14.46
N VAL A 403 -6.25 9.90 14.66
CA VAL A 403 -7.31 9.86 15.65
C VAL A 403 -8.47 9.00 15.17
N VAL A 404 -8.87 9.17 13.91
CA VAL A 404 -10.00 8.44 13.36
C VAL A 404 -9.68 6.96 13.26
N LEU A 405 -8.52 6.62 12.71
CA LEU A 405 -8.13 5.22 12.68
C LEU A 405 -7.76 4.72 14.06
N GLY A 406 -7.47 5.63 14.99
CA GLY A 406 -7.38 5.24 16.38
C GLY A 406 -8.71 4.82 16.96
N LEU A 407 -9.77 5.56 16.66
CA LEU A 407 -11.07 5.23 17.23
C LEU A 407 -11.72 4.02 16.61
N VAL A 408 -11.48 3.78 15.32
CA VAL A 408 -12.12 2.66 14.64
C VAL A 408 -11.56 1.33 15.14
N ILE A 409 -10.23 1.26 15.29
CA ILE A 409 -9.61 0.09 15.91
C ILE A 409 -10.04 0.00 17.36
N GLY A 410 -10.24 1.14 18.02
CA GLY A 410 -10.85 1.13 19.33
C GLY A 410 -12.27 0.65 19.34
N ALA A 411 -12.99 0.83 18.24
CA ALA A 411 -14.39 0.42 18.21
C ALA A 411 -14.56 -1.04 17.83
N ILE A 412 -13.79 -1.50 16.84
CA ILE A 412 -13.90 -2.88 16.38
C ILE A 412 -13.49 -3.84 17.48
N TYR A 413 -12.32 -3.61 18.06
CA TYR A 413 -11.71 -4.55 18.99
C TYR A 413 -12.08 -4.26 20.43
N PHE A 414 -13.31 -3.78 20.68
CA PHE A 414 -13.68 -3.39 22.03
C PHE A 414 -13.69 -4.62 22.94
N GLY A 415 -13.50 -4.37 24.24
CA GLY A 415 -12.66 -5.15 25.14
C GLY A 415 -12.50 -6.63 24.93
N LEU A 416 -11.25 -7.03 24.80
CA LEU A 416 -10.91 -8.35 24.29
C LEU A 416 -11.20 -9.43 25.33
N LYS A 417 -11.59 -10.59 24.86
CA LYS A 417 -12.01 -11.65 25.74
C LYS A 417 -10.92 -12.70 25.88
N ASN A 418 -10.71 -13.17 27.09
CA ASN A 418 -9.78 -14.26 27.34
C ASN A 418 -10.46 -15.60 27.10
N ASP A 419 -10.74 -15.86 25.82
CA ASP A 419 -11.33 -17.11 25.40
C ASP A 419 -10.50 -17.61 24.21
N SER A 420 -11.04 -18.62 23.51
CA SER A 420 -10.32 -19.23 22.39
C SER A 420 -10.08 -18.25 21.26
N THR A 421 -10.95 -17.26 21.12
CA THR A 421 -10.81 -16.28 20.07
C THR A 421 -9.93 -15.11 20.48
N GLY A 422 -9.43 -15.11 21.72
CA GLY A 422 -8.64 -13.98 22.18
C GLY A 422 -7.28 -13.88 21.54
N ILE A 423 -6.66 -15.01 21.22
CA ILE A 423 -5.36 -15.03 20.58
C ILE A 423 -5.44 -14.45 19.18
N GLN A 424 -6.52 -14.72 18.47
CA GLN A 424 -6.68 -14.20 17.12
C GLN A 424 -6.88 -12.70 17.14
N ASN A 425 -7.59 -12.18 18.14
CA ASN A 425 -7.81 -10.74 18.20
C ASN A 425 -6.57 -9.97 18.62
N ARG A 426 -5.92 -10.39 19.71
CA ARG A 426 -4.79 -9.64 20.26
C ARG A 426 -3.64 -9.62 19.29
N ALA A 427 -3.30 -10.76 18.70
CA ALA A 427 -2.26 -10.79 17.69
C ALA A 427 -2.70 -10.13 16.39
N GLY A 428 -3.98 -9.86 16.23
CA GLY A 428 -4.41 -9.13 15.07
C GLY A 428 -4.07 -7.67 15.20
N VAL A 429 -4.52 -7.03 16.28
CA VAL A 429 -4.42 -5.59 16.39
C VAL A 429 -2.97 -5.14 16.54
N LEU A 430 -2.15 -5.92 17.23
CA LEU A 430 -0.73 -5.64 17.33
C LEU A 430 -0.02 -5.76 16.00
N PHE A 431 -0.53 -6.58 15.11
CA PHE A 431 -0.01 -6.58 13.75
C PHE A 431 -0.51 -5.38 12.97
N PHE A 432 -1.65 -4.85 13.34
CA PHE A 432 -2.13 -3.69 12.59
C PHE A 432 -1.47 -2.42 13.07
N LEU A 433 -1.08 -2.36 14.35
CA LEU A 433 -0.48 -1.13 14.87
C LEU A 433 0.96 -0.99 14.44
N THR A 434 1.71 -2.09 14.35
CA THR A 434 3.09 -2.01 13.88
C THR A 434 3.16 -1.68 12.42
N THR A 435 2.41 -2.38 11.59
CA THR A 435 2.43 -2.12 10.17
C THR A 435 1.83 -0.78 9.81
N ASN A 436 0.98 -0.21 10.65
CA ASN A 436 0.50 1.14 10.37
C ASN A 436 1.62 2.15 10.49
N GLN A 437 2.59 1.89 11.36
CA GLN A 437 3.72 2.78 11.49
C GLN A 437 4.61 2.72 10.27
N CYS A 438 4.73 1.55 9.64
CA CYS A 438 5.60 1.43 8.50
C CYS A 438 4.98 2.09 7.28
N PHE A 439 3.75 1.72 6.93
CA PHE A 439 3.18 2.20 5.69
C PHE A 439 2.77 3.66 5.75
N SER A 440 2.60 4.22 6.95
CA SER A 440 2.41 5.66 7.03
C SER A 440 3.72 6.41 7.05
N SER A 441 4.85 5.71 7.06
CA SER A 441 6.15 6.35 6.95
C SER A 441 6.60 6.48 5.51
N VAL A 442 5.76 6.09 4.57
CA VAL A 442 6.04 6.33 3.16
C VAL A 442 5.95 7.82 2.84
N SER A 443 5.20 8.59 3.63
CA SER A 443 5.15 10.04 3.46
C SER A 443 6.46 10.72 3.83
N ALA A 444 7.41 10.02 4.45
CA ALA A 444 8.73 10.59 4.72
C ALA A 444 9.61 10.63 3.50
N VAL A 445 9.19 10.05 2.38
CA VAL A 445 9.90 10.22 1.12
C VAL A 445 9.86 11.68 0.70
N GLU A 446 8.76 12.37 1.00
CA GLU A 446 8.54 13.78 0.71
C GLU A 446 9.57 14.71 1.38
N LEU A 447 10.32 14.22 2.36
CA LEU A 447 11.15 15.08 3.20
C LEU A 447 12.33 15.66 2.44
N PHE A 448 13.19 14.82 1.90
CA PHE A 448 14.38 15.34 1.23
C PHE A 448 14.21 15.50 -0.27
N VAL A 449 13.17 14.93 -0.85
CA VAL A 449 13.00 14.95 -2.30
C VAL A 449 12.48 16.29 -2.77
N VAL A 450 11.47 16.83 -2.10
CA VAL A 450 10.93 18.13 -2.49
C VAL A 450 11.94 19.24 -2.18
N GLU A 451 12.74 19.07 -1.15
CA GLU A 451 13.71 20.06 -0.73
C GLU A 451 15.03 19.95 -1.48
N LYS A 452 15.10 19.13 -2.51
CA LYS A 452 16.39 18.78 -3.11
C LYS A 452 16.98 19.95 -3.87
N LYS A 453 16.20 20.60 -4.72
CA LYS A 453 16.72 21.74 -5.46
C LYS A 453 17.00 22.93 -4.56
N LEU A 454 16.36 23.01 -3.40
CA LEU A 454 16.72 24.01 -2.41
C LEU A 454 17.97 23.59 -1.66
N PHE A 455 18.17 22.29 -1.46
CA PHE A 455 19.34 21.83 -0.73
C PHE A 455 20.61 22.06 -1.50
N ILE A 456 20.56 21.94 -2.82
CA ILE A 456 21.77 22.00 -3.62
C ILE A 456 22.26 23.43 -3.76
N HIS A 457 21.35 24.35 -4.11
CA HIS A 457 21.72 25.75 -4.31
C HIS A 457 22.16 26.41 -3.02
N GLU A 458 21.61 25.98 -1.89
CA GLU A 458 22.05 26.56 -0.63
C GLU A 458 23.39 26.01 -0.18
N TYR A 459 23.77 24.81 -0.59
CA TYR A 459 25.04 24.26 -0.14
C TYR A 459 26.19 24.75 -1.01
N ILE A 460 25.96 24.93 -2.30
CA ILE A 460 27.00 25.47 -3.16
C ILE A 460 27.27 26.92 -2.80
N SER A 461 26.21 27.69 -2.57
CA SER A 461 26.38 29.01 -1.99
C SER A 461 26.89 28.93 -0.57
N GLY A 462 26.61 27.83 0.13
CA GLY A 462 27.23 27.60 1.42
C GLY A 462 26.59 28.36 2.54
N TYR A 463 25.32 28.08 2.82
CA TYR A 463 24.66 28.71 3.95
C TYR A 463 24.93 27.91 5.22
N TYR A 464 25.32 26.66 5.05
CA TYR A 464 25.45 25.72 6.15
C TYR A 464 26.39 24.59 5.76
N ARG A 465 26.50 23.61 6.64
CA ARG A 465 27.16 22.37 6.33
C ARG A 465 26.11 21.27 6.14
N VAL A 466 26.54 20.17 5.53
CA VAL A 466 25.61 19.06 5.31
C VAL A 466 25.29 18.38 6.62
N SER A 467 26.27 18.28 7.52
CA SER A 467 26.00 17.74 8.84
C SER A 467 25.07 18.64 9.64
N SER A 468 25.14 19.94 9.40
CA SER A 468 24.23 20.86 10.07
C SER A 468 22.86 20.87 9.45
N TYR A 469 22.77 20.63 8.13
CA TYR A 469 21.48 20.52 7.46
C TYR A 469 20.73 19.30 7.95
N PHE A 470 21.44 18.20 8.14
CA PHE A 470 20.79 16.94 8.38
C PHE A 470 20.26 16.86 9.80
N LEU A 471 21.05 17.31 10.77
CA LEU A 471 20.59 17.24 12.15
C LEU A 471 19.51 18.25 12.44
N GLY A 472 19.39 19.30 11.62
CA GLY A 472 18.31 20.23 11.83
C GLY A 472 16.96 19.74 11.36
N LYS A 473 16.89 19.26 10.13
CA LYS A 473 15.62 18.86 9.58
C LYS A 473 15.13 17.54 10.17
N LEU A 474 16.03 16.70 10.69
CA LEU A 474 15.57 15.61 11.54
C LEU A 474 14.93 16.13 12.82
N LEU A 475 15.50 17.18 13.38
CA LEU A 475 14.96 17.73 14.62
C LEU A 475 13.66 18.46 14.38
N SER A 476 13.50 19.04 13.19
CA SER A 476 12.34 19.88 12.92
C SER A 476 11.16 19.12 12.35
N ASP A 477 11.36 18.26 11.36
CA ASP A 477 10.25 17.56 10.71
C ASP A 477 10.07 16.15 11.22
N LEU A 478 11.13 15.36 11.23
CA LEU A 478 11.01 13.94 11.52
C LEU A 478 10.75 13.69 12.99
N LEU A 479 11.41 14.44 13.88
CA LEU A 479 11.31 14.13 15.31
C LEU A 479 9.93 14.42 15.91
N PRO A 480 9.27 15.57 15.69
CA PRO A 480 7.94 15.72 16.30
C PRO A 480 6.83 14.97 15.59
N MET A 481 6.87 14.87 14.26
CA MET A 481 5.74 14.28 13.55
C MET A 481 5.69 12.76 13.62
N ARG A 482 6.62 12.14 14.35
CA ARG A 482 6.51 10.73 14.66
C ARG A 482 6.29 10.47 16.14
N MET A 483 6.71 11.38 17.01
CA MET A 483 6.36 11.24 18.42
C MET A 483 4.88 11.42 18.66
N LEU A 484 4.25 12.33 17.90
CA LEU A 484 2.82 12.59 18.11
C LEU A 484 1.92 11.41 17.78
N PRO A 485 1.93 10.80 16.57
CA PRO A 485 0.92 9.77 16.30
C PRO A 485 1.12 8.48 17.06
N SER A 486 2.34 8.21 17.52
CA SER A 486 2.53 7.02 18.33
C SER A 486 2.00 7.18 19.74
N ILE A 487 1.79 8.40 20.20
CA ILE A 487 1.09 8.63 21.46
C ILE A 487 -0.42 8.56 21.26
N ILE A 488 -0.88 9.00 20.09
CA ILE A 488 -2.31 9.06 19.83
C ILE A 488 -2.88 7.66 19.64
N PHE A 489 -2.13 6.77 18.98
CA PHE A 489 -2.50 5.35 19.00
C PHE A 489 -2.46 4.81 20.42
N THR A 490 -1.48 5.23 21.21
CA THR A 490 -1.28 4.63 22.52
C THR A 490 -2.35 5.08 23.50
N CYS A 491 -2.75 6.35 23.47
CA CYS A 491 -3.71 6.84 24.44
C CYS A 491 -5.11 6.31 24.17
N ILE A 492 -5.46 6.11 22.90
CA ILE A 492 -6.84 5.77 22.57
C ILE A 492 -7.07 4.27 22.73
N VAL A 493 -6.31 3.45 22.00
CA VAL A 493 -6.68 2.05 21.87
C VAL A 493 -6.27 1.21 23.06
N TYR A 494 -5.49 1.75 23.98
CA TYR A 494 -4.96 0.88 25.03
C TYR A 494 -6.04 0.53 26.06
N PHE A 495 -6.82 1.50 26.48
CA PHE A 495 -7.81 1.23 27.51
C PHE A 495 -9.18 0.91 26.94
N MET A 496 -9.40 1.12 25.65
CA MET A 496 -10.62 0.61 25.05
C MET A 496 -10.51 -0.89 24.86
N LEU A 497 -9.42 -1.34 24.25
CA LEU A 497 -9.19 -2.76 24.04
C LEU A 497 -8.99 -3.50 25.35
N GLY A 498 -8.38 -2.85 26.33
CA GLY A 498 -8.11 -3.52 27.58
C GLY A 498 -6.92 -4.44 27.45
N LEU A 499 -5.76 -3.87 27.17
CA LEU A 499 -4.52 -4.63 27.17
C LEU A 499 -4.04 -4.76 28.61
N LYS A 500 -2.79 -5.22 28.80
CA LYS A 500 -2.23 -5.58 30.10
C LYS A 500 -2.22 -4.38 31.04
N PRO A 501 -3.07 -4.36 32.06
CA PRO A 501 -3.36 -3.11 32.78
C PRO A 501 -2.33 -2.81 33.86
N LYS A 502 -1.08 -2.66 33.46
CA LYS A 502 -0.02 -2.27 34.37
C LYS A 502 0.53 -0.92 33.97
N ALA A 503 1.45 -0.41 34.79
CA ALA A 503 2.02 0.90 34.53
C ALA A 503 3.00 0.89 33.37
N ASP A 504 4.02 0.04 33.46
CA ASP A 504 5.07 0.02 32.45
C ASP A 504 4.58 -0.49 31.11
N ALA A 505 3.67 -1.47 31.12
CA ALA A 505 3.16 -2.05 29.88
C ALA A 505 2.38 -1.05 29.04
N PHE A 506 1.91 0.03 29.65
CA PHE A 506 1.45 1.15 28.85
C PHE A 506 2.61 1.86 28.21
N PHE A 507 3.70 2.08 28.94
CA PHE A 507 4.80 2.83 28.38
C PHE A 507 5.69 2.01 27.45
N VAL A 508 5.81 0.71 27.70
CA VAL A 508 6.62 -0.13 26.81
C VAL A 508 5.97 -0.20 25.44
N MET A 509 4.64 -0.22 25.40
CA MET A 509 3.93 -0.16 24.13
C MET A 509 4.10 1.20 23.47
N MET A 510 4.07 2.27 24.26
CA MET A 510 4.26 3.61 23.71
C MET A 510 5.65 3.79 23.13
N PHE A 511 6.66 3.33 23.87
CA PHE A 511 8.04 3.44 23.41
C PHE A 511 8.30 2.60 22.19
N THR A 512 7.64 1.44 22.08
CA THR A 512 7.90 0.53 20.98
C THR A 512 7.38 1.07 19.66
N LEU A 513 6.15 1.58 19.67
CA LEU A 513 5.62 2.21 18.49
C LEU A 513 6.36 3.48 18.13
N MET A 514 7.02 4.12 19.10
CA MET A 514 7.88 5.24 18.74
C MET A 514 9.14 4.77 18.03
N MET A 515 9.74 3.68 18.49
CA MET A 515 10.98 3.21 17.88
C MET A 515 10.77 2.65 16.50
N VAL A 516 9.70 1.89 16.30
CA VAL A 516 9.43 1.32 14.99
C VAL A 516 8.98 2.39 14.02
N ALA A 517 8.49 3.52 14.52
CA ALA A 517 8.17 4.63 13.64
C ALA A 517 9.42 5.27 13.08
N TYR A 518 10.46 5.43 13.89
CA TYR A 518 11.70 6.02 13.41
C TYR A 518 12.40 5.11 12.42
N SER A 519 12.42 3.81 12.72
CA SER A 519 13.15 2.84 11.92
C SER A 519 12.59 2.73 10.52
N ALA A 520 11.27 2.74 10.39
CA ALA A 520 10.68 2.79 9.07
C ALA A 520 10.90 4.14 8.42
N SER A 521 10.89 5.22 9.21
CA SER A 521 11.14 6.52 8.63
C SER A 521 12.60 6.68 8.24
N SER A 522 13.50 6.05 9.00
CA SER A 522 14.91 6.12 8.65
C SER A 522 15.20 5.36 7.37
N MET A 523 14.47 4.28 7.13
CA MET A 523 14.63 3.55 5.88
C MET A 523 14.13 4.38 4.71
N ALA A 524 13.12 5.21 4.96
CA ALA A 524 12.67 6.12 3.92
C ALA A 524 13.72 7.16 3.60
N LEU A 525 14.42 7.67 4.60
CA LEU A 525 15.51 8.58 4.30
C LEU A 525 16.72 7.85 3.75
N ALA A 526 16.79 6.54 3.96
CA ALA A 526 17.90 5.78 3.40
C ALA A 526 17.76 5.62 1.90
N ILE A 527 16.55 5.59 1.39
CA ILE A 527 16.32 5.34 -0.02
C ILE A 527 16.03 6.62 -0.77
N ALA A 528 15.16 7.46 -0.24
CA ALA A 528 14.70 8.64 -0.96
C ALA A 528 15.74 9.74 -1.05
N ALA A 529 16.81 9.70 -0.26
CA ALA A 529 17.80 10.76 -0.29
C ALA A 529 18.58 10.68 -1.59
N GLY A 530 18.83 11.85 -2.18
CA GLY A 530 19.60 11.95 -3.40
C GLY A 530 18.76 11.85 -4.66
N GLN A 531 17.69 11.06 -4.64
CA GLN A 531 16.87 10.97 -5.83
C GLN A 531 16.00 12.21 -5.95
N SER A 532 15.51 12.44 -7.16
CA SER A 532 14.71 13.62 -7.43
C SER A 532 13.26 13.32 -7.75
N VAL A 533 12.93 12.09 -8.11
CA VAL A 533 11.55 11.70 -8.39
C VAL A 533 10.96 11.05 -7.15
N VAL A 534 9.65 11.13 -7.04
CA VAL A 534 8.97 10.59 -5.87
C VAL A 534 8.48 9.18 -6.12
N SER A 535 7.91 8.95 -7.31
CA SER A 535 7.16 7.72 -7.57
C SER A 535 8.04 6.49 -7.65
N VAL A 536 9.30 6.64 -8.01
CA VAL A 536 10.20 5.49 -8.03
C VAL A 536 10.51 5.04 -6.61
N ALA A 537 10.79 6.00 -5.72
CA ALA A 537 11.05 5.65 -4.34
C ALA A 537 9.77 5.23 -3.61
N THR A 538 8.64 5.84 -3.96
CA THR A 538 7.39 5.52 -3.30
C THR A 538 6.92 4.13 -3.70
N LEU A 539 7.21 3.73 -4.94
CA LEU A 539 7.09 2.33 -5.31
C LEU A 539 8.00 1.47 -4.47
N LEU A 540 9.26 1.85 -4.36
CA LEU A 540 10.28 0.96 -3.80
C LEU A 540 10.12 0.78 -2.31
N MET A 541 9.55 1.78 -1.61
CA MET A 541 9.21 1.59 -0.21
C MET A 541 8.07 0.61 -0.05
N THR A 542 7.14 0.59 -1.02
CA THR A 542 6.04 -0.35 -0.96
C THR A 542 6.53 -1.76 -1.24
N ILE A 543 7.58 -1.91 -2.05
CA ILE A 543 8.12 -3.24 -2.34
C ILE A 543 8.77 -3.81 -1.09
N CYS A 544 9.56 -2.99 -0.40
CA CYS A 544 10.35 -3.49 0.71
C CYS A 544 9.49 -3.88 1.90
N PHE A 545 8.39 -3.17 2.11
CA PHE A 545 7.59 -3.45 3.29
C PHE A 545 6.78 -4.72 3.14
N VAL A 546 6.25 -4.99 1.94
CA VAL A 546 5.45 -6.20 1.77
C VAL A 546 6.29 -7.47 1.78
N PHE A 547 7.60 -7.36 1.64
CA PHE A 547 8.43 -8.51 1.95
C PHE A 547 8.79 -8.57 3.42
N MET A 548 8.97 -7.41 4.05
CA MET A 548 9.13 -7.39 5.49
C MET A 548 7.89 -7.85 6.22
N MET A 549 6.71 -7.57 5.66
CA MET A 549 5.46 -7.95 6.27
C MET A 549 5.27 -9.46 6.33
N ILE A 550 5.82 -10.20 5.36
CA ILE A 550 5.67 -11.64 5.35
C ILE A 550 6.42 -12.27 6.52
N PHE A 551 7.63 -11.82 6.79
CA PHE A 551 8.49 -12.42 7.80
C PHE A 551 8.17 -11.92 9.20
N SER A 552 7.14 -11.11 9.38
CA SER A 552 6.85 -10.53 10.68
C SER A 552 6.36 -11.54 11.69
N GLY A 553 5.77 -12.63 11.25
CA GLY A 553 5.38 -13.68 12.16
C GLY A 553 3.90 -13.96 12.23
N LEU A 554 3.04 -13.20 11.57
CA LEU A 554 1.63 -13.51 11.60
C LEU A 554 1.20 -14.34 10.41
N LEU A 555 1.71 -14.03 9.22
CA LEU A 555 1.36 -14.80 8.05
C LEU A 555 2.04 -16.17 8.06
N VAL A 556 3.37 -16.21 8.07
CA VAL A 556 4.12 -17.46 8.12
C VAL A 556 4.64 -17.62 9.53
N ASN A 557 4.88 -18.87 9.94
CA ASN A 557 5.43 -19.10 11.27
C ASN A 557 6.94 -19.17 11.17
N LEU A 558 7.63 -18.35 11.96
CA LEU A 558 9.05 -18.13 11.74
C LEU A 558 9.94 -19.30 12.15
N THR A 559 9.42 -20.28 12.86
CA THR A 559 10.28 -21.40 13.22
C THR A 559 10.36 -22.45 12.12
N THR A 560 9.40 -22.47 11.20
CA THR A 560 9.37 -23.53 10.21
C THR A 560 9.64 -23.03 8.81
N ILE A 561 10.35 -21.92 8.65
CA ILE A 561 10.87 -21.61 7.33
C ILE A 561 12.07 -22.52 7.07
N ALA A 562 12.28 -22.87 5.81
CA ALA A 562 13.49 -23.57 5.41
C ALA A 562 14.72 -22.73 5.76
N SER A 563 15.77 -23.42 6.20
CA SER A 563 16.86 -22.79 6.93
C SER A 563 17.67 -21.81 6.09
N TRP A 564 17.66 -21.96 4.78
CA TRP A 564 18.36 -21.01 3.94
C TRP A 564 17.53 -19.78 3.60
N LEU A 565 16.36 -19.62 4.23
CA LEU A 565 15.64 -18.35 4.22
C LEU A 565 15.50 -17.74 5.59
N SER A 566 15.69 -18.52 6.66
CA SER A 566 15.44 -18.03 8.01
C SER A 566 16.46 -17.03 8.50
N TRP A 567 17.45 -16.67 7.70
CA TRP A 567 18.31 -15.54 7.97
C TRP A 567 17.73 -14.24 7.43
N LEU A 568 16.73 -14.31 6.57
CA LEU A 568 16.05 -13.10 6.13
C LEU A 568 15.12 -12.53 7.17
N GLN A 569 14.81 -13.27 8.22
CA GLN A 569 13.91 -12.73 9.22
C GLN A 569 14.56 -11.70 10.12
N TYR A 570 15.84 -11.42 9.94
CA TYR A 570 16.50 -10.39 10.73
C TYR A 570 16.47 -9.05 10.04
N PHE A 571 16.21 -9.01 8.74
CA PHE A 571 16.30 -7.78 7.97
C PHE A 571 14.99 -7.04 7.88
N SER A 572 14.05 -7.30 8.77
CA SER A 572 12.72 -6.73 8.64
C SER A 572 12.40 -5.90 9.88
N ILE A 573 12.19 -4.62 9.67
CA ILE A 573 11.73 -3.68 10.69
C ILE A 573 10.46 -4.13 11.40
N PRO A 574 9.35 -4.53 10.73
CA PRO A 574 8.13 -4.81 11.49
C PRO A 574 8.20 -6.03 12.36
N ARG A 575 9.15 -6.94 12.15
CA ARG A 575 9.26 -8.09 13.03
C ARG A 575 9.68 -7.67 14.42
N TYR A 576 10.63 -6.75 14.53
CA TYR A 576 11.14 -6.38 15.83
C TYR A 576 10.14 -5.58 16.63
N GLY A 577 9.27 -4.83 15.96
CA GLY A 577 8.20 -4.17 16.67
C GLY A 577 7.14 -5.14 17.12
N PHE A 578 6.62 -5.93 16.19
CA PHE A 578 5.56 -6.90 16.45
C PHE A 578 5.98 -7.98 17.44
N THR A 579 7.26 -8.31 17.49
CA THR A 579 7.72 -9.22 18.53
C THR A 579 7.68 -8.55 19.89
N ALA A 580 8.04 -7.27 19.94
CA ALA A 580 8.05 -6.56 21.20
C ALA A 580 6.67 -6.33 21.76
N LEU A 581 5.70 -6.02 20.91
CA LEU A 581 4.33 -5.88 21.41
C LEU A 581 3.76 -7.22 21.81
N GLN A 582 4.12 -8.28 21.11
CA GLN A 582 3.72 -9.60 21.55
C GLN A 582 4.40 -9.99 22.85
N HIS A 583 5.64 -9.56 23.07
CA HIS A 583 6.28 -9.95 24.31
C HIS A 583 5.79 -9.10 25.47
N ASN A 584 5.35 -7.89 25.16
CA ASN A 584 4.89 -6.97 26.20
C ASN A 584 3.55 -7.40 26.78
N GLU A 585 2.77 -8.14 25.99
CA GLU A 585 1.36 -8.26 26.27
C GLU A 585 0.91 -9.69 26.53
N PHE A 586 1.56 -10.69 25.96
CA PHE A 586 1.12 -12.06 26.14
C PHE A 586 1.74 -12.76 27.34
N LEU A 587 2.29 -12.04 28.32
CA LEU A 587 3.01 -12.77 29.36
C LEU A 587 2.08 -13.41 30.38
N GLY A 588 1.32 -12.62 31.12
CA GLY A 588 0.58 -13.21 32.21
C GLY A 588 -0.83 -13.62 31.85
N GLN A 589 -1.11 -13.77 30.57
CA GLN A 589 -2.47 -13.97 30.11
C GLN A 589 -2.82 -15.45 30.10
N ASN A 590 -4.11 -15.75 30.09
CA ASN A 590 -4.62 -17.09 29.92
C ASN A 590 -5.78 -17.05 28.95
N PHE A 591 -5.99 -18.13 28.23
CA PHE A 591 -6.94 -18.10 27.14
C PHE A 591 -7.86 -19.30 27.07
N CYS A 592 -7.77 -20.22 28.02
CA CYS A 592 -8.70 -21.34 28.08
C CYS A 592 -9.52 -21.18 29.34
N PRO A 593 -10.78 -20.76 29.24
CA PRO A 593 -11.56 -20.49 30.44
C PRO A 593 -11.94 -21.77 31.14
N GLY A 594 -11.77 -21.79 32.45
CA GLY A 594 -11.99 -22.96 33.23
C GLY A 594 -10.79 -23.86 33.36
N LEU A 595 -9.70 -23.56 32.68
CA LEU A 595 -8.55 -24.46 32.63
C LEU A 595 -7.30 -23.72 33.08
N ASN A 596 -6.86 -23.99 34.30
CA ASN A 596 -5.55 -23.54 34.76
C ASN A 596 -4.50 -24.39 34.09
N ALA A 597 -3.75 -23.80 33.17
CA ALA A 597 -2.75 -24.54 32.42
C ALA A 597 -1.34 -24.21 32.81
N THR A 598 -1.13 -23.12 33.55
CA THR A 598 0.22 -22.63 33.84
C THR A 598 0.96 -23.44 34.89
N GLY A 599 0.29 -24.38 35.55
CA GLY A 599 1.00 -25.31 36.41
C GLY A 599 1.26 -26.61 35.67
N ASN A 600 0.21 -27.13 35.03
CA ASN A 600 0.31 -28.35 34.24
C ASN A 600 -0.59 -28.17 33.02
N ASN A 601 -0.14 -28.71 31.90
CA ASN A 601 -0.98 -28.67 30.72
C ASN A 601 -1.28 -30.08 30.27
N PRO A 602 -2.37 -30.70 30.73
CA PRO A 602 -2.86 -31.89 30.05
C PRO A 602 -3.59 -31.48 28.79
N CYS A 603 -3.77 -32.45 27.90
CA CYS A 603 -4.48 -32.28 26.63
C CYS A 603 -3.86 -31.17 25.79
N ASN A 604 -2.65 -31.41 25.29
CA ASN A 604 -1.91 -30.40 24.54
C ASN A 604 -2.47 -30.20 23.14
N TYR A 605 -1.67 -29.54 22.29
CA TYR A 605 -2.10 -28.87 21.05
C TYR A 605 -3.10 -27.77 21.34
N ALA A 606 -3.03 -27.22 22.55
CA ALA A 606 -4.13 -26.45 23.11
C ALA A 606 -3.94 -24.95 23.04
N THR A 607 -2.72 -24.46 23.30
CA THR A 607 -2.40 -23.04 23.41
C THR A 607 -3.31 -22.37 24.44
N CYS A 608 -3.17 -22.86 25.66
CA CYS A 608 -3.95 -22.39 26.80
C CYS A 608 -3.18 -21.47 27.72
N THR A 609 -2.12 -20.84 27.23
CA THR A 609 -1.50 -19.75 27.96
C THR A 609 -0.80 -18.86 26.97
N GLY A 610 -0.38 -17.70 27.46
CA GLY A 610 0.32 -16.79 26.59
C GLY A 610 1.69 -17.24 26.18
N GLU A 611 2.41 -17.93 27.06
CA GLU A 611 3.74 -18.41 26.73
C GLU A 611 3.70 -19.47 25.63
N GLU A 612 2.74 -20.40 25.70
CA GLU A 612 2.64 -21.45 24.70
C GLU A 612 2.29 -20.89 23.34
N TYR A 613 1.60 -19.75 23.29
CA TYR A 613 1.54 -19.04 22.04
C TYR A 613 2.87 -18.39 21.74
N LEU A 614 3.53 -17.88 22.76
CA LEU A 614 4.67 -17.02 22.49
C LEU A 614 5.92 -17.82 22.18
N VAL A 615 5.99 -19.06 22.65
CA VAL A 615 7.13 -19.90 22.28
C VAL A 615 6.92 -20.46 20.91
N LYS A 616 5.68 -20.81 20.56
CA LYS A 616 5.38 -21.44 19.28
C LYS A 616 5.63 -20.49 18.12
N GLN A 617 5.62 -19.19 18.38
CA GLN A 617 6.05 -18.23 17.38
C GLN A 617 7.55 -18.06 17.35
N GLY A 618 8.27 -18.68 18.26
CA GLY A 618 9.72 -18.53 18.31
C GLY A 618 10.22 -17.26 18.94
N ILE A 619 9.73 -16.93 20.13
CA ILE A 619 10.07 -15.68 20.80
C ILE A 619 10.57 -16.03 22.19
N ASP A 620 11.68 -15.39 22.60
CA ASP A 620 12.27 -15.63 23.91
C ASP A 620 11.31 -15.23 25.02
N LEU A 621 11.46 -15.87 26.18
CA LEU A 621 10.72 -15.54 27.38
C LEU A 621 11.53 -14.76 28.39
N SER A 622 12.82 -14.61 28.16
CA SER A 622 13.67 -13.82 29.05
C SER A 622 13.31 -12.35 28.91
N PRO A 623 13.57 -11.54 29.94
CA PRO A 623 13.41 -10.10 29.78
C PRO A 623 14.39 -9.49 28.81
N TRP A 624 15.51 -10.15 28.53
CA TRP A 624 16.31 -9.75 27.39
C TRP A 624 15.56 -9.90 26.08
N GLY A 625 14.73 -10.94 25.97
CA GLY A 625 13.96 -11.19 24.76
C GLY A 625 13.03 -10.08 24.38
N LEU A 626 12.56 -9.31 25.36
CA LEU A 626 11.89 -8.06 25.07
C LEU A 626 12.84 -7.05 24.46
N TRP A 627 13.86 -6.66 25.21
CA TRP A 627 14.68 -5.51 24.87
C TRP A 627 15.72 -5.80 23.81
N LYS A 628 15.85 -7.07 23.40
CA LYS A 628 16.68 -7.41 22.26
C LYS A 628 16.17 -6.74 21.00
N ASN A 629 14.87 -6.56 20.91
CA ASN A 629 14.28 -5.89 19.77
C ASN A 629 14.60 -4.42 19.73
N HIS A 630 14.56 -3.73 20.87
CA HIS A 630 14.79 -2.30 20.88
C HIS A 630 16.20 -1.92 20.51
N VAL A 631 17.20 -2.68 20.96
CA VAL A 631 18.56 -2.43 20.49
C VAL A 631 18.74 -2.86 19.06
N ALA A 632 17.93 -3.80 18.57
CA ALA A 632 17.97 -4.16 17.17
C ALA A 632 17.39 -3.08 16.29
N LEU A 633 16.32 -2.44 16.74
CA LEU A 633 15.79 -1.32 15.98
C LEU A 633 16.70 -0.11 16.03
N ALA A 634 17.27 0.17 17.20
CA ALA A 634 18.08 1.36 17.36
C ALA A 634 19.36 1.28 16.53
N CYS A 635 19.90 0.08 16.37
CA CYS A 635 21.02 -0.09 15.45
C CYS A 635 20.59 0.13 14.01
N MET A 636 19.36 -0.23 13.65
CA MET A 636 18.91 0.03 12.30
C MET A 636 18.65 1.50 12.06
N ILE A 637 18.35 2.28 13.10
CA ILE A 637 18.17 3.71 12.93
C ILE A 637 19.50 4.36 12.58
N VAL A 638 20.56 4.00 13.30
CA VAL A 638 21.85 4.66 13.14
C VAL A 638 22.47 4.32 11.79
N ILE A 639 22.30 3.08 11.34
CA ILE A 639 22.80 2.67 10.04
C ILE A 639 22.08 3.42 8.94
N PHE A 640 20.76 3.46 8.99
CA PHE A 640 19.99 4.05 7.90
C PHE A 640 20.15 5.56 7.85
N LEU A 641 20.27 6.22 8.99
CA LEU A 641 20.55 7.65 8.97
C LEU A 641 21.97 7.96 8.52
N THR A 642 22.92 7.08 8.80
CA THR A 642 24.27 7.22 8.25
C THR A 642 24.27 7.07 6.74
N ILE A 643 23.54 6.09 6.22
CA ILE A 643 23.33 5.98 4.80
C ILE A 643 22.60 7.20 4.28
N ALA A 644 21.64 7.70 5.07
CA ALA A 644 20.99 8.95 4.72
C ALA A 644 21.93 10.14 4.83
N TYR A 645 22.93 10.06 5.70
CA TYR A 645 23.93 11.13 5.77
C TYR A 645 24.85 11.10 4.55
N LEU A 646 25.38 9.92 4.23
CA LEU A 646 26.41 9.83 3.22
C LEU A 646 25.87 10.01 1.82
N LYS A 647 24.63 9.61 1.57
CA LYS A 647 24.06 9.82 0.25
C LYS A 647 23.84 11.28 -0.04
N LEU A 648 23.61 12.09 0.98
CA LEU A 648 23.65 13.53 0.77
C LEU A 648 25.08 14.05 0.69
N LEU A 649 26.05 13.30 1.19
CA LEU A 649 27.40 13.81 1.23
C LEU A 649 28.12 13.60 -0.09
N PHE A 650 27.80 12.50 -0.78
CA PHE A 650 28.48 12.12 -2.01
C PHE A 650 27.64 12.39 -3.25
N LEU A 651 26.65 13.27 -3.13
CA LEU A 651 25.77 13.56 -4.24
C LEU A 651 26.51 14.33 -5.32
N LYS A 652 26.07 14.17 -6.57
CA LYS A 652 26.63 14.95 -7.67
C LYS A 652 26.13 16.37 -7.51
N LYS A 653 26.92 17.21 -6.86
CA LYS A 653 26.48 18.55 -6.51
C LYS A 653 26.45 19.51 -7.69
N TYR A 654 27.03 19.15 -8.82
CA TYR A 654 27.18 20.11 -9.90
C TYR A 654 26.30 19.76 -11.09
N ALA B 35 -17.63 28.22 -48.09
CA ALA B 35 -18.43 28.32 -46.87
C ALA B 35 -17.95 29.46 -46.00
N VAL B 36 -18.87 30.10 -45.30
CA VAL B 36 -18.55 31.22 -44.41
C VAL B 36 -19.19 30.96 -43.05
N LEU B 37 -18.53 31.41 -42.00
CA LEU B 37 -19.18 31.53 -40.71
C LEU B 37 -19.70 32.95 -40.54
N SER B 38 -20.65 33.12 -39.62
CA SER B 38 -21.12 34.45 -39.24
C SER B 38 -21.72 34.33 -37.84
N PHE B 39 -21.21 35.12 -36.92
CA PHE B 39 -21.65 35.15 -35.55
C PHE B 39 -22.08 36.55 -35.16
N HIS B 40 -23.00 36.65 -34.20
CA HIS B 40 -23.66 37.92 -33.93
C HIS B 40 -24.20 37.92 -32.51
N ASN B 41 -23.72 38.88 -31.71
CA ASN B 41 -24.29 39.27 -30.42
C ASN B 41 -24.25 38.12 -29.42
N ILE B 42 -23.05 37.60 -29.19
CA ILE B 42 -22.85 36.46 -28.31
C ILE B 42 -22.71 36.94 -26.88
N CYS B 43 -23.55 36.43 -26.00
CA CYS B 43 -23.45 36.66 -24.56
C CYS B 43 -23.30 35.28 -23.94
N TYR B 44 -22.08 34.87 -23.64
CA TYR B 44 -21.87 33.59 -22.99
C TYR B 44 -21.56 33.78 -21.52
N ARG B 45 -22.12 32.89 -20.68
CA ARG B 45 -21.94 32.96 -19.24
C ARG B 45 -21.62 31.57 -18.71
N VAL B 46 -21.30 31.51 -17.42
CA VAL B 46 -20.93 30.27 -16.79
C VAL B 46 -22.14 29.64 -16.13
N LYS B 61 -21.50 34.93 -14.34
CA LYS B 61 -20.28 35.54 -14.84
C LYS B 61 -20.21 35.50 -16.37
N GLU B 62 -20.24 36.67 -17.00
CA GLU B 62 -20.29 36.79 -18.46
C GLU B 62 -18.86 37.03 -18.96
N ILE B 63 -18.16 35.95 -19.31
CA ILE B 63 -16.84 36.23 -19.88
C ILE B 63 -16.86 36.25 -21.39
N LEU B 64 -17.69 37.12 -21.94
CA LEU B 64 -17.83 37.53 -23.34
C LEU B 64 -18.96 38.56 -23.29
N SER B 65 -18.94 39.60 -24.13
CA SER B 65 -20.01 40.58 -24.06
C SER B 65 -20.85 40.63 -25.33
N ASN B 66 -20.24 41.01 -26.45
CA ASN B 66 -20.95 41.13 -27.73
C ASN B 66 -19.93 41.18 -28.84
N ILE B 67 -19.83 40.10 -29.60
CA ILE B 67 -18.78 39.95 -30.60
C ILE B 67 -19.44 39.72 -31.94
N ASN B 68 -18.97 40.41 -32.97
CA ASN B 68 -19.61 40.39 -34.28
C ASN B 68 -18.55 40.24 -35.36
N GLY B 69 -18.83 39.42 -36.35
CA GLY B 69 -17.90 39.20 -37.43
C GLY B 69 -18.26 37.97 -38.24
N ILE B 70 -17.80 37.95 -39.48
CA ILE B 70 -17.90 36.78 -40.33
C ILE B 70 -16.50 36.20 -40.49
N MET B 71 -16.43 34.99 -41.02
CA MET B 71 -15.16 34.34 -41.31
C MET B 71 -15.24 33.74 -42.71
N LYS B 72 -14.70 34.47 -43.67
CA LYS B 72 -14.67 34.05 -45.05
C LYS B 72 -13.69 32.88 -45.22
N PRO B 73 -13.75 32.14 -46.32
CA PRO B 73 -12.73 31.11 -46.56
C PRO B 73 -11.37 31.75 -46.81
N GLY B 74 -10.40 31.32 -46.02
CA GLY B 74 -9.10 31.95 -46.00
C GLY B 74 -8.34 31.45 -44.80
N LEU B 75 -7.80 32.36 -43.99
CA LEU B 75 -7.07 31.98 -42.80
C LEU B 75 -7.55 32.88 -41.67
N ASN B 76 -8.45 32.35 -40.85
CA ASN B 76 -9.06 33.11 -39.77
C ASN B 76 -8.31 32.89 -38.47
N ALA B 77 -7.85 33.96 -37.86
CA ALA B 77 -7.02 33.86 -36.68
C ALA B 77 -7.56 34.74 -35.56
N ILE B 78 -7.28 34.32 -34.33
CA ILE B 78 -7.77 34.99 -33.13
C ILE B 78 -6.58 35.23 -32.21
N LEU B 79 -6.21 36.48 -32.00
CA LEU B 79 -5.10 36.82 -31.12
C LEU B 79 -5.58 37.47 -29.83
N GLY B 80 -4.68 37.51 -28.86
CA GLY B 80 -4.96 38.15 -27.59
C GLY B 80 -4.29 37.46 -26.43
N PRO B 81 -4.55 37.94 -25.21
CA PRO B 81 -3.99 37.30 -24.03
C PRO B 81 -4.81 36.07 -23.65
N THR B 82 -4.21 35.23 -22.82
CA THR B 82 -4.80 33.95 -22.48
C THR B 82 -6.01 34.12 -21.57
N GLY B 83 -6.07 35.24 -20.86
CA GLY B 83 -7.25 35.52 -20.07
C GLY B 83 -8.45 35.95 -20.87
N GLY B 84 -8.26 36.37 -22.13
CA GLY B 84 -9.34 36.85 -22.94
C GLY B 84 -10.15 35.74 -23.58
N GLY B 85 -10.71 36.01 -24.75
CA GLY B 85 -11.64 35.08 -25.34
C GLY B 85 -11.05 34.24 -26.44
N LYS B 86 -9.72 34.18 -26.53
CA LYS B 86 -9.08 33.44 -27.61
C LYS B 86 -9.24 31.95 -27.46
N SER B 87 -9.56 31.47 -26.25
CA SER B 87 -9.80 30.05 -26.04
C SER B 87 -11.26 29.72 -25.88
N SER B 88 -12.12 30.72 -25.67
CA SER B 88 -13.52 30.43 -25.43
C SER B 88 -14.41 30.81 -26.60
N LEU B 89 -14.03 31.80 -27.41
CA LEU B 89 -14.77 32.04 -28.65
C LEU B 89 -14.61 30.87 -29.60
N LEU B 90 -13.44 30.22 -29.58
CA LEU B 90 -13.20 29.07 -30.43
C LEU B 90 -14.08 27.90 -30.03
N ASP B 91 -14.24 27.65 -28.73
CA ASP B 91 -15.06 26.52 -28.28
C ASP B 91 -16.54 26.76 -28.51
N VAL B 92 -16.97 28.02 -28.53
CA VAL B 92 -18.36 28.33 -28.85
C VAL B 92 -18.60 28.09 -30.33
N LEU B 93 -17.74 28.63 -31.18
CA LEU B 93 -17.94 28.50 -32.62
C LEU B 93 -17.68 27.08 -33.13
N ALA B 94 -17.06 26.22 -32.32
CA ALA B 94 -16.91 24.82 -32.67
C ALA B 94 -17.91 23.95 -31.94
N ALA B 95 -18.93 24.55 -31.33
CA ALA B 95 -20.02 23.88 -30.60
C ALA B 95 -19.49 23.01 -29.47
N ARG B 96 -18.45 23.44 -28.79
CA ARG B 96 -17.82 22.61 -27.77
C ARG B 96 -18.22 22.98 -26.35
N LYS B 97 -18.97 24.05 -26.16
CA LYS B 97 -19.42 24.41 -24.83
C LYS B 97 -20.91 24.11 -24.68
N ASP B 98 -21.42 24.44 -23.52
CA ASP B 98 -22.83 24.24 -23.23
C ASP B 98 -23.65 25.27 -23.99
N PRO B 99 -24.67 24.85 -24.76
CA PRO B 99 -25.56 25.83 -25.38
C PRO B 99 -26.46 26.58 -24.41
N SER B 100 -26.47 26.22 -23.12
CA SER B 100 -27.24 26.99 -22.16
C SER B 100 -26.58 28.34 -21.87
N GLY B 101 -25.28 28.47 -22.12
CA GLY B 101 -24.62 29.73 -21.91
C GLY B 101 -24.73 30.62 -23.13
N LEU B 102 -24.89 30.02 -24.30
CA LEU B 102 -24.85 30.77 -25.55
C LEU B 102 -26.13 31.58 -25.74
N SER B 103 -25.97 32.81 -26.25
CA SER B 103 -27.10 33.69 -26.50
C SER B 103 -27.29 33.96 -27.99
N GLY B 104 -26.25 34.44 -28.66
CA GLY B 104 -26.36 34.85 -30.05
C GLY B 104 -26.42 33.66 -30.99
N ASP B 105 -26.56 33.98 -32.28
CA ASP B 105 -26.72 32.97 -33.31
C ASP B 105 -25.41 32.71 -34.04
N VAL B 106 -25.32 31.51 -34.61
CA VAL B 106 -24.21 31.14 -35.48
C VAL B 106 -24.80 30.62 -36.78
N LEU B 107 -24.49 31.28 -37.88
CA LEU B 107 -25.06 30.97 -39.17
C LEU B 107 -23.96 30.45 -40.09
N ILE B 108 -24.31 29.54 -40.99
CA ILE B 108 -23.37 29.01 -41.97
C ILE B 108 -24.04 29.14 -43.33
N ASN B 109 -23.53 30.03 -44.18
CA ASN B 109 -23.96 30.24 -45.56
C ASN B 109 -25.44 30.56 -45.69
N GLY B 110 -26.06 31.13 -44.66
CA GLY B 110 -27.50 31.28 -44.64
C GLY B 110 -28.24 30.24 -43.85
N ALA B 111 -27.53 29.29 -43.22
CA ALA B 111 -28.21 28.24 -42.48
C ALA B 111 -27.64 28.14 -41.07
N PRO B 112 -28.50 27.95 -40.06
CA PRO B 112 -28.00 27.75 -38.70
C PRO B 112 -27.32 26.39 -38.55
N ARG B 113 -26.68 26.21 -37.40
CA ARG B 113 -25.87 25.01 -37.18
C ARG B 113 -26.76 23.80 -36.92
N PRO B 114 -26.66 22.75 -37.72
CA PRO B 114 -27.46 21.55 -37.46
C PRO B 114 -26.83 20.67 -36.39
N ALA B 115 -27.44 19.51 -36.17
CA ALA B 115 -26.82 18.49 -35.33
C ALA B 115 -25.68 17.79 -36.03
N ASN B 116 -25.59 17.90 -37.34
CA ASN B 116 -24.51 17.32 -38.13
C ASN B 116 -23.27 18.20 -38.15
N PHE B 117 -23.25 19.27 -37.36
CA PHE B 117 -22.11 20.18 -37.37
C PHE B 117 -20.92 19.60 -36.64
N LYS B 118 -21.16 18.83 -35.59
CA LYS B 118 -20.06 18.18 -34.89
C LYS B 118 -19.44 17.05 -35.69
N CYS B 119 -20.10 16.58 -36.72
CA CYS B 119 -19.52 15.55 -37.56
C CYS B 119 -18.98 16.09 -38.87
N ASN B 120 -19.38 17.27 -39.29
CA ASN B 120 -18.92 17.83 -40.55
C ASN B 120 -17.82 18.86 -40.36
N SER B 121 -17.25 18.96 -39.17
CA SER B 121 -16.19 19.91 -38.90
C SER B 121 -15.06 19.19 -38.18
N GLY B 122 -13.86 19.76 -38.26
CA GLY B 122 -12.71 19.18 -37.61
C GLY B 122 -12.20 20.08 -36.50
N TYR B 123 -12.12 19.51 -35.31
CA TYR B 123 -11.54 20.20 -34.17
C TYR B 123 -10.25 19.49 -33.78
N VAL B 124 -9.21 20.27 -33.50
CA VAL B 124 -7.89 19.72 -33.25
C VAL B 124 -7.41 20.19 -31.89
N VAL B 125 -7.12 19.25 -31.01
CA VAL B 125 -6.75 19.58 -29.64
C VAL B 125 -5.35 20.16 -29.63
N GLN B 126 -5.01 20.87 -28.54
CA GLN B 126 -3.72 21.54 -28.47
C GLN B 126 -2.58 20.54 -28.35
N ASP B 127 -2.56 19.76 -27.28
CA ASP B 127 -1.61 18.67 -27.20
C ASP B 127 -2.06 17.52 -28.09
N ASP B 128 -1.14 16.63 -28.40
CA ASP B 128 -1.45 15.48 -29.23
C ASP B 128 -2.35 14.51 -28.47
N VAL B 129 -3.44 14.09 -29.10
CA VAL B 129 -4.26 13.03 -28.57
C VAL B 129 -4.07 11.73 -29.35
N VAL B 130 -3.04 11.67 -30.18
CA VAL B 130 -2.85 10.53 -31.06
C VAL B 130 -2.37 9.33 -30.27
N MET B 131 -2.62 8.15 -30.82
CA MET B 131 -2.12 6.93 -30.21
C MET B 131 -0.63 6.86 -30.45
N GLY B 132 0.16 7.26 -29.45
CA GLY B 132 1.60 7.37 -29.60
C GLY B 132 2.32 6.04 -29.77
N THR B 133 1.66 4.93 -29.45
CA THR B 133 2.25 3.61 -29.60
C THR B 133 1.89 2.94 -30.91
N LEU B 134 0.96 3.50 -31.68
CA LEU B 134 0.64 2.97 -33.00
C LEU B 134 1.48 3.65 -34.06
N THR B 135 1.09 3.43 -35.30
CA THR B 135 1.69 4.17 -36.40
C THR B 135 0.65 5.09 -37.02
N VAL B 136 1.14 5.99 -37.88
CA VAL B 136 0.28 6.97 -38.52
C VAL B 136 -0.67 6.30 -39.51
N ARG B 137 -0.23 5.21 -40.12
CA ARG B 137 -1.09 4.44 -41.01
C ARG B 137 -2.25 3.80 -40.25
N GLU B 138 -1.97 3.25 -39.08
CA GLU B 138 -3.03 2.62 -38.29
C GLU B 138 -3.96 3.64 -37.65
N ASN B 139 -3.45 4.84 -37.32
CA ASN B 139 -4.31 5.85 -36.70
C ASN B 139 -5.31 6.40 -37.69
N LEU B 140 -4.89 6.73 -38.89
CA LEU B 140 -5.81 7.28 -39.87
C LEU B 140 -6.79 6.24 -40.37
N GLN B 141 -6.46 4.96 -40.29
CA GLN B 141 -7.46 3.95 -40.54
C GLN B 141 -8.48 3.89 -39.41
N PHE B 142 -8.06 4.18 -38.18
CA PHE B 142 -8.99 4.17 -37.07
C PHE B 142 -9.98 5.33 -37.18
N SER B 143 -9.50 6.49 -37.59
CA SER B 143 -10.40 7.62 -37.79
C SER B 143 -11.31 7.38 -38.99
N ALA B 144 -10.83 6.68 -40.00
CA ALA B 144 -11.68 6.43 -41.17
C ALA B 144 -12.71 5.37 -40.89
N ALA B 145 -12.39 4.41 -40.03
CA ALA B 145 -13.30 3.30 -39.79
C ALA B 145 -14.49 3.69 -38.95
N LEU B 146 -14.46 4.86 -38.31
CA LEU B 146 -15.55 5.25 -37.43
C LEU B 146 -16.26 6.52 -37.87
N ARG B 147 -15.81 7.17 -38.92
CA ARG B 147 -16.47 8.38 -39.39
C ARG B 147 -17.10 8.22 -40.76
N LEU B 148 -16.38 7.64 -41.71
CA LEU B 148 -16.99 7.32 -42.98
C LEU B 148 -17.90 6.11 -42.81
N ALA B 149 -18.89 6.02 -43.70
CA ALA B 149 -19.91 5.00 -43.55
C ALA B 149 -19.37 3.62 -43.92
N THR B 150 -20.18 2.60 -43.68
CA THR B 150 -19.81 1.22 -43.96
C THR B 150 -20.01 0.84 -45.42
N THR B 151 -20.48 1.76 -46.25
CA THR B 151 -20.64 1.48 -47.67
C THR B 151 -19.31 1.35 -48.39
N MET B 152 -18.33 2.15 -47.99
CA MET B 152 -17.09 2.27 -48.74
C MET B 152 -16.21 1.03 -48.60
N THR B 153 -15.41 0.77 -49.63
CA THR B 153 -14.52 -0.37 -49.65
C THR B 153 -13.24 -0.01 -48.88
N ASN B 154 -12.54 -1.04 -48.41
CA ASN B 154 -11.18 -0.87 -47.88
C ASN B 154 -10.25 -0.30 -48.94
N HIS B 155 -10.45 -0.67 -50.21
CA HIS B 155 -9.72 -0.04 -51.30
C HIS B 155 -10.10 1.42 -51.44
N GLU B 156 -11.37 1.75 -51.21
CA GLU B 156 -11.80 3.14 -51.29
C GLU B 156 -11.27 3.94 -50.10
N LYS B 157 -11.31 3.34 -48.91
CA LYS B 157 -10.90 4.08 -47.72
C LYS B 157 -9.40 4.29 -47.65
N ASN B 158 -8.61 3.33 -48.12
CA ASN B 158 -7.16 3.48 -48.07
C ASN B 158 -6.64 4.48 -49.07
N GLU B 159 -7.33 4.65 -50.20
CA GLU B 159 -6.96 5.69 -51.15
C GLU B 159 -7.22 7.08 -50.60
N ARG B 160 -8.28 7.23 -49.80
CA ARG B 160 -8.54 8.51 -49.14
C ARG B 160 -7.46 8.85 -48.14
N ILE B 161 -6.94 7.84 -47.44
CA ILE B 161 -5.83 8.05 -46.52
C ILE B 161 -4.57 8.41 -47.29
N ASN B 162 -4.35 7.73 -48.43
CA ASN B 162 -3.23 8.04 -49.30
C ASN B 162 -3.34 9.43 -49.90
N ARG B 163 -4.57 9.94 -50.09
CA ARG B 163 -4.74 11.35 -50.44
C ARG B 163 -4.25 12.25 -49.32
N VAL B 164 -4.49 11.84 -48.07
CA VAL B 164 -4.18 12.69 -46.94
C VAL B 164 -2.69 12.69 -46.64
N ILE B 165 -2.11 11.49 -46.51
CA ILE B 165 -0.74 11.38 -46.03
C ILE B 165 0.25 11.84 -47.10
N GLN B 166 -0.14 11.81 -48.36
CA GLN B 166 0.68 12.46 -49.38
C GLN B 166 0.54 13.97 -49.33
N GLU B 167 -0.67 14.46 -48.99
CA GLU B 167 -0.86 15.90 -48.84
C GLU B 167 -0.13 16.43 -47.62
N LEU B 168 -0.07 15.65 -46.54
CA LEU B 168 0.66 16.10 -45.36
C LEU B 168 2.15 15.92 -45.49
N GLY B 169 2.60 15.18 -46.49
CA GLY B 169 4.03 14.95 -46.65
C GLY B 169 4.62 14.02 -45.63
N LEU B 170 3.85 13.05 -45.15
CA LEU B 170 4.32 12.10 -44.15
C LEU B 170 4.64 10.74 -44.75
N ASP B 171 5.21 10.72 -45.96
CA ASP B 171 5.49 9.47 -46.64
C ASP B 171 6.67 8.75 -45.99
N LYS B 172 7.65 9.48 -45.48
CA LYS B 172 8.83 8.87 -44.91
C LYS B 172 8.57 8.29 -43.53
N VAL B 173 7.55 8.79 -42.82
CA VAL B 173 7.14 8.23 -41.53
C VAL B 173 5.78 7.57 -41.63
N ALA B 174 5.42 7.08 -42.82
CA ALA B 174 4.09 6.54 -43.06
C ALA B 174 3.83 5.25 -42.29
N ASP B 175 4.88 4.50 -41.94
CA ASP B 175 4.73 3.29 -41.15
C ASP B 175 5.66 3.29 -39.96
N SER B 176 5.88 4.47 -39.37
CA SER B 176 6.73 4.61 -38.21
C SER B 176 5.88 4.74 -36.96
N LYS B 177 6.38 4.20 -35.84
CA LYS B 177 5.69 4.37 -34.57
C LYS B 177 5.74 5.82 -34.14
N VAL B 178 4.63 6.31 -33.58
CA VAL B 178 4.44 7.74 -33.36
C VAL B 178 5.35 8.23 -32.25
N GLY B 179 5.26 7.64 -31.07
CA GLY B 179 6.19 8.00 -30.02
C GLY B 179 5.61 7.95 -28.63
N THR B 180 6.35 7.33 -27.71
CA THR B 180 5.95 7.28 -26.31
C THR B 180 7.17 7.71 -25.50
N GLN B 181 7.11 7.61 -24.17
CA GLN B 181 8.32 7.80 -23.37
C GLN B 181 9.28 6.63 -23.55
N PHE B 182 8.75 5.43 -23.73
CA PHE B 182 9.57 4.23 -23.79
C PHE B 182 9.94 3.84 -25.21
N ILE B 183 9.41 4.53 -26.21
CA ILE B 183 9.69 4.23 -27.61
C ILE B 183 10.19 5.50 -28.28
N ARG B 184 11.34 5.41 -28.95
CA ARG B 184 11.79 6.49 -29.80
C ARG B 184 10.83 6.61 -30.99
N GLY B 185 10.22 7.78 -31.14
CA GLY B 185 9.19 7.90 -32.16
C GLY B 185 9.35 9.06 -33.10
N VAL B 186 8.28 9.37 -33.83
CA VAL B 186 8.28 10.47 -34.77
C VAL B 186 8.35 11.78 -34.01
N SER B 187 9.03 12.77 -34.56
CA SER B 187 9.27 14.05 -33.92
C SER B 187 7.97 14.80 -33.66
N GLY B 188 8.03 15.73 -32.71
CA GLY B 188 6.86 16.49 -32.30
C GLY B 188 6.33 17.43 -33.36
N GLY B 189 7.16 17.77 -34.35
CA GLY B 189 6.67 18.55 -35.46
C GLY B 189 5.80 17.79 -36.43
N GLU B 190 5.77 16.47 -36.32
CA GLU B 190 4.95 15.65 -37.21
C GLU B 190 3.88 14.87 -36.48
N ARG B 191 3.95 14.77 -35.15
CA ARG B 191 2.77 14.37 -34.39
C ARG B 191 1.62 15.33 -34.63
N LYS B 192 1.92 16.63 -34.65
CA LYS B 192 0.93 17.62 -35.00
C LYS B 192 0.46 17.45 -36.43
N ARG B 193 1.37 17.08 -37.33
CA ARG B 193 0.98 16.75 -38.69
C ARG B 193 0.08 15.52 -38.74
N THR B 194 0.28 14.60 -37.82
CA THR B 194 -0.58 13.41 -37.77
C THR B 194 -1.98 13.76 -37.31
N SER B 195 -2.07 14.58 -36.26
CA SER B 195 -3.36 14.83 -35.63
C SER B 195 -4.28 15.67 -36.50
N ILE B 196 -3.73 16.59 -37.30
CA ILE B 196 -4.55 17.40 -38.18
C ILE B 196 -5.18 16.55 -39.26
N GLY B 197 -4.44 15.55 -39.74
CA GLY B 197 -4.99 14.63 -40.73
C GLY B 197 -6.09 13.76 -40.20
N MET B 198 -6.16 13.54 -38.89
CA MET B 198 -7.22 12.76 -38.29
C MET B 198 -8.58 13.41 -38.45
N GLU B 199 -8.61 14.73 -38.61
CA GLU B 199 -9.84 15.45 -38.87
C GLU B 199 -10.07 15.72 -40.34
N LEU B 200 -9.09 15.45 -41.19
CA LEU B 200 -9.22 15.63 -42.63
C LEU B 200 -9.81 14.42 -43.31
N ILE B 201 -10.31 13.46 -42.55
CA ILE B 201 -10.73 12.19 -43.14
C ILE B 201 -12.05 12.35 -43.87
N THR B 202 -12.99 13.08 -43.30
CA THR B 202 -14.25 13.35 -43.97
C THR B 202 -14.14 14.41 -45.05
N ASP B 203 -12.94 14.98 -45.25
CA ASP B 203 -12.66 16.16 -46.05
C ASP B 203 -13.61 17.29 -45.69
N PRO B 204 -13.51 17.85 -44.48
CA PRO B 204 -14.48 18.86 -44.07
C PRO B 204 -14.16 20.20 -44.69
N SER B 205 -15.12 21.11 -44.60
CA SER B 205 -14.90 22.46 -45.09
C SER B 205 -14.37 23.38 -43.99
N ILE B 206 -14.66 23.05 -42.73
CA ILE B 206 -14.42 23.96 -41.63
C ILE B 206 -13.49 23.27 -40.63
N LEU B 207 -12.34 23.87 -40.38
CA LEU B 207 -11.34 23.32 -39.49
C LEU B 207 -11.19 24.20 -38.26
N PHE B 208 -11.02 23.57 -37.10
CA PHE B 208 -10.79 24.29 -35.85
C PHE B 208 -9.51 23.78 -35.22
N LEU B 209 -8.43 24.53 -35.38
CA LEU B 209 -7.19 24.24 -34.69
C LEU B 209 -7.17 24.98 -33.37
N ASP B 210 -6.63 24.36 -32.33
CA ASP B 210 -6.46 25.00 -31.04
C ASP B 210 -4.97 25.08 -30.77
N GLU B 211 -4.42 26.30 -30.90
CA GLU B 211 -3.01 26.63 -30.69
C GLU B 211 -2.08 25.69 -31.45
N PRO B 212 -2.01 25.77 -32.78
CA PRO B 212 -1.19 24.81 -33.52
C PRO B 212 0.30 25.08 -33.42
N THR B 213 0.72 26.16 -32.79
CA THR B 213 2.13 26.47 -32.66
C THR B 213 2.66 26.34 -31.25
N THR B 214 1.80 26.29 -30.25
CA THR B 214 2.27 26.23 -28.87
C THR B 214 2.83 24.85 -28.58
N GLY B 215 4.08 24.81 -28.13
CA GLY B 215 4.76 23.56 -27.88
C GLY B 215 5.79 23.20 -28.92
N LEU B 216 5.65 23.70 -30.13
CA LEU B 216 6.61 23.45 -31.19
C LEU B 216 7.76 24.43 -31.07
N ASP B 217 8.79 24.21 -31.86
CA ASP B 217 9.86 25.19 -31.94
C ASP B 217 9.49 26.24 -32.99
N SER B 218 10.24 27.34 -33.02
CA SER B 218 9.90 28.45 -33.90
C SER B 218 10.13 28.09 -35.36
N SER B 219 11.25 27.42 -35.65
CA SER B 219 11.48 26.91 -37.00
C SER B 219 10.59 25.71 -37.29
N THR B 220 10.15 25.00 -36.25
CA THR B 220 9.22 23.90 -36.44
C THR B 220 7.86 24.41 -36.90
N ALA B 221 7.38 25.49 -36.27
CA ALA B 221 6.03 25.97 -36.51
C ALA B 221 5.83 26.55 -37.90
N ASN B 222 6.89 27.06 -38.53
CA ASN B 222 6.75 27.61 -39.88
C ASN B 222 6.46 26.52 -40.89
N ALA B 223 6.91 25.29 -40.64
CA ALA B 223 6.55 24.19 -41.53
C ALA B 223 5.08 23.84 -41.41
N VAL B 224 4.50 24.01 -40.22
CA VAL B 224 3.10 23.69 -40.02
C VAL B 224 2.21 24.72 -40.70
N LEU B 225 2.54 25.99 -40.53
CA LEU B 225 1.66 27.06 -40.96
C LEU B 225 1.71 27.27 -42.47
N LEU B 226 2.88 27.08 -43.08
CA LEU B 226 2.96 27.12 -44.54
C LEU B 226 2.16 25.99 -45.17
N LEU B 227 2.05 24.85 -44.49
CA LEU B 227 1.13 23.81 -44.91
C LEU B 227 -0.32 24.28 -44.82
N LEU B 228 -0.63 25.02 -43.75
CA LEU B 228 -1.99 25.50 -43.55
C LEU B 228 -2.39 26.53 -44.58
N LYS B 229 -1.47 27.40 -44.98
CA LYS B 229 -1.75 28.31 -46.09
C LYS B 229 -1.88 27.53 -47.39
N ARG B 230 -1.12 26.44 -47.54
CA ARG B 230 -1.35 25.56 -48.67
C ARG B 230 -2.65 24.79 -48.54
N MET B 231 -3.12 24.58 -47.31
CA MET B 231 -4.46 24.04 -47.14
C MET B 231 -5.52 25.07 -47.44
N SER B 232 -5.22 26.34 -47.17
CA SER B 232 -6.22 27.40 -47.29
C SER B 232 -6.65 27.63 -48.73
N LYS B 233 -5.73 27.51 -49.68
CA LYS B 233 -6.06 27.74 -51.08
C LYS B 233 -6.85 26.60 -51.69
N GLN B 234 -6.99 25.48 -50.98
CA GLN B 234 -7.98 24.48 -51.36
C GLN B 234 -9.40 24.93 -51.08
N GLY B 235 -9.58 25.97 -50.27
CA GLY B 235 -10.90 26.46 -49.93
C GLY B 235 -11.37 26.09 -48.53
N ARG B 236 -10.48 25.64 -47.67
CA ARG B 236 -10.85 25.17 -46.35
C ARG B 236 -10.75 26.34 -45.36
N THR B 237 -11.85 26.60 -44.67
CA THR B 237 -11.93 27.74 -43.75
C THR B 237 -11.24 27.36 -42.45
N ILE B 238 -10.08 27.93 -42.20
CA ILE B 238 -9.24 27.53 -41.08
C ILE B 238 -9.36 28.56 -39.98
N ILE B 239 -9.74 28.10 -38.79
CA ILE B 239 -10.02 28.96 -37.64
C ILE B 239 -9.15 28.47 -36.49
N PHE B 240 -8.36 29.37 -35.91
CA PHE B 240 -7.46 29.00 -34.82
C PHE B 240 -7.10 30.23 -34.01
N SER B 241 -6.14 30.03 -33.11
CA SER B 241 -5.71 31.06 -32.18
C SER B 241 -4.26 30.77 -31.83
N ILE B 242 -3.44 31.81 -31.70
CA ILE B 242 -2.02 31.65 -31.41
C ILE B 242 -1.67 32.39 -30.12
N HIS B 243 -0.94 31.71 -29.24
CA HIS B 243 -0.24 32.40 -28.17
C HIS B 243 1.03 33.04 -28.72
N GLN B 244 1.02 34.38 -28.84
CA GLN B 244 2.09 35.30 -29.28
C GLN B 244 2.85 34.82 -30.52
N PRO B 245 2.28 34.99 -31.71
CA PRO B 245 2.98 34.63 -32.95
C PRO B 245 4.18 35.49 -33.29
N ARG B 246 4.75 35.26 -34.46
CA ARG B 246 5.89 36.01 -34.95
C ARG B 246 5.48 36.71 -36.24
N TYR B 247 6.25 37.71 -36.66
CA TYR B 247 5.92 38.42 -37.89
C TYR B 247 6.11 37.55 -39.12
N SER B 248 6.99 36.55 -39.05
CA SER B 248 7.08 35.57 -40.12
C SER B 248 5.84 34.69 -40.16
N ILE B 249 5.18 34.51 -39.03
CA ILE B 249 3.88 33.84 -39.01
C ILE B 249 2.78 34.77 -39.49
N PHE B 250 2.78 35.99 -38.96
CA PHE B 250 1.69 36.95 -39.14
C PHE B 250 1.54 37.41 -40.57
N LYS B 251 2.58 37.29 -41.40
CA LYS B 251 2.49 37.69 -42.79
C LYS B 251 1.71 36.71 -43.65
N LEU B 252 1.29 35.57 -43.08
CA LEU B 252 0.60 34.55 -43.85
C LEU B 252 -0.92 34.58 -43.66
N PHE B 253 -1.42 35.43 -42.77
CA PHE B 253 -2.82 35.37 -42.40
C PHE B 253 -3.71 35.98 -43.47
N ASP B 254 -5.01 35.85 -43.25
CA ASP B 254 -6.03 36.49 -44.07
C ASP B 254 -7.06 37.27 -43.27
N SER B 255 -7.40 36.83 -42.07
CA SER B 255 -8.35 37.57 -41.25
C SER B 255 -7.96 37.42 -39.80
N LEU B 256 -8.18 38.49 -39.03
CA LEU B 256 -7.67 38.61 -37.68
C LEU B 256 -8.76 39.10 -36.76
N THR B 257 -8.85 38.51 -35.56
CA THR B 257 -9.76 38.98 -34.52
C THR B 257 -9.01 39.12 -33.21
N LEU B 258 -8.96 40.34 -32.68
CA LEU B 258 -8.26 40.61 -31.43
C LEU B 258 -9.24 40.65 -30.27
N LEU B 259 -9.03 39.75 -29.31
CA LEU B 259 -9.90 39.66 -28.14
C LEU B 259 -9.07 39.87 -26.88
N ALA B 260 -9.66 40.54 -25.90
CA ALA B 260 -9.08 40.64 -24.56
C ALA B 260 -10.18 40.94 -23.57
N SER B 261 -10.24 40.13 -22.50
CA SER B 261 -11.12 40.33 -21.34
C SER B 261 -12.58 40.37 -21.73
N GLY B 262 -12.97 39.49 -22.65
CA GLY B 262 -14.36 39.37 -23.01
C GLY B 262 -14.90 40.50 -23.82
N ARG B 263 -14.08 41.15 -24.63
CA ARG B 263 -14.52 42.23 -25.49
C ARG B 263 -13.86 42.10 -26.87
N LEU B 264 -14.67 42.27 -27.91
CA LEU B 264 -14.14 42.34 -29.26
C LEU B 264 -13.37 43.62 -29.44
N MET B 265 -12.07 43.51 -29.71
CA MET B 265 -11.23 44.69 -29.81
C MET B 265 -10.68 44.95 -31.21
N PHE B 266 -10.66 43.94 -32.08
CA PHE B 266 -10.53 44.16 -33.51
C PHE B 266 -11.07 42.95 -34.23
N HIS B 267 -11.62 43.15 -35.42
CA HIS B 267 -11.97 42.06 -36.32
C HIS B 267 -11.98 42.58 -37.75
N GLY B 268 -11.06 42.09 -38.56
CA GLY B 268 -10.98 42.47 -39.95
C GLY B 268 -9.83 41.78 -40.64
N PRO B 269 -9.44 42.29 -41.81
CA PRO B 269 -8.26 41.75 -42.49
C PRO B 269 -6.99 42.06 -41.72
N ALA B 270 -6.12 41.05 -41.62
CA ALA B 270 -4.91 41.14 -40.81
C ALA B 270 -3.88 42.11 -41.38
N GLN B 271 -4.01 42.48 -42.66
CA GLN B 271 -3.11 43.47 -43.22
C GLN B 271 -3.34 44.86 -42.64
N GLU B 272 -4.59 45.22 -42.41
CA GLU B 272 -4.94 46.56 -41.95
C GLU B 272 -4.95 46.66 -40.44
N ALA B 273 -4.59 45.60 -39.72
CA ALA B 273 -4.67 45.63 -38.27
C ALA B 273 -3.60 46.54 -37.67
N LEU B 274 -2.44 46.64 -38.32
CA LEU B 274 -1.44 47.62 -37.89
C LEU B 274 -1.88 49.03 -38.25
N GLY B 275 -2.41 49.20 -39.46
CA GLY B 275 -2.82 50.52 -39.92
C GLY B 275 -4.03 51.07 -39.20
N TYR B 276 -4.84 50.22 -38.58
CA TYR B 276 -5.96 50.71 -37.81
C TYR B 276 -5.51 51.39 -36.53
N PHE B 277 -4.48 50.87 -35.90
CA PHE B 277 -4.06 51.38 -34.60
C PHE B 277 -3.20 52.63 -34.68
N GLU B 278 -2.58 52.90 -35.83
CA GLU B 278 -1.92 54.19 -36.00
C GLU B 278 -2.94 55.32 -36.03
N SER B 279 -4.12 55.06 -36.59
CA SER B 279 -5.23 56.01 -36.52
C SER B 279 -5.90 56.02 -35.16
N ALA B 280 -5.63 55.03 -34.31
CA ALA B 280 -6.22 55.00 -32.99
C ALA B 280 -5.56 55.95 -32.02
N GLY B 281 -4.26 56.24 -32.21
CA GLY B 281 -3.56 57.14 -31.33
C GLY B 281 -2.24 56.57 -30.82
N TYR B 282 -1.90 55.39 -31.28
CA TYR B 282 -0.67 54.71 -30.88
C TYR B 282 0.28 54.64 -32.07
N HIS B 283 1.58 54.66 -31.77
CA HIS B 283 2.59 54.64 -32.81
C HIS B 283 3.44 53.38 -32.67
N CYS B 284 3.65 52.69 -33.78
CA CYS B 284 4.48 51.51 -33.81
C CYS B 284 5.86 51.89 -34.35
N GLU B 285 6.89 51.66 -33.54
CA GLU B 285 8.25 51.95 -33.95
C GLU B 285 8.74 50.90 -34.95
N ALA B 286 9.85 51.21 -35.59
CA ALA B 286 10.48 50.24 -36.47
C ALA B 286 11.14 49.13 -35.65
N TYR B 287 11.38 48.01 -36.32
CA TYR B 287 11.95 46.79 -35.75
C TYR B 287 11.14 46.27 -34.56
N ASN B 288 9.82 46.30 -34.69
CA ASN B 288 8.91 45.83 -33.66
C ASN B 288 7.93 44.83 -34.26
N ASN B 289 7.61 43.80 -33.50
CA ASN B 289 6.59 42.84 -33.91
C ASN B 289 5.22 43.51 -33.88
N PRO B 290 4.46 43.51 -34.97
CA PRO B 290 3.09 44.05 -34.91
C PRO B 290 2.18 43.24 -34.01
N ALA B 291 2.39 41.93 -33.93
CA ALA B 291 1.54 41.10 -33.08
C ALA B 291 1.81 41.35 -31.61
N ASP B 292 3.07 41.50 -31.23
CA ASP B 292 3.40 41.91 -29.87
C ASP B 292 2.98 43.35 -29.60
N PHE B 293 2.94 44.18 -30.64
CA PHE B 293 2.49 45.56 -30.48
C PHE B 293 1.02 45.61 -30.14
N PHE B 294 0.25 44.61 -30.56
CA PHE B 294 -1.18 44.60 -30.29
C PHE B 294 -1.45 44.30 -28.83
N LEU B 295 -0.73 43.35 -28.25
CA LEU B 295 -0.85 43.07 -26.83
C LEU B 295 -0.14 44.11 -25.97
N ASP B 296 0.77 44.89 -26.57
CA ASP B 296 1.36 46.03 -25.86
C ASP B 296 0.31 47.09 -25.59
N ILE B 297 -0.66 47.22 -26.51
CA ILE B 297 -1.79 48.12 -26.29
C ILE B 297 -2.65 47.63 -25.15
N ILE B 298 -2.77 46.31 -24.99
CA ILE B 298 -3.66 45.73 -23.99
C ILE B 298 -3.12 45.96 -22.59
N ASN B 299 -1.80 45.98 -22.44
CA ASN B 299 -1.20 46.15 -21.13
C ASN B 299 -0.75 47.58 -20.86
N GLY B 300 -1.00 48.50 -21.79
CA GLY B 300 -0.77 49.91 -21.51
C GLY B 300 0.62 50.41 -21.83
N ASP B 301 1.07 50.19 -23.07
CA ASP B 301 2.37 50.65 -23.59
C ASP B 301 3.56 50.16 -22.77
N LEU B 328 -9.19 51.38 -19.45
CA LEU B 328 -8.39 51.16 -20.65
C LEU B 328 -9.08 50.19 -21.59
N ILE B 329 -9.69 49.16 -21.01
CA ILE B 329 -10.40 48.15 -21.79
C ILE B 329 -11.65 48.76 -22.43
N GLU B 330 -12.51 49.36 -21.60
CA GLU B 330 -13.73 49.96 -22.09
C GLU B 330 -13.46 51.21 -22.93
N LYS B 331 -12.30 51.85 -22.72
CA LYS B 331 -11.94 52.99 -23.54
C LYS B 331 -11.60 52.57 -24.96
N LEU B 332 -10.81 51.51 -25.11
CA LEU B 332 -10.43 51.02 -26.42
C LEU B 332 -11.55 50.31 -27.15
N ALA B 333 -12.52 49.76 -26.41
CA ALA B 333 -13.59 48.99 -27.05
C ALA B 333 -14.53 49.88 -27.84
N GLU B 334 -14.90 51.03 -27.28
CA GLU B 334 -15.81 51.94 -27.96
C GLU B 334 -15.14 52.66 -29.12
N ILE B 335 -13.81 52.69 -29.14
CA ILE B 335 -13.08 53.13 -30.33
C ILE B 335 -13.38 52.18 -31.49
N TYR B 336 -13.44 50.88 -31.19
CA TYR B 336 -13.70 49.91 -32.25
C TYR B 336 -15.17 49.92 -32.67
N VAL B 337 -16.07 50.36 -31.80
CA VAL B 337 -17.47 50.45 -32.20
C VAL B 337 -17.66 51.60 -33.20
N ASN B 338 -16.87 52.66 -33.06
CA ASN B 338 -16.93 53.78 -33.99
C ASN B 338 -15.98 53.61 -35.17
N SER B 339 -15.65 52.38 -35.53
CA SER B 339 -14.72 52.10 -36.61
C SER B 339 -15.39 52.23 -37.96
N SER B 340 -14.57 52.35 -38.99
CA SER B 340 -15.01 52.13 -40.35
C SER B 340 -15.07 50.66 -40.69
N PHE B 341 -14.47 49.80 -39.87
CA PHE B 341 -14.45 48.37 -40.12
C PHE B 341 -15.61 47.65 -39.43
N TYR B 342 -15.99 48.13 -38.25
CA TYR B 342 -17.14 47.58 -37.56
C TYR B 342 -18.43 47.88 -38.30
N LYS B 343 -18.50 49.08 -38.92
CA LYS B 343 -19.70 49.44 -39.65
C LYS B 343 -19.81 48.67 -40.96
N GLU B 344 -18.68 48.34 -41.59
CA GLU B 344 -18.73 47.41 -42.71
C GLU B 344 -19.14 46.02 -42.26
N THR B 345 -18.74 45.64 -41.04
CA THR B 345 -19.14 44.34 -40.51
C THR B 345 -20.62 44.34 -40.15
N LYS B 346 -21.10 45.43 -39.56
CA LYS B 346 -22.49 45.51 -39.12
C LYS B 346 -23.46 45.50 -40.31
N ALA B 347 -23.05 46.09 -41.43
CA ALA B 347 -23.87 46.07 -42.63
C ALA B 347 -23.80 44.75 -43.37
N GLU B 348 -22.96 43.82 -42.94
CA GLU B 348 -22.79 42.53 -43.59
C GLU B 348 -23.67 41.45 -42.98
N LEU B 349 -23.84 41.46 -41.67
CA LEU B 349 -24.62 40.43 -40.98
C LEU B 349 -26.10 40.54 -41.27
N HIS B 350 -26.62 41.75 -41.40
CA HIS B 350 -28.04 41.93 -41.65
C HIS B 350 -28.43 41.60 -43.09
N GLN B 351 -27.48 41.60 -44.02
CA GLN B 351 -27.78 41.08 -45.36
C GLN B 351 -28.00 39.58 -45.31
N LEU B 352 -27.26 38.87 -44.46
CA LEU B 352 -27.42 37.42 -44.35
C LEU B 352 -28.57 37.06 -43.41
N SER B 353 -28.71 37.78 -42.30
CA SER B 353 -29.78 37.47 -41.36
C SER B 353 -31.13 37.95 -41.89
N GLY B 354 -31.24 39.23 -42.21
CA GLY B 354 -32.47 39.77 -42.77
C GLY B 354 -32.46 39.74 -44.28
N TYR B 369 -26.00 5.36 -34.40
CA TYR B 369 -25.38 6.56 -34.91
C TYR B 369 -25.00 6.45 -36.38
N THR B 370 -23.80 6.93 -36.68
CA THR B 370 -23.23 6.77 -38.01
C THR B 370 -22.96 5.31 -38.32
N THR B 371 -22.47 4.57 -37.33
CA THR B 371 -21.99 3.21 -37.53
C THR B 371 -22.68 2.28 -36.55
N SER B 372 -22.81 1.02 -36.92
CA SER B 372 -23.49 0.02 -36.11
C SER B 372 -22.72 -0.26 -34.82
N PHE B 373 -23.42 -0.92 -33.89
CA PHE B 373 -22.85 -1.14 -32.57
C PHE B 373 -21.74 -2.17 -32.58
N CYS B 374 -21.95 -3.29 -33.27
CA CYS B 374 -20.95 -4.33 -33.32
C CYS B 374 -19.70 -3.89 -34.05
N HIS B 375 -19.82 -3.02 -35.04
CA HIS B 375 -18.65 -2.57 -35.75
C HIS B 375 -17.80 -1.63 -34.90
N GLN B 376 -18.44 -0.86 -34.02
CA GLN B 376 -17.68 0.04 -33.17
C GLN B 376 -16.90 -0.73 -32.12
N LEU B 377 -17.48 -1.80 -31.59
CA LEU B 377 -16.84 -2.51 -30.52
C LEU B 377 -15.67 -3.35 -31.00
N ARG B 378 -15.64 -3.67 -32.30
CA ARG B 378 -14.44 -4.28 -32.87
C ARG B 378 -13.29 -3.30 -32.85
N TRP B 379 -13.45 -2.16 -33.50
CA TRP B 379 -12.35 -1.25 -33.73
C TRP B 379 -11.89 -0.53 -32.49
N VAL B 380 -12.76 -0.36 -31.50
CA VAL B 380 -12.28 0.20 -30.25
C VAL B 380 -11.44 -0.82 -29.51
N SER B 381 -11.89 -2.06 -29.47
CA SER B 381 -11.12 -3.10 -28.80
C SER B 381 -9.88 -3.48 -29.59
N LYS B 382 -9.90 -3.29 -30.90
CA LYS B 382 -8.72 -3.58 -31.71
C LYS B 382 -7.63 -2.55 -31.48
N ARG B 383 -8.00 -1.28 -31.38
CA ARG B 383 -7.01 -0.22 -31.17
C ARG B 383 -6.37 -0.32 -29.79
N SER B 384 -7.16 -0.54 -28.75
CA SER B 384 -6.61 -0.62 -27.42
C SER B 384 -5.80 -1.89 -27.19
N PHE B 385 -6.07 -2.95 -27.94
CA PHE B 385 -5.29 -4.16 -27.80
C PHE B 385 -3.88 -3.99 -28.33
N LYS B 386 -3.73 -3.27 -29.45
CA LYS B 386 -2.40 -2.92 -29.92
C LYS B 386 -1.72 -1.97 -28.97
N ASN B 387 -2.50 -1.11 -28.31
CA ASN B 387 -1.96 -0.25 -27.26
C ASN B 387 -1.47 -1.08 -26.08
N LEU B 388 -2.10 -2.23 -25.85
CA LEU B 388 -1.62 -3.10 -24.78
C LEU B 388 -0.34 -3.81 -25.18
N LEU B 389 -0.24 -4.28 -26.43
CA LEU B 389 1.00 -4.93 -26.86
C LEU B 389 2.07 -3.90 -27.17
N GLY B 390 1.68 -2.72 -27.64
CA GLY B 390 2.65 -1.70 -27.98
C GLY B 390 3.30 -1.04 -26.78
N ASN B 391 2.78 -1.27 -25.58
CA ASN B 391 3.39 -0.80 -24.35
C ASN B 391 3.77 -2.05 -23.56
N PRO B 392 4.97 -2.59 -23.78
CA PRO B 392 5.35 -3.80 -23.06
C PRO B 392 5.68 -3.53 -21.60
N GLN B 393 6.37 -2.43 -21.31
CA GLN B 393 6.93 -2.19 -19.99
C GLN B 393 5.88 -1.88 -18.92
N ALA B 394 4.62 -1.73 -19.30
CA ALA B 394 3.55 -1.65 -18.33
C ALA B 394 2.73 -2.93 -18.27
N SER B 395 2.93 -3.85 -19.20
CA SER B 395 2.19 -5.10 -19.26
C SER B 395 3.05 -6.33 -19.10
N ILE B 396 4.24 -6.36 -19.71
CA ILE B 396 5.15 -7.47 -19.50
C ILE B 396 5.67 -7.45 -18.08
N ALA B 397 5.76 -6.26 -17.47
CA ALA B 397 6.21 -6.11 -16.09
C ALA B 397 5.34 -6.85 -15.09
N GLN B 398 4.02 -6.71 -15.19
CA GLN B 398 3.12 -7.38 -14.27
C GLN B 398 3.07 -8.87 -14.47
N ILE B 399 3.53 -9.38 -15.61
CA ILE B 399 3.78 -10.81 -15.71
C ILE B 399 5.02 -11.18 -14.90
N ILE B 400 6.07 -10.38 -14.98
CA ILE B 400 7.31 -10.66 -14.27
C ILE B 400 7.12 -10.57 -12.76
N VAL B 401 6.36 -9.54 -12.32
CA VAL B 401 6.01 -9.36 -10.92
C VAL B 401 5.22 -10.54 -10.40
N THR B 402 4.38 -11.12 -11.24
CA THR B 402 3.58 -12.26 -10.84
C THR B 402 4.44 -13.49 -10.62
N VAL B 403 5.37 -13.75 -11.54
CA VAL B 403 6.16 -14.98 -11.48
C VAL B 403 7.15 -14.92 -10.33
N VAL B 404 7.82 -13.78 -10.16
CA VAL B 404 8.85 -13.62 -9.14
C VAL B 404 8.25 -13.71 -7.74
N LEU B 405 7.20 -12.93 -7.49
CA LEU B 405 6.52 -13.02 -6.22
C LEU B 405 5.83 -14.36 -6.05
N GLY B 406 5.42 -14.98 -7.16
CA GLY B 406 4.88 -16.33 -7.08
C GLY B 406 5.90 -17.35 -6.65
N LEU B 407 7.16 -17.17 -7.04
CA LEU B 407 8.19 -18.11 -6.62
C LEU B 407 8.60 -17.90 -5.17
N VAL B 408 8.56 -16.66 -4.69
CA VAL B 408 8.94 -16.38 -3.31
C VAL B 408 7.95 -17.00 -2.34
N ILE B 409 6.66 -16.84 -2.62
CA ILE B 409 5.63 -17.48 -1.81
C ILE B 409 5.68 -18.99 -1.98
N GLY B 410 6.18 -19.45 -3.13
CA GLY B 410 6.49 -20.85 -3.26
C GLY B 410 7.68 -21.28 -2.44
N ALA B 411 8.59 -20.37 -2.13
CA ALA B 411 9.79 -20.78 -1.42
C ALA B 411 9.59 -20.75 0.08
N ILE B 412 8.96 -19.69 0.58
CA ILE B 412 8.75 -19.54 2.02
C ILE B 412 7.83 -20.61 2.54
N TYR B 413 6.72 -20.84 1.86
CA TYR B 413 5.71 -21.77 2.31
C TYR B 413 5.88 -23.14 1.69
N PHE B 414 7.11 -23.60 1.48
CA PHE B 414 7.31 -24.89 0.85
C PHE B 414 6.79 -25.98 1.77
N GLY B 415 6.45 -27.13 1.17
CA GLY B 415 5.27 -27.93 1.47
C GLY B 415 4.73 -27.95 2.88
N LEU B 416 3.46 -27.60 2.99
CA LEU B 416 2.87 -27.27 4.27
C LEU B 416 2.66 -28.52 5.10
N LYS B 417 2.92 -28.42 6.38
CA LYS B 417 2.81 -29.56 7.27
C LYS B 417 1.41 -29.63 7.85
N ASN B 418 0.98 -30.84 8.16
CA ASN B 418 -0.25 -31.04 8.88
C ASN B 418 0.03 -31.18 10.37
N ASP B 419 0.60 -30.13 10.94
CA ASP B 419 0.87 -30.08 12.37
C ASP B 419 0.22 -28.82 12.92
N SER B 420 0.55 -28.47 14.16
CA SER B 420 -0.12 -27.37 14.85
C SER B 420 0.17 -26.03 14.19
N THR B 421 1.32 -25.90 13.56
CA THR B 421 1.65 -24.68 12.85
C THR B 421 1.00 -24.62 11.48
N GLY B 422 0.38 -25.72 11.04
CA GLY B 422 -0.11 -25.79 9.67
C GLY B 422 -1.30 -24.89 9.39
N ILE B 423 -2.12 -24.63 10.40
CA ILE B 423 -3.26 -23.75 10.23
C ILE B 423 -2.81 -22.33 10.01
N GLN B 424 -1.78 -21.91 10.76
CA GLN B 424 -1.30 -20.54 10.66
C GLN B 424 -0.66 -20.29 9.31
N ASN B 425 0.00 -21.29 8.74
CA ASN B 425 0.60 -21.11 7.43
C ASN B 425 -0.43 -21.07 6.31
N ARG B 426 -1.39 -22.01 6.33
CA ARG B 426 -2.36 -22.09 5.25
C ARG B 426 -3.27 -20.88 5.24
N ALA B 427 -3.74 -20.43 6.39
CA ALA B 427 -4.48 -19.19 6.42
C ALA B 427 -3.58 -17.98 6.24
N GLY B 428 -2.27 -18.16 6.31
CA GLY B 428 -1.39 -17.06 6.04
C GLY B 428 -1.29 -16.78 4.56
N VAL B 429 -1.02 -17.82 3.76
CA VAL B 429 -0.81 -17.63 2.34
C VAL B 429 -2.09 -17.21 1.64
N LEU B 430 -3.23 -17.78 2.02
CA LEU B 430 -4.50 -17.44 1.40
C LEU B 430 -4.92 -16.02 1.69
N PHE B 431 -4.55 -15.48 2.84
CA PHE B 431 -4.75 -14.06 3.06
C PHE B 431 -3.81 -13.24 2.21
N PHE B 432 -2.62 -13.74 1.94
CA PHE B 432 -1.70 -12.94 1.16
C PHE B 432 -2.10 -12.91 -0.31
N LEU B 433 -2.74 -13.97 -0.79
CA LEU B 433 -3.11 -14.00 -2.19
C LEU B 433 -4.30 -13.10 -2.49
N THR B 434 -5.32 -13.10 -1.63
CA THR B 434 -6.51 -12.30 -1.92
C THR B 434 -6.25 -10.81 -1.82
N THR B 435 -5.39 -10.41 -0.89
CA THR B 435 -5.05 -9.00 -0.85
C THR B 435 -4.04 -8.62 -1.91
N ASN B 436 -3.24 -9.57 -2.41
CA ASN B 436 -2.37 -9.26 -3.53
C ASN B 436 -3.18 -8.98 -4.77
N GLN B 437 -4.30 -9.68 -4.94
CA GLN B 437 -5.19 -9.36 -6.05
C GLN B 437 -5.83 -8.00 -5.89
N CYS B 438 -6.24 -7.65 -4.67
CA CYS B 438 -6.92 -6.38 -4.44
C CYS B 438 -5.97 -5.21 -4.57
N PHE B 439 -4.88 -5.22 -3.79
CA PHE B 439 -3.99 -4.07 -3.73
C PHE B 439 -3.18 -3.86 -5.00
N SER B 440 -3.08 -4.84 -5.87
CA SER B 440 -2.41 -4.62 -7.13
C SER B 440 -3.32 -4.04 -8.19
N SER B 441 -4.64 -4.13 -8.01
CA SER B 441 -5.60 -3.61 -8.97
C SER B 441 -5.81 -2.12 -8.83
N VAL B 442 -5.03 -1.45 -7.98
CA VAL B 442 -4.96 -0.01 -7.97
C VAL B 442 -4.40 0.53 -9.28
N SER B 443 -3.61 -0.26 -10.01
CA SER B 443 -3.13 0.08 -11.34
C SER B 443 -4.25 0.26 -12.37
N ALA B 444 -5.46 -0.22 -12.08
CA ALA B 444 -6.59 0.00 -12.98
C ALA B 444 -7.09 1.43 -12.95
N VAL B 445 -6.61 2.27 -12.03
CA VAL B 445 -6.98 3.68 -12.04
C VAL B 445 -6.37 4.37 -13.25
N GLU B 446 -5.23 3.88 -13.72
CA GLU B 446 -4.56 4.37 -14.92
C GLU B 446 -5.39 4.20 -16.19
N LEU B 447 -6.42 3.34 -16.17
CA LEU B 447 -7.15 2.98 -17.38
C LEU B 447 -7.97 4.15 -17.92
N PHE B 448 -8.93 4.64 -17.16
CA PHE B 448 -9.84 5.65 -17.69
C PHE B 448 -9.38 7.07 -17.46
N VAL B 449 -8.31 7.29 -16.70
CA VAL B 449 -7.87 8.63 -16.38
C VAL B 449 -6.88 9.15 -17.41
N VAL B 450 -5.96 8.30 -17.87
CA VAL B 450 -4.98 8.74 -18.85
C VAL B 450 -5.64 8.96 -20.21
N GLU B 451 -6.63 8.14 -20.54
CA GLU B 451 -7.31 8.25 -21.83
C GLU B 451 -8.49 9.20 -21.79
N LYS B 452 -8.58 10.07 -20.78
CA LYS B 452 -9.81 10.82 -20.54
C LYS B 452 -10.03 11.89 -21.60
N LYS B 453 -9.01 12.67 -21.91
CA LYS B 453 -9.19 13.71 -22.91
C LYS B 453 -9.31 13.15 -24.31
N LEU B 454 -8.79 11.95 -24.56
CA LEU B 454 -9.09 11.32 -25.83
C LEU B 454 -10.53 10.86 -25.89
N PHE B 455 -11.06 10.38 -24.76
CA PHE B 455 -12.44 9.93 -24.70
C PHE B 455 -13.41 11.07 -24.94
N ILE B 456 -13.11 12.25 -24.38
CA ILE B 456 -14.05 13.35 -24.45
C ILE B 456 -14.09 13.95 -25.85
N HIS B 457 -12.92 14.13 -26.46
CA HIS B 457 -12.89 14.72 -27.80
C HIS B 457 -13.48 13.79 -28.84
N GLU B 458 -13.36 12.49 -28.63
CA GLU B 458 -13.93 11.58 -29.59
C GLU B 458 -15.44 11.48 -29.45
N TYR B 459 -15.98 11.52 -28.24
CA TYR B 459 -17.41 11.36 -28.09
C TYR B 459 -18.17 12.58 -28.58
N ILE B 460 -17.59 13.76 -28.43
CA ILE B 460 -18.18 14.94 -29.07
C ILE B 460 -18.08 14.82 -30.58
N SER B 461 -16.94 14.34 -31.08
CA SER B 461 -16.81 14.00 -32.48
C SER B 461 -17.68 12.81 -32.85
N GLY B 462 -18.04 11.98 -31.88
CA GLY B 462 -19.03 10.96 -32.11
C GLY B 462 -18.49 9.80 -32.92
N TYR B 463 -17.35 9.28 -32.51
CA TYR B 463 -16.80 8.13 -33.21
C TYR B 463 -17.54 6.87 -32.79
N TYR B 464 -18.15 6.90 -31.63
CA TYR B 464 -18.77 5.74 -31.02
C TYR B 464 -19.76 6.15 -29.95
N ARG B 465 -20.39 5.15 -29.35
CA ARG B 465 -21.27 5.37 -28.22
C ARG B 465 -20.51 5.12 -26.92
N VAL B 466 -21.08 5.60 -25.81
CA VAL B 466 -20.43 5.38 -24.53
C VAL B 466 -20.65 3.95 -24.09
N SER B 467 -21.75 3.34 -24.54
CA SER B 467 -21.91 1.90 -24.34
C SER B 467 -20.85 1.13 -25.10
N SER B 468 -20.51 1.57 -26.30
CA SER B 468 -19.53 0.84 -27.10
C SER B 468 -18.11 1.06 -26.63
N TYR B 469 -17.81 2.22 -26.05
CA TYR B 469 -16.47 2.47 -25.53
C TYR B 469 -16.21 1.63 -24.30
N PHE B 470 -17.23 1.49 -23.47
CA PHE B 470 -17.01 0.90 -22.16
C PHE B 470 -16.93 -0.61 -22.27
N LEU B 471 -17.72 -1.21 -23.15
CA LEU B 471 -17.64 -2.66 -23.29
C LEU B 471 -16.42 -3.08 -24.08
N GLY B 472 -15.88 -2.19 -24.92
CA GLY B 472 -14.73 -2.55 -25.69
C GLY B 472 -13.44 -2.56 -24.90
N LYS B 473 -13.15 -1.48 -24.19
CA LYS B 473 -11.91 -1.37 -23.47
C LYS B 473 -11.83 -2.33 -22.29
N LEU B 474 -12.95 -2.70 -21.69
CA LEU B 474 -12.92 -3.80 -20.74
C LEU B 474 -12.58 -5.12 -21.41
N LEU B 475 -13.08 -5.32 -22.63
CA LEU B 475 -12.76 -6.52 -23.37
C LEU B 475 -11.32 -6.48 -23.86
N SER B 476 -10.75 -5.29 -23.98
CA SER B 476 -9.40 -5.17 -24.49
C SER B 476 -8.33 -5.13 -23.41
N ASP B 477 -8.51 -4.35 -22.36
CA ASP B 477 -7.44 -4.17 -21.38
C ASP B 477 -7.65 -4.95 -20.10
N LEU B 478 -8.80 -4.76 -19.45
CA LEU B 478 -9.01 -5.33 -18.13
C LEU B 478 -9.18 -6.83 -18.15
N LEU B 479 -9.91 -7.35 -19.14
CA LEU B 479 -10.16 -8.80 -19.19
C LEU B 479 -8.90 -9.64 -19.36
N PRO B 480 -7.97 -9.37 -20.31
CA PRO B 480 -6.81 -10.26 -20.39
C PRO B 480 -5.75 -9.97 -19.36
N MET B 481 -5.59 -8.74 -18.90
CA MET B 481 -4.53 -8.45 -17.94
C MET B 481 -4.92 -8.76 -16.51
N ARG B 482 -6.02 -9.46 -16.29
CA ARG B 482 -6.34 -10.02 -15.00
C ARG B 482 -6.56 -11.52 -15.03
N MET B 483 -6.86 -12.08 -16.21
CA MET B 483 -6.86 -13.54 -16.33
C MET B 483 -5.46 -14.11 -16.17
N LEU B 484 -4.45 -13.41 -16.69
CA LEU B 484 -3.09 -13.95 -16.67
C LEU B 484 -2.50 -14.09 -15.27
N PRO B 485 -2.49 -13.09 -14.38
CA PRO B 485 -1.83 -13.30 -13.08
C PRO B 485 -2.55 -14.27 -12.18
N SER B 486 -3.87 -14.38 -12.28
CA SER B 486 -4.58 -15.34 -11.44
C SER B 486 -4.35 -16.78 -11.87
N ILE B 487 -3.89 -17.00 -13.11
CA ILE B 487 -3.49 -18.33 -13.50
C ILE B 487 -2.07 -18.63 -13.04
N ILE B 488 -1.19 -17.63 -13.12
CA ILE B 488 0.22 -17.86 -12.81
C ILE B 488 0.43 -18.02 -11.30
N PHE B 489 -0.32 -17.28 -10.48
CA PHE B 489 -0.34 -17.58 -9.06
C PHE B 489 -0.96 -18.93 -8.78
N THR B 490 -1.91 -19.34 -9.62
CA THR B 490 -2.52 -20.65 -9.40
C THR B 490 -1.58 -21.77 -9.83
N CYS B 491 -0.91 -21.61 -10.98
CA CYS B 491 -0.12 -22.71 -11.50
C CYS B 491 1.15 -22.95 -10.71
N ILE B 492 1.80 -21.88 -10.27
CA ILE B 492 3.08 -22.05 -9.57
C ILE B 492 2.87 -22.59 -8.17
N VAL B 493 2.14 -21.85 -7.34
CA VAL B 493 2.23 -22.09 -5.91
C VAL B 493 1.37 -23.25 -5.45
N TYR B 494 0.52 -23.79 -6.31
CA TYR B 494 -0.42 -24.78 -5.82
C TYR B 494 0.25 -26.12 -5.54
N PHE B 495 1.33 -26.42 -6.24
CA PHE B 495 2.02 -27.67 -5.99
C PHE B 495 3.33 -27.50 -5.25
N MET B 496 3.84 -26.27 -5.16
CA MET B 496 4.96 -26.05 -4.25
C MET B 496 4.48 -26.06 -2.81
N LEU B 497 3.32 -25.44 -2.57
CA LEU B 497 2.74 -25.47 -1.23
C LEU B 497 2.17 -26.84 -0.92
N GLY B 498 1.63 -27.52 -1.90
CA GLY B 498 0.98 -28.78 -1.64
C GLY B 498 -0.34 -28.57 -0.95
N LEU B 499 -1.23 -27.82 -1.59
CA LEU B 499 -2.60 -27.67 -1.12
C LEU B 499 -3.39 -28.90 -1.51
N LYS B 500 -4.72 -28.87 -1.28
CA LYS B 500 -5.60 -30.03 -1.37
C LYS B 500 -5.60 -30.64 -2.76
N PRO B 501 -4.99 -31.81 -2.93
CA PRO B 501 -4.61 -32.27 -4.27
C PRO B 501 -5.76 -32.96 -5.01
N LYS B 502 -6.83 -32.22 -5.25
CA LYS B 502 -7.93 -32.73 -6.06
C LYS B 502 -8.00 -31.94 -7.35
N ALA B 503 -8.83 -32.41 -8.28
CA ALA B 503 -8.93 -31.77 -9.57
C ALA B 503 -9.70 -30.47 -9.50
N ASP B 504 -10.85 -30.46 -8.84
CA ASP B 504 -11.69 -29.28 -8.81
C ASP B 504 -11.10 -28.16 -7.97
N ALA B 505 -10.51 -28.49 -6.82
CA ALA B 505 -9.99 -27.48 -5.90
C ALA B 505 -8.83 -26.69 -6.49
N PHE B 506 -8.17 -27.25 -7.50
CA PHE B 506 -7.25 -26.43 -8.27
C PHE B 506 -7.99 -25.36 -9.06
N PHE B 507 -9.13 -25.71 -9.62
CA PHE B 507 -9.84 -24.75 -10.44
C PHE B 507 -10.78 -23.86 -9.65
N VAL B 508 -11.23 -24.30 -8.48
CA VAL B 508 -12.00 -23.41 -7.62
C VAL B 508 -11.11 -22.29 -7.12
N MET B 509 -9.87 -22.61 -6.75
CA MET B 509 -8.91 -21.59 -6.38
C MET B 509 -8.56 -20.70 -7.57
N MET B 510 -8.49 -21.29 -8.76
CA MET B 510 -8.19 -20.49 -9.95
C MET B 510 -9.31 -19.52 -10.25
N PHE B 511 -10.55 -19.98 -10.12
CA PHE B 511 -11.69 -19.11 -10.40
C PHE B 511 -11.84 -18.03 -9.34
N THR B 512 -11.49 -18.35 -8.10
CA THR B 512 -11.71 -17.44 -7.00
C THR B 512 -10.79 -16.24 -7.06
N LEU B 513 -9.52 -16.46 -7.36
CA LEU B 513 -8.62 -15.34 -7.55
C LEU B 513 -8.97 -14.51 -8.77
N MET B 514 -9.65 -15.08 -9.76
CA MET B 514 -10.00 -14.28 -10.91
C MET B 514 -11.14 -13.32 -10.62
N MET B 515 -12.13 -13.75 -9.83
CA MET B 515 -13.25 -12.90 -9.50
C MET B 515 -12.84 -11.75 -8.60
N VAL B 516 -12.06 -12.05 -7.56
CA VAL B 516 -11.60 -11.03 -6.63
C VAL B 516 -10.64 -10.05 -7.29
N ALA B 517 -9.98 -10.46 -8.37
CA ALA B 517 -9.24 -9.49 -9.16
C ALA B 517 -10.18 -8.60 -9.96
N TYR B 518 -11.28 -9.14 -10.48
CA TYR B 518 -12.25 -8.32 -11.19
C TYR B 518 -13.00 -7.41 -10.25
N SER B 519 -13.35 -7.91 -9.07
CA SER B 519 -14.14 -7.14 -8.14
C SER B 519 -13.39 -5.93 -7.62
N ALA B 520 -12.12 -6.09 -7.31
CA ALA B 520 -11.32 -4.93 -6.93
C ALA B 520 -11.07 -4.03 -8.11
N SER B 521 -10.96 -4.59 -9.31
CA SER B 521 -10.75 -3.77 -10.49
C SER B 521 -12.00 -2.96 -10.81
N SER B 522 -13.16 -3.55 -10.60
CA SER B 522 -14.40 -2.84 -10.88
C SER B 522 -14.61 -1.69 -9.92
N MET B 523 -14.15 -1.86 -8.68
CA MET B 523 -14.23 -0.77 -7.73
C MET B 523 -13.29 0.36 -8.11
N ALA B 524 -12.15 0.01 -8.70
CA ALA B 524 -11.22 1.04 -9.13
C ALA B 524 -11.79 1.86 -10.28
N LEU B 525 -12.53 1.24 -11.19
CA LEU B 525 -13.17 2.00 -12.24
C LEU B 525 -14.36 2.79 -11.70
N ALA B 526 -14.95 2.33 -10.61
CA ALA B 526 -16.08 3.03 -10.02
C ALA B 526 -15.65 4.31 -9.33
N ILE B 527 -14.37 4.45 -9.01
CA ILE B 527 -13.88 5.66 -8.39
C ILE B 527 -13.12 6.52 -9.37
N ALA B 528 -12.28 5.91 -10.20
CA ALA B 528 -11.41 6.66 -11.08
C ALA B 528 -12.15 7.36 -12.21
N ALA B 529 -13.22 6.76 -12.74
CA ALA B 529 -13.81 7.24 -13.98
C ALA B 529 -14.51 8.58 -13.74
N GLY B 530 -14.09 9.59 -14.49
CA GLY B 530 -14.59 10.93 -14.32
C GLY B 530 -13.57 11.90 -13.76
N GLN B 531 -12.65 11.41 -12.93
CA GLN B 531 -11.64 12.29 -12.38
C GLN B 531 -10.47 12.40 -13.35
N SER B 532 -9.70 13.47 -13.20
CA SER B 532 -8.61 13.75 -14.12
C SER B 532 -7.23 13.57 -13.50
N VAL B 533 -7.14 13.48 -12.18
CA VAL B 533 -5.87 13.24 -11.51
C VAL B 533 -5.79 11.79 -11.10
N VAL B 534 -4.58 11.29 -10.94
CA VAL B 534 -4.39 9.91 -10.54
C VAL B 534 -4.31 9.79 -9.03
N SER B 535 -3.63 10.74 -8.40
CA SER B 535 -3.17 10.57 -7.01
C SER B 535 -4.30 10.63 -6.00
N VAL B 536 -5.33 11.44 -6.25
CA VAL B 536 -6.43 11.54 -5.31
C VAL B 536 -7.24 10.25 -5.28
N ALA B 537 -7.48 9.67 -6.45
CA ALA B 537 -8.19 8.39 -6.51
C ALA B 537 -7.34 7.25 -5.99
N THR B 538 -6.03 7.32 -6.23
CA THR B 538 -5.13 6.26 -5.79
C THR B 538 -5.04 6.22 -4.28
N LEU B 539 -5.03 7.40 -3.65
CA LEU B 539 -5.08 7.47 -2.20
C LEU B 539 -6.41 6.96 -1.68
N LEU B 540 -7.49 7.24 -2.40
CA LEU B 540 -8.80 6.82 -1.94
C LEU B 540 -9.01 5.32 -2.14
N MET B 541 -8.36 4.74 -3.15
CA MET B 541 -8.34 3.28 -3.25
C MET B 541 -7.55 2.67 -2.10
N THR B 542 -6.52 3.37 -1.64
CA THR B 542 -5.70 2.85 -0.57
C THR B 542 -6.44 2.85 0.76
N ILE B 543 -7.23 3.90 1.02
CA ILE B 543 -8.00 3.96 2.25
C ILE B 543 -9.11 2.92 2.25
N CYS B 544 -9.72 2.69 1.08
CA CYS B 544 -10.84 1.77 1.02
C CYS B 544 -10.42 0.32 1.23
N PHE B 545 -9.19 -0.02 0.93
CA PHE B 545 -8.79 -1.41 1.06
C PHE B 545 -8.39 -1.74 2.49
N VAL B 546 -7.67 -0.84 3.16
CA VAL B 546 -7.22 -1.12 4.52
C VAL B 546 -8.35 -1.17 5.52
N PHE B 547 -9.52 -0.63 5.20
CA PHE B 547 -10.69 -0.90 6.01
C PHE B 547 -11.40 -2.17 5.59
N MET B 548 -11.39 -2.50 4.30
CA MET B 548 -11.89 -3.81 3.89
C MET B 548 -11.02 -4.94 4.41
N MET B 549 -9.74 -4.69 4.60
CA MET B 549 -8.82 -5.73 4.99
C MET B 549 -9.02 -6.18 6.43
N ILE B 550 -9.44 -5.27 7.30
CA ILE B 550 -9.64 -5.61 8.71
C ILE B 550 -10.76 -6.63 8.85
N PHE B 551 -11.82 -6.49 8.05
CA PHE B 551 -12.98 -7.34 8.16
C PHE B 551 -12.85 -8.66 7.41
N SER B 552 -11.65 -8.99 6.92
CA SER B 552 -11.52 -10.21 6.12
C SER B 552 -11.56 -11.47 6.97
N GLY B 553 -11.15 -11.39 8.22
CA GLY B 553 -11.23 -12.54 9.10
C GLY B 553 -9.91 -13.03 9.62
N LEU B 554 -8.78 -12.51 9.15
CA LEU B 554 -7.50 -12.89 9.72
C LEU B 554 -7.10 -12.03 10.89
N LEU B 555 -7.25 -10.71 10.76
CA LEU B 555 -6.84 -9.83 11.84
C LEU B 555 -7.80 -9.91 13.02
N VAL B 556 -9.05 -9.56 12.83
CA VAL B 556 -10.07 -9.64 13.88
C VAL B 556 -10.85 -10.93 13.64
N ASN B 557 -11.46 -11.46 14.69
CA ASN B 557 -12.40 -12.55 14.50
C ASN B 557 -13.76 -11.94 14.19
N LEU B 558 -14.43 -12.45 13.16
CA LEU B 558 -15.67 -11.81 12.74
C LEU B 558 -16.83 -12.06 13.69
N THR B 559 -16.89 -13.20 14.36
CA THR B 559 -18.04 -13.48 15.20
C THR B 559 -17.97 -12.81 16.56
N THR B 560 -16.96 -11.99 16.83
CA THR B 560 -16.90 -11.27 18.08
C THR B 560 -16.86 -9.77 17.91
N ILE B 561 -17.10 -9.26 16.70
CA ILE B 561 -17.37 -7.84 16.57
C ILE B 561 -18.73 -7.56 17.22
N ALA B 562 -18.83 -6.41 17.88
CA ALA B 562 -20.12 -5.95 18.38
C ALA B 562 -21.10 -5.78 17.23
N SER B 563 -22.38 -6.02 17.51
CA SER B 563 -23.36 -6.20 16.45
C SER B 563 -23.72 -4.91 15.74
N TRP B 564 -23.28 -3.77 16.23
CA TRP B 564 -23.53 -2.52 15.51
C TRP B 564 -22.37 -2.10 14.64
N LEU B 565 -21.33 -2.92 14.51
CA LEU B 565 -20.35 -2.81 13.44
C LEU B 565 -20.38 -3.99 12.51
N SER B 566 -20.97 -5.11 12.94
CA SER B 566 -20.89 -6.36 12.20
C SER B 566 -21.63 -6.33 10.88
N TRP B 567 -22.46 -5.33 10.65
CA TRP B 567 -23.06 -5.15 9.34
C TRP B 567 -22.07 -4.65 8.31
N LEU B 568 -20.92 -4.11 8.73
CA LEU B 568 -19.94 -3.64 7.77
C LEU B 568 -19.19 -4.78 7.09
N GLN B 569 -19.27 -6.00 7.59
CA GLN B 569 -18.44 -7.05 7.05
C GLN B 569 -18.93 -7.58 5.71
N TYR B 570 -19.99 -7.01 5.17
CA TYR B 570 -20.51 -7.41 3.87
C TYR B 570 -20.01 -6.55 2.73
N PHE B 571 -19.56 -5.34 3.02
CA PHE B 571 -19.09 -4.42 1.98
C PHE B 571 -17.67 -4.73 1.51
N SER B 572 -17.05 -5.79 2.02
CA SER B 572 -15.61 -5.94 1.95
C SER B 572 -15.24 -7.04 0.98
N ILE B 573 -14.69 -6.66 -0.17
CA ILE B 573 -14.24 -7.55 -1.22
C ILE B 573 -13.21 -8.58 -0.75
N PRO B 574 -12.16 -8.26 0.02
CA PRO B 574 -11.24 -9.33 0.43
C PRO B 574 -11.83 -10.30 1.42
N ARG B 575 -13.01 -10.04 1.97
CA ARG B 575 -13.62 -11.07 2.79
C ARG B 575 -14.12 -12.21 1.92
N TYR B 576 -14.71 -11.91 0.77
CA TYR B 576 -15.41 -12.95 0.02
C TYR B 576 -14.47 -13.89 -0.68
N GLY B 577 -13.36 -13.39 -1.21
CA GLY B 577 -12.36 -14.27 -1.77
C GLY B 577 -11.70 -15.14 -0.72
N PHE B 578 -11.24 -14.53 0.37
CA PHE B 578 -10.61 -15.24 1.47
C PHE B 578 -11.54 -16.22 2.15
N THR B 579 -12.84 -15.92 2.20
CA THR B 579 -13.77 -16.91 2.72
C THR B 579 -13.88 -18.09 1.79
N ALA B 580 -13.86 -17.82 0.48
CA ALA B 580 -13.96 -18.87 -0.50
C ALA B 580 -12.72 -19.74 -0.55
N LEU B 581 -11.54 -19.14 -0.43
CA LEU B 581 -10.33 -19.93 -0.45
C LEU B 581 -10.19 -20.77 0.79
N GLN B 582 -10.62 -20.26 1.94
CA GLN B 582 -10.61 -21.08 3.13
C GLN B 582 -11.60 -22.22 3.05
N HIS B 583 -12.70 -22.03 2.33
CA HIS B 583 -13.64 -23.14 2.23
C HIS B 583 -13.15 -24.17 1.24
N ASN B 584 -12.33 -23.75 0.29
CA ASN B 584 -11.85 -24.67 -0.73
C ASN B 584 -10.78 -25.61 -0.18
N GLU B 585 -10.21 -25.27 0.96
CA GLU B 585 -8.92 -25.81 1.31
C GLU B 585 -8.88 -26.45 2.70
N PHE B 586 -9.75 -26.04 3.62
CA PHE B 586 -9.75 -26.63 4.94
C PHE B 586 -10.80 -27.71 5.15
N LEU B 587 -11.36 -28.28 4.08
CA LEU B 587 -12.45 -29.23 4.32
C LEU B 587 -11.98 -30.57 4.85
N GLY B 588 -11.15 -31.27 4.09
CA GLY B 588 -10.78 -32.61 4.51
C GLY B 588 -9.41 -32.70 5.15
N GLN B 589 -9.08 -31.75 6.01
CA GLN B 589 -7.74 -31.66 6.57
C GLN B 589 -7.75 -32.09 8.03
N ASN B 590 -6.55 -32.32 8.58
CA ASN B 590 -6.36 -32.58 9.99
C ASN B 590 -5.09 -31.89 10.44
N PHE B 591 -5.04 -31.50 11.72
CA PHE B 591 -3.92 -30.70 12.18
C PHE B 591 -3.40 -31.06 13.57
N CYS B 592 -3.93 -32.10 14.19
CA CYS B 592 -3.34 -32.64 15.41
C CYS B 592 -2.79 -34.00 15.08
N PRO B 593 -1.48 -34.13 14.89
CA PRO B 593 -0.92 -35.40 14.44
C PRO B 593 -1.00 -36.44 15.54
N GLY B 594 -1.38 -37.65 15.15
CA GLY B 594 -1.64 -38.70 16.10
C GLY B 594 -3.02 -38.68 16.70
N LEU B 595 -3.84 -37.68 16.38
CA LEU B 595 -5.11 -37.50 17.05
C LEU B 595 -6.23 -37.44 16.03
N ASN B 596 -6.91 -38.56 15.82
CA ASN B 596 -8.16 -38.58 15.07
C ASN B 596 -9.19 -37.84 15.88
N ALA B 597 -9.61 -36.67 15.40
CA ALA B 597 -10.58 -35.86 16.12
C ALA B 597 -11.94 -35.79 15.42
N THR B 598 -12.03 -36.29 14.19
CA THR B 598 -13.22 -36.06 13.36
C THR B 598 -14.41 -36.92 13.75
N GLY B 599 -14.21 -37.91 14.62
CA GLY B 599 -15.34 -38.64 15.16
C GLY B 599 -15.74 -38.09 16.52
N ASN B 600 -14.75 -37.98 17.39
CA ASN B 600 -14.92 -37.34 18.69
C ASN B 600 -13.72 -36.43 18.91
N ASN B 601 -13.96 -35.30 19.52
CA ASN B 601 -12.87 -34.43 19.90
C ASN B 601 -12.81 -34.34 21.41
N PRO B 602 -12.08 -35.21 22.09
CA PRO B 602 -11.77 -34.96 23.50
C PRO B 602 -10.70 -33.90 23.58
N CYS B 603 -10.59 -33.29 24.75
CA CYS B 603 -9.61 -32.25 25.08
C CYS B 603 -9.74 -31.08 24.11
N ASN B 604 -10.85 -30.35 24.20
CA ASN B 604 -11.14 -29.25 23.29
C ASN B 604 -10.29 -28.02 23.61
N TYR B 605 -10.70 -26.87 23.07
CA TYR B 605 -9.84 -25.70 22.84
C TYR B 605 -8.65 -26.12 21.99
N ALA B 606 -8.94 -26.89 20.96
CA ALA B 606 -7.93 -27.71 20.31
C ALA B 606 -7.63 -27.30 18.88
N THR B 607 -8.66 -27.02 18.09
CA THR B 607 -8.59 -26.75 16.66
C THR B 607 -7.86 -27.89 15.94
N CYS B 608 -8.37 -29.09 16.19
CA CYS B 608 -7.75 -30.29 15.66
C CYS B 608 -8.31 -30.74 14.34
N THR B 609 -9.21 -29.98 13.72
CA THR B 609 -9.62 -30.34 12.37
C THR B 609 -9.93 -29.08 11.60
N GLY B 610 -10.11 -29.27 10.29
CA GLY B 610 -10.32 -28.15 9.42
C GLY B 610 -11.67 -27.49 9.59
N GLU B 611 -12.69 -28.26 9.93
CA GLU B 611 -13.99 -27.66 10.20
C GLU B 611 -13.95 -26.77 11.42
N GLU B 612 -13.28 -27.22 12.50
CA GLU B 612 -13.28 -26.46 13.74
C GLU B 612 -12.53 -25.15 13.58
N TYR B 613 -11.55 -25.10 12.69
CA TYR B 613 -11.02 -23.80 12.35
C TYR B 613 -12.01 -23.02 11.51
N LEU B 614 -12.78 -23.71 10.69
CA LEU B 614 -13.57 -23.00 9.71
C LEU B 614 -14.87 -22.46 10.30
N VAL B 615 -15.44 -23.18 11.26
CA VAL B 615 -16.66 -22.68 11.90
C VAL B 615 -16.33 -21.54 12.84
N LYS B 616 -15.20 -21.62 13.53
CA LYS B 616 -14.82 -20.62 14.51
C LYS B 616 -14.52 -19.27 13.86
N GLN B 617 -14.23 -19.28 12.56
CA GLN B 617 -14.17 -18.04 11.81
C GLN B 617 -15.54 -17.54 11.39
N GLY B 618 -16.59 -18.34 11.56
CA GLY B 618 -17.92 -17.94 11.17
C GLY B 618 -18.29 -18.20 9.73
N ILE B 619 -17.94 -19.37 9.19
CA ILE B 619 -18.06 -19.65 7.77
C ILE B 619 -18.83 -20.95 7.60
N ASP B 620 -19.81 -20.94 6.70
CA ASP B 620 -20.70 -22.07 6.50
C ASP B 620 -19.95 -23.27 5.92
N LEU B 621 -20.45 -24.47 6.22
CA LEU B 621 -19.88 -25.72 5.75
C LEU B 621 -20.64 -26.33 4.59
N SER B 622 -21.87 -25.88 4.34
CA SER B 622 -22.64 -26.34 3.21
C SER B 622 -22.01 -25.84 1.92
N PRO B 623 -22.15 -26.58 0.82
CA PRO B 623 -21.56 -26.13 -0.45
C PRO B 623 -22.20 -24.88 -1.01
N TRP B 624 -23.37 -24.47 -0.51
CA TRP B 624 -23.83 -23.12 -0.77
C TRP B 624 -22.90 -22.08 -0.20
N GLY B 625 -22.32 -22.34 0.98
CA GLY B 625 -21.51 -21.35 1.67
C GLY B 625 -20.26 -20.97 0.93
N LEU B 626 -19.70 -21.88 0.13
CA LEU B 626 -18.64 -21.55 -0.80
C LEU B 626 -19.12 -20.61 -1.89
N TRP B 627 -20.11 -21.05 -2.66
CA TRP B 627 -20.52 -20.36 -3.87
C TRP B 627 -21.33 -19.11 -3.59
N LYS B 628 -21.82 -18.93 -2.36
CA LYS B 628 -22.39 -17.67 -1.92
C LYS B 628 -21.40 -16.53 -2.10
N ASN B 629 -20.13 -16.80 -1.86
CA ASN B 629 -19.09 -15.82 -2.07
C ASN B 629 -18.88 -15.50 -3.54
N HIS B 630 -19.06 -16.46 -4.43
CA HIS B 630 -18.88 -16.16 -5.84
C HIS B 630 -20.03 -15.36 -6.42
N VAL B 631 -21.27 -15.67 -6.04
CA VAL B 631 -22.38 -14.87 -6.52
C VAL B 631 -22.43 -13.51 -5.85
N ALA B 632 -21.75 -13.37 -4.71
CA ALA B 632 -21.57 -12.05 -4.13
C ALA B 632 -20.62 -11.18 -4.95
N LEU B 633 -19.47 -11.72 -5.32
CA LEU B 633 -18.53 -10.98 -6.13
C LEU B 633 -19.06 -10.71 -7.52
N ALA B 634 -19.82 -11.65 -8.08
CA ALA B 634 -20.40 -11.45 -9.41
C ALA B 634 -21.43 -10.34 -9.40
N CYS B 635 -22.13 -10.14 -8.28
CA CYS B 635 -22.99 -8.98 -8.18
C CYS B 635 -22.20 -7.69 -8.03
N MET B 636 -21.08 -7.74 -7.30
CA MET B 636 -20.30 -6.52 -7.11
C MET B 636 -19.57 -6.10 -8.35
N ILE B 637 -19.36 -7.00 -9.30
CA ILE B 637 -18.85 -6.59 -10.60
C ILE B 637 -19.92 -5.82 -11.36
N VAL B 638 -21.16 -6.31 -11.33
CA VAL B 638 -22.22 -5.71 -12.12
C VAL B 638 -22.63 -4.36 -11.57
N ILE B 639 -22.61 -4.21 -10.24
CA ILE B 639 -22.95 -2.94 -9.63
C ILE B 639 -21.87 -1.90 -9.92
N PHE B 640 -20.61 -2.26 -9.73
CA PHE B 640 -19.54 -1.29 -9.84
C PHE B 640 -19.28 -0.85 -11.27
N LEU B 641 -19.37 -1.77 -12.23
CA LEU B 641 -19.26 -1.38 -13.63
C LEU B 641 -20.41 -0.50 -14.07
N THR B 642 -21.60 -0.68 -13.49
CA THR B 642 -22.74 0.19 -13.77
C THR B 642 -22.51 1.60 -13.26
N ILE B 643 -22.00 1.72 -12.02
CA ILE B 643 -21.62 3.02 -11.48
C ILE B 643 -20.51 3.62 -12.32
N ALA B 644 -19.60 2.77 -12.79
CA ALA B 644 -18.59 3.21 -13.73
C ALA B 644 -19.19 3.64 -15.05
N TYR B 645 -20.27 3.01 -15.47
CA TYR B 645 -20.89 3.41 -16.74
C TYR B 645 -21.62 4.73 -16.61
N LEU B 646 -22.36 4.91 -15.51
CA LEU B 646 -23.15 6.12 -15.34
C LEU B 646 -22.30 7.35 -15.12
N LYS B 647 -21.15 7.21 -14.45
CA LYS B 647 -20.25 8.34 -14.30
C LYS B 647 -19.65 8.75 -15.63
N LEU B 648 -19.37 7.79 -16.50
CA LEU B 648 -18.97 8.15 -17.84
C LEU B 648 -20.13 8.72 -18.65
N LEU B 649 -21.35 8.25 -18.41
CA LEU B 649 -22.46 8.74 -19.20
C LEU B 649 -22.87 10.15 -18.79
N PHE B 650 -22.91 10.42 -17.49
CA PHE B 650 -23.38 11.70 -16.98
C PHE B 650 -22.25 12.67 -16.74
N LEU B 651 -21.12 12.49 -17.42
CA LEU B 651 -19.99 13.37 -17.25
C LEU B 651 -20.28 14.72 -17.88
N LYS B 652 -19.66 15.76 -17.33
CA LYS B 652 -19.68 17.07 -17.97
C LYS B 652 -18.79 16.98 -19.20
N LYS B 653 -19.40 16.80 -20.36
CA LYS B 653 -18.65 16.52 -21.58
C LYS B 653 -18.02 17.75 -22.20
N TYR B 654 -18.24 18.94 -21.66
CA TYR B 654 -17.81 20.14 -22.36
C TYR B 654 -16.68 20.85 -21.64
N ASP C 1 -26.49 -15.49 18.95
CA ASP C 1 -26.33 -16.68 19.77
C ASP C 1 -26.68 -17.94 19.00
N ILE C 2 -26.74 -19.07 19.69
CA ILE C 2 -27.10 -20.34 19.09
C ILE C 2 -28.28 -20.90 19.88
N VAL C 3 -29.46 -20.84 19.29
CA VAL C 3 -30.66 -21.38 19.94
C VAL C 3 -30.78 -22.84 19.55
N LEU C 4 -31.39 -23.63 20.42
CA LEU C 4 -31.47 -25.07 20.23
C LEU C 4 -32.94 -25.45 20.14
N THR C 5 -33.21 -26.65 19.69
CA THR C 5 -34.57 -27.10 19.47
C THR C 5 -34.67 -28.59 19.75
N GLN C 6 -35.56 -28.94 20.66
CA GLN C 6 -35.96 -30.33 20.82
C GLN C 6 -37.42 -30.37 20.41
N SER C 7 -37.67 -30.54 19.11
CA SER C 7 -39.05 -30.63 18.64
C SER C 7 -39.85 -31.80 19.20
N PRO C 8 -39.28 -32.96 19.58
CA PRO C 8 -40.14 -33.82 20.40
C PRO C 8 -40.24 -33.33 21.85
N SER C 9 -41.21 -32.47 22.12
CA SER C 9 -41.34 -31.90 23.46
C SER C 9 -41.92 -32.86 24.48
N SER C 10 -42.34 -34.05 24.08
CA SER C 10 -42.83 -35.06 25.01
C SER C 10 -42.79 -36.42 24.32
N PHE C 11 -42.99 -37.47 25.11
CA PHE C 11 -43.14 -38.81 24.60
C PHE C 11 -44.14 -39.57 25.45
N SER C 12 -44.51 -40.74 24.95
CA SER C 12 -45.41 -41.65 25.66
C SER C 12 -45.00 -43.06 25.23
N VAL C 13 -44.12 -43.68 26.01
CA VAL C 13 -43.46 -44.89 25.61
C VAL C 13 -43.82 -46.00 26.60
N SER C 14 -43.25 -47.18 26.38
CA SER C 14 -43.43 -48.33 27.24
C SER C 14 -42.07 -48.77 27.74
N LEU C 15 -42.07 -49.66 28.74
CA LEU C 15 -40.83 -50.14 29.32
C LEU C 15 -40.11 -51.07 28.34
N GLY C 16 -38.79 -51.03 28.39
CA GLY C 16 -38.00 -51.84 27.50
C GLY C 16 -38.01 -51.41 26.05
N ASP C 17 -38.52 -50.22 25.75
CA ASP C 17 -38.66 -49.77 24.39
C ASP C 17 -37.47 -48.90 24.00
N ARG C 18 -37.17 -48.88 22.70
CA ARG C 18 -36.07 -48.08 22.18
C ARG C 18 -36.61 -46.73 21.75
N VAL C 19 -36.21 -45.68 22.46
CA VAL C 19 -36.68 -44.33 22.20
C VAL C 19 -35.52 -43.50 21.68
N THR C 20 -35.83 -42.43 20.98
CA THR C 20 -34.83 -41.60 20.33
C THR C 20 -35.24 -40.15 20.45
N ILE C 21 -34.34 -39.31 20.95
CA ILE C 21 -34.58 -37.90 21.15
C ILE C 21 -33.69 -37.12 20.21
N SER C 22 -34.28 -36.22 19.45
CA SER C 22 -33.54 -35.40 18.50
C SER C 22 -33.34 -34.00 19.05
N CYS C 23 -32.18 -33.42 18.77
CA CYS C 23 -31.85 -32.07 19.17
C CYS C 23 -31.26 -31.35 17.97
N LYS C 24 -31.91 -30.28 17.54
CA LYS C 24 -31.56 -29.56 16.33
C LYS C 24 -30.94 -28.23 16.73
N ALA C 25 -29.88 -27.84 16.04
CA ALA C 25 -29.17 -26.63 16.37
C ALA C 25 -29.41 -25.54 15.34
N SER C 26 -29.13 -24.31 15.72
CA SER C 26 -29.25 -23.16 14.83
C SER C 26 -27.90 -22.76 14.27
N GLY C 27 -27.05 -23.73 14.01
CA GLY C 27 -25.71 -23.47 13.52
C GLY C 27 -24.93 -24.75 13.61
N TYR C 28 -23.63 -24.64 13.42
CA TYR C 28 -22.77 -25.80 13.56
C TYR C 28 -22.25 -25.85 14.98
N ILE C 29 -22.17 -27.05 15.54
CA ILE C 29 -21.73 -27.21 16.91
C ILE C 29 -20.44 -28.02 16.90
N LEU C 30 -20.31 -28.89 15.90
CA LEU C 30 -19.16 -29.76 15.71
C LEU C 30 -18.89 -30.59 16.95
N ASN C 31 -19.88 -31.40 17.30
CA ASN C 31 -19.81 -32.41 18.36
C ASN C 31 -19.57 -31.81 19.74
N ARG C 32 -19.79 -30.52 19.92
CA ARG C 32 -19.63 -29.87 21.21
C ARG C 32 -20.98 -29.84 21.94
N LEU C 33 -21.61 -31.00 22.00
CA LEU C 33 -22.99 -31.12 22.44
C LEU C 33 -23.00 -31.92 23.73
N ALA C 34 -24.03 -31.75 24.54
CA ALA C 34 -24.10 -32.46 25.80
C ALA C 34 -25.50 -33.00 26.03
N TRP C 35 -25.64 -33.81 27.07
CA TRP C 35 -26.93 -34.32 27.49
C TRP C 35 -27.02 -34.36 29.00
N TYR C 36 -28.12 -33.89 29.55
CA TYR C 36 -28.33 -33.90 30.98
C TYR C 36 -29.62 -34.61 31.30
N GLN C 37 -29.68 -35.21 32.48
CA GLN C 37 -30.84 -35.96 32.92
C GLN C 37 -31.28 -35.42 34.26
N GLN C 38 -32.44 -34.80 34.30
CA GLN C 38 -32.95 -34.17 35.51
C GLN C 38 -34.15 -34.95 36.00
N LYS C 39 -33.97 -35.64 37.11
CA LYS C 39 -35.09 -36.18 37.85
C LYS C 39 -35.91 -35.05 38.45
N PRO C 40 -37.19 -35.28 38.77
CA PRO C 40 -37.98 -34.22 39.41
C PRO C 40 -37.49 -33.96 40.83
N GLY C 41 -36.92 -32.78 41.04
CA GLY C 41 -36.47 -32.36 42.35
C GLY C 41 -34.98 -32.42 42.59
N ASN C 42 -34.16 -32.44 41.54
CA ASN C 42 -32.73 -32.54 41.69
C ASN C 42 -32.04 -31.63 40.68
N ALA C 43 -30.73 -31.58 40.79
CA ALA C 43 -29.93 -30.84 39.85
C ALA C 43 -29.75 -31.67 38.58
N PRO C 44 -29.48 -31.02 37.45
CA PRO C 44 -29.16 -31.78 36.25
C PRO C 44 -27.83 -32.50 36.38
N ARG C 45 -27.81 -33.72 35.88
CA ARG C 45 -26.66 -34.59 35.97
C ARG C 45 -26.19 -34.91 34.56
N LEU C 46 -24.89 -34.87 34.33
CA LEU C 46 -24.35 -35.03 32.99
C LEU C 46 -24.51 -36.46 32.51
N LEU C 47 -24.96 -36.62 31.27
CA LEU C 47 -25.15 -37.94 30.67
C LEU C 47 -24.17 -38.24 29.55
N ILE C 48 -24.06 -37.38 28.56
CA ILE C 48 -23.19 -37.61 27.42
C ILE C 48 -22.41 -36.35 27.11
N SER C 49 -21.08 -36.47 27.01
CA SER C 49 -20.21 -35.36 26.68
C SER C 49 -19.67 -35.54 25.28
N GLY C 50 -19.54 -34.44 24.55
CA GLY C 50 -18.98 -34.49 23.21
C GLY C 50 -19.85 -35.16 22.18
N ALA C 51 -21.11 -35.44 22.52
CA ALA C 51 -22.16 -36.06 21.70
C ALA C 51 -21.92 -37.53 21.38
N THR C 52 -20.79 -38.09 21.78
CA THR C 52 -20.58 -39.52 21.63
C THR C 52 -20.12 -40.19 22.91
N SER C 53 -19.26 -39.55 23.69
CA SER C 53 -18.71 -40.17 24.88
C SER C 53 -19.74 -40.24 25.99
N LEU C 54 -19.53 -41.15 26.92
CA LEU C 54 -20.51 -41.42 27.95
C LEU C 54 -19.84 -41.32 29.30
N GLU C 55 -20.63 -40.97 30.31
CA GLU C 55 -20.08 -40.69 31.63
C GLU C 55 -20.13 -41.90 32.54
N THR C 56 -19.13 -42.02 33.39
CA THR C 56 -19.04 -43.11 34.35
C THR C 56 -20.17 -42.99 35.36
N GLY C 57 -21.04 -43.98 35.39
CA GLY C 57 -22.19 -43.95 36.27
C GLY C 57 -23.49 -44.14 35.53
N PHE C 58 -23.39 -44.62 34.30
CA PHE C 58 -24.57 -44.89 33.48
C PHE C 58 -24.33 -46.15 32.66
N PRO C 59 -25.35 -46.97 32.48
CA PRO C 59 -25.21 -48.17 31.66
C PRO C 59 -25.05 -47.81 30.19
N SER C 60 -24.64 -48.80 29.41
CA SER C 60 -24.46 -48.57 27.97
C SER C 60 -25.73 -48.85 27.20
N ARG C 61 -26.84 -48.29 27.69
CA ARG C 61 -28.07 -48.20 26.94
C ARG C 61 -28.25 -46.83 26.32
N PHE C 62 -27.37 -45.89 26.64
CA PHE C 62 -27.41 -44.55 26.11
C PHE C 62 -26.32 -44.42 25.05
N SER C 63 -26.61 -43.65 24.01
CA SER C 63 -25.65 -43.49 22.92
C SER C 63 -26.07 -42.30 22.09
N GLY C 64 -25.10 -41.47 21.73
CA GLY C 64 -25.37 -40.31 20.91
C GLY C 64 -24.65 -40.40 19.59
N THR C 65 -25.36 -40.18 18.49
CA THR C 65 -24.78 -40.26 17.16
C THR C 65 -25.09 -38.95 16.44
N GLY C 66 -24.22 -37.96 16.61
CA GLY C 66 -24.45 -36.66 16.02
C GLY C 66 -23.45 -36.35 14.95
N SER C 67 -23.85 -35.46 14.04
CA SER C 67 -23.03 -35.08 12.91
C SER C 67 -23.55 -33.77 12.33
N GLY C 68 -22.70 -32.76 12.32
CA GLY C 68 -23.09 -31.49 11.74
C GLY C 68 -24.08 -30.73 12.59
N LYS C 69 -25.33 -30.63 12.13
CA LYS C 69 -26.37 -29.96 12.88
C LYS C 69 -27.33 -30.90 13.59
N ASP C 70 -27.54 -32.10 13.08
CA ASP C 70 -28.58 -32.97 13.59
C ASP C 70 -27.98 -33.92 14.61
N TYR C 71 -28.06 -33.55 15.88
CA TYR C 71 -27.56 -34.38 16.96
C TYR C 71 -28.73 -35.16 17.54
N THR C 72 -28.46 -36.38 17.99
CA THR C 72 -29.54 -37.19 18.51
C THR C 72 -29.05 -38.04 19.67
N LEU C 73 -30.01 -38.59 20.40
CA LEU C 73 -29.76 -39.41 21.56
C LEU C 73 -30.66 -40.62 21.49
N SER C 74 -30.11 -41.79 21.77
CA SER C 74 -30.84 -43.05 21.63
C SER C 74 -30.77 -43.80 22.94
N ILE C 75 -31.93 -44.13 23.49
CA ILE C 75 -32.03 -44.96 24.68
C ILE C 75 -32.62 -46.28 24.22
N SER C 76 -31.82 -47.33 24.22
CA SER C 76 -32.32 -48.66 23.88
C SER C 76 -32.72 -49.38 25.15
N SER C 77 -33.98 -49.84 25.19
CA SER C 77 -34.56 -50.63 26.28
C SER C 77 -34.48 -49.88 27.62
N LEU C 78 -35.26 -48.81 27.68
CA LEU C 78 -35.26 -47.94 28.85
C LEU C 78 -35.85 -48.64 30.07
N GLN C 79 -35.23 -48.41 31.22
CA GLN C 79 -35.72 -48.93 32.47
C GLN C 79 -36.77 -47.99 33.04
N THR C 80 -37.19 -48.25 34.28
CA THR C 80 -38.09 -47.33 34.95
C THR C 80 -37.37 -46.08 35.42
N GLU C 81 -36.12 -46.22 35.85
CA GLU C 81 -35.35 -45.11 36.37
C GLU C 81 -34.85 -44.17 35.29
N ASP C 82 -35.20 -44.39 34.03
CA ASP C 82 -34.81 -43.49 32.96
C ASP C 82 -35.90 -42.51 32.60
N VAL C 83 -37.00 -42.52 33.33
CA VAL C 83 -38.01 -41.47 33.18
C VAL C 83 -37.43 -40.19 33.77
N GLY C 84 -37.80 -39.06 33.19
CA GLY C 84 -37.30 -37.81 33.71
C GLY C 84 -37.31 -36.76 32.63
N THR C 85 -36.30 -35.90 32.66
CA THR C 85 -36.23 -34.77 31.75
C THR C 85 -34.85 -34.77 31.12
N TYR C 86 -34.78 -34.53 29.82
CA TYR C 86 -33.51 -34.55 29.12
C TYR C 86 -33.28 -33.21 28.45
N TYR C 87 -32.05 -32.72 28.52
CA TYR C 87 -31.68 -31.44 27.94
C TYR C 87 -30.44 -31.60 27.07
N CYS C 88 -30.37 -30.81 26.01
CA CYS C 88 -29.18 -30.77 25.17
C CYS C 88 -28.59 -29.37 25.27
N GLN C 89 -27.26 -29.31 25.30
CA GLN C 89 -26.50 -28.08 25.52
C GLN C 89 -25.45 -27.92 24.44
N GLN C 90 -25.38 -26.77 23.80
CA GLN C 90 -24.19 -26.45 23.03
C GLN C 90 -23.20 -25.77 23.96
N TYR C 91 -21.93 -26.10 23.80
CA TYR C 91 -20.90 -25.33 24.46
C TYR C 91 -19.88 -24.87 23.44
N TRP C 92 -20.37 -24.43 22.30
CA TRP C 92 -19.52 -23.88 21.27
C TRP C 92 -19.26 -22.39 21.50
N SER C 93 -20.31 -21.58 21.51
CA SER C 93 -20.15 -20.14 21.73
C SER C 93 -20.04 -19.82 23.21
N THR C 94 -20.12 -18.53 23.53
CA THR C 94 -20.17 -18.13 24.94
C THR C 94 -21.55 -18.09 25.59
N PRO C 95 -22.66 -17.57 24.99
CA PRO C 95 -23.92 -17.66 25.71
C PRO C 95 -24.51 -19.05 25.63
N TRP C 96 -24.10 -19.92 26.54
CA TRP C 96 -24.36 -21.35 26.42
C TRP C 96 -25.83 -21.66 26.56
N THR C 97 -26.58 -21.65 25.48
CA THR C 97 -27.99 -21.91 25.53
C THR C 97 -28.22 -23.41 25.72
N PHE C 98 -29.34 -23.74 26.30
CA PHE C 98 -29.72 -25.13 26.40
C PHE C 98 -30.93 -25.36 25.49
N GLY C 99 -31.29 -26.61 25.32
CA GLY C 99 -32.52 -26.93 24.66
C GLY C 99 -33.69 -26.74 25.60
N GLY C 100 -34.89 -26.77 25.01
CA GLY C 100 -36.07 -26.58 25.82
C GLY C 100 -36.40 -27.75 26.70
N GLY C 101 -35.87 -28.92 26.41
CA GLY C 101 -36.07 -30.05 27.28
C GLY C 101 -37.27 -30.89 26.93
N THR C 102 -37.13 -32.21 27.07
CA THR C 102 -38.24 -33.12 26.82
C THR C 102 -38.43 -34.02 28.03
N LYS C 103 -39.63 -34.59 28.16
CA LYS C 103 -40.05 -35.25 29.38
C LYS C 103 -40.72 -36.56 29.01
N LEU C 104 -40.08 -37.67 29.35
CA LEU C 104 -40.60 -38.99 29.00
C LEU C 104 -41.77 -39.37 29.90
N GLU C 105 -42.67 -40.19 29.36
CA GLU C 105 -43.85 -40.67 30.06
C GLU C 105 -44.08 -42.13 29.73
N ILE C 106 -44.88 -42.79 30.58
CA ILE C 106 -45.22 -44.19 30.42
C ILE C 106 -46.72 -44.31 30.29
N ARG C 107 -47.19 -45.00 29.25
CA ARG C 107 -48.61 -45.17 29.02
C ARG C 107 -49.22 -46.22 29.93
N VAL D 2 -16.42 -30.13 43.14
CA VAL D 2 -16.51 -31.48 43.68
C VAL D 2 -17.58 -31.50 44.76
N GLN D 3 -17.73 -30.39 45.47
CA GLN D 3 -18.73 -30.32 46.54
C GLN D 3 -19.20 -28.89 46.69
N LEU D 4 -20.45 -28.63 46.32
CA LEU D 4 -20.99 -27.29 46.24
C LEU D 4 -22.24 -27.18 47.11
N GLN D 5 -22.58 -25.95 47.49
CA GLN D 5 -23.70 -25.73 48.40
C GLN D 5 -24.16 -24.29 48.32
N GLU D 6 -25.38 -24.06 47.86
CA GLU D 6 -25.91 -22.71 47.83
C GLU D 6 -26.48 -22.33 49.19
N SER D 7 -26.68 -21.02 49.36
CA SER D 7 -27.29 -20.45 50.56
C SER D 7 -27.68 -19.01 50.24
N GLY D 8 -28.82 -18.58 50.79
CA GLY D 8 -29.26 -17.22 50.60
C GLY D 8 -30.72 -17.01 51.00
N PRO D 9 -31.20 -15.78 50.83
CA PRO D 9 -32.59 -15.47 51.18
C PRO D 9 -33.56 -16.08 50.18
N GLY D 10 -34.58 -16.76 50.69
CA GLY D 10 -35.58 -17.41 49.88
C GLY D 10 -36.72 -16.55 49.41
N LEU D 11 -36.64 -15.23 49.60
CA LEU D 11 -37.69 -14.31 49.23
C LEU D 11 -37.06 -12.92 49.15
N VAL D 12 -37.61 -12.06 48.31
CA VAL D 12 -37.07 -10.71 48.17
C VAL D 12 -38.17 -9.80 47.63
N LYS D 13 -38.08 -8.50 47.98
CA LYS D 13 -38.96 -7.51 47.41
C LYS D 13 -38.62 -7.27 45.95
N PRO D 14 -39.57 -6.83 45.13
CA PRO D 14 -39.25 -6.49 43.75
C PRO D 14 -38.41 -5.23 43.68
N SER D 15 -37.56 -5.18 42.65
CA SER D 15 -36.76 -4.01 42.27
C SER D 15 -35.82 -3.55 43.39
N GLN D 16 -35.32 -4.51 44.17
CA GLN D 16 -34.39 -4.18 45.25
C GLN D 16 -33.00 -4.75 45.00
N SER D 17 -32.84 -6.07 45.01
CA SER D 17 -31.55 -6.77 44.97
C SER D 17 -31.75 -8.27 44.95
N LEU D 18 -30.65 -9.01 44.83
CA LEU D 18 -30.63 -10.46 45.06
C LEU D 18 -29.20 -10.87 45.35
N SER D 19 -29.01 -11.67 46.39
CA SER D 19 -27.68 -12.14 46.76
C SER D 19 -27.73 -13.62 47.08
N LEU D 20 -26.81 -14.38 46.51
CA LEU D 20 -26.65 -15.79 46.82
C LEU D 20 -25.20 -16.07 47.14
N THR D 21 -24.93 -17.27 47.65
CA THR D 21 -23.59 -17.63 48.10
C THR D 21 -23.41 -19.12 47.98
N CYS D 22 -22.34 -19.54 47.31
CA CYS D 22 -22.04 -20.96 47.09
C CYS D 22 -20.66 -21.24 47.68
N THR D 23 -20.62 -22.02 48.75
CA THR D 23 -19.39 -22.27 49.50
C THR D 23 -18.81 -23.62 49.09
N VAL D 24 -17.73 -23.59 48.32
CA VAL D 24 -17.15 -24.80 47.77
C VAL D 24 -16.25 -25.44 48.80
N THR D 25 -16.49 -26.70 49.11
CA THR D 25 -15.61 -27.47 49.96
C THR D 25 -14.97 -28.58 49.14
N GLY D 26 -13.87 -29.11 49.64
CA GLY D 26 -13.15 -30.15 48.93
C GLY D 26 -12.28 -29.68 47.80
N PHE D 27 -12.21 -28.37 47.55
CA PHE D 27 -11.41 -27.85 46.47
C PHE D 27 -11.18 -26.36 46.75
N SER D 28 -10.17 -25.79 46.10
CA SER D 28 -9.90 -24.37 46.21
C SER D 28 -10.34 -23.66 44.95
N ILE D 29 -11.19 -22.64 45.09
CA ILE D 29 -11.81 -22.07 43.91
C ILE D 29 -10.87 -21.20 43.11
N THR D 30 -9.69 -20.92 43.63
CA THR D 30 -8.70 -20.21 42.86
C THR D 30 -7.74 -21.15 42.18
N SER D 31 -8.01 -22.45 42.20
CA SER D 31 -7.06 -23.39 41.61
C SER D 31 -7.31 -23.62 40.13
N ASP D 32 -8.42 -24.26 39.79
CA ASP D 32 -8.51 -24.81 38.44
C ASP D 32 -9.67 -24.27 37.61
N TYR D 33 -10.86 -24.39 38.15
CA TYR D 33 -12.08 -24.43 37.35
C TYR D 33 -12.61 -23.03 37.05
N ALA D 34 -13.66 -22.96 36.25
CA ALA D 34 -14.53 -21.80 36.20
C ALA D 34 -15.73 -22.10 37.09
N TRP D 35 -16.42 -21.06 37.52
CA TRP D 35 -17.55 -21.24 38.44
C TRP D 35 -18.68 -20.36 37.95
N ASN D 36 -19.87 -20.94 37.77
CA ASN D 36 -20.96 -20.26 37.09
C ASN D 36 -22.31 -20.51 37.76
N TRP D 37 -23.28 -19.70 37.34
CA TRP D 37 -24.64 -19.70 37.88
C TRP D 37 -25.64 -20.08 36.80
N ILE D 38 -26.54 -20.99 37.15
CA ILE D 38 -27.59 -21.46 36.25
C ILE D 38 -28.92 -21.31 36.96
N ARG D 39 -29.87 -20.64 36.33
CA ARG D 39 -31.20 -20.51 36.88
C ARG D 39 -32.20 -21.28 36.04
N GLN D 40 -33.29 -21.69 36.66
CA GLN D 40 -34.26 -22.56 36.03
C GLN D 40 -35.67 -22.07 36.35
N PHE D 41 -36.37 -21.59 35.34
CA PHE D 41 -37.69 -21.04 35.53
C PHE D 41 -38.70 -22.17 35.72
N PRO D 42 -39.79 -21.91 36.44
CA PRO D 42 -40.89 -22.87 36.43
C PRO D 42 -41.55 -22.87 35.06
N GLY D 43 -42.11 -24.00 34.68
CA GLY D 43 -42.37 -24.21 33.28
C GLY D 43 -41.02 -24.39 32.63
N LYS D 44 -40.38 -25.51 32.93
CA LYS D 44 -38.93 -25.68 32.97
C LYS D 44 -38.20 -25.35 31.69
N LYS D 45 -37.46 -24.24 31.71
CA LYS D 45 -36.53 -23.87 30.65
C LYS D 45 -35.29 -23.33 31.34
N LEU D 46 -34.22 -24.10 31.30
CA LEU D 46 -32.97 -23.72 31.93
C LEU D 46 -32.33 -22.54 31.21
N GLU D 47 -31.52 -21.78 31.94
CA GLU D 47 -30.96 -20.57 31.38
C GLU D 47 -29.67 -20.25 32.11
N TRP D 48 -28.59 -20.10 31.34
CA TRP D 48 -27.27 -19.88 31.90
C TRP D 48 -27.02 -18.40 32.12
N MET D 49 -26.34 -18.06 33.21
CA MET D 49 -26.22 -16.66 33.61
C MET D 49 -24.83 -16.08 33.43
N GLY D 50 -23.78 -16.76 33.86
CA GLY D 50 -22.45 -16.19 33.76
C GLY D 50 -21.48 -16.88 34.68
N TYR D 51 -20.21 -16.86 34.28
CA TYR D 51 -19.16 -17.49 35.06
C TYR D 51 -18.11 -16.49 35.51
N ILE D 52 -17.48 -16.81 36.64
CA ILE D 52 -16.24 -16.18 37.05
C ILE D 52 -15.13 -17.20 36.84
N ASN D 53 -14.00 -16.74 36.32
CA ASN D 53 -12.91 -17.64 36.01
C ASN D 53 -12.17 -17.97 37.31
N PHE D 54 -11.13 -18.79 37.21
CA PHE D 54 -10.35 -19.05 38.42
C PHE D 54 -9.50 -17.85 38.79
N ASP D 55 -9.15 -17.00 37.84
CA ASP D 55 -8.32 -15.83 38.13
C ASP D 55 -9.11 -14.55 38.20
N GLY D 56 -10.36 -14.60 38.66
CA GLY D 56 -11.12 -13.40 38.89
C GLY D 56 -11.79 -12.80 37.69
N GLY D 57 -11.38 -13.15 36.47
CA GLY D 57 -12.07 -12.67 35.30
C GLY D 57 -13.45 -13.29 35.19
N THR D 58 -14.32 -12.63 34.42
CA THR D 58 -15.71 -13.06 34.37
C THR D 58 -16.33 -12.76 33.02
N THR D 59 -17.44 -13.44 32.74
CA THR D 59 -18.16 -13.29 31.49
C THR D 59 -19.64 -13.54 31.74
N TYR D 60 -20.48 -12.61 31.33
CA TYR D 60 -21.90 -12.65 31.63
C TYR D 60 -22.72 -12.90 30.38
N ASN D 61 -23.91 -13.48 30.59
CA ASN D 61 -24.86 -13.71 29.50
C ASN D 61 -25.37 -12.36 29.00
N PRO D 62 -25.28 -12.08 27.71
CA PRO D 62 -25.74 -10.78 27.19
C PRO D 62 -27.23 -10.53 27.33
N SER D 63 -28.03 -11.54 27.62
CA SER D 63 -29.42 -11.30 27.95
C SER D 63 -29.57 -10.55 29.26
N LEU D 64 -28.68 -10.81 30.22
CA LEU D 64 -28.72 -10.12 31.49
C LEU D 64 -27.62 -9.07 31.51
N ARG D 65 -27.89 -7.93 30.89
CA ARG D 65 -26.93 -6.85 30.79
C ARG D 65 -27.07 -5.98 32.04
N GLY D 66 -25.95 -5.70 32.69
CA GLY D 66 -25.89 -4.77 33.80
C GLY D 66 -26.60 -5.18 35.07
N ARG D 67 -27.48 -6.17 35.04
CA ARG D 67 -28.26 -6.56 36.19
C ARG D 67 -27.52 -7.54 37.08
N ILE D 68 -26.50 -8.21 36.55
CA ILE D 68 -25.81 -9.28 37.23
C ILE D 68 -24.37 -8.87 37.44
N SER D 69 -23.78 -9.30 38.55
CA SER D 69 -22.36 -9.16 38.81
C SER D 69 -21.94 -10.29 39.73
N ILE D 70 -20.81 -10.90 39.45
CA ILE D 70 -20.35 -12.04 40.22
C ILE D 70 -18.99 -11.72 40.84
N THR D 71 -18.92 -11.79 42.16
CA THR D 71 -17.70 -11.55 42.91
C THR D 71 -17.36 -12.78 43.72
N ARG D 72 -16.12 -12.83 44.19
CA ARG D 72 -15.64 -14.00 44.92
C ARG D 72 -14.92 -13.55 46.17
N ASP D 73 -14.81 -14.49 47.11
CA ASP D 73 -14.01 -14.32 48.33
C ASP D 73 -13.10 -15.54 48.42
N THR D 74 -11.85 -15.35 48.04
CA THR D 74 -10.90 -16.45 47.97
C THR D 74 -10.42 -16.91 49.34
N SER D 75 -10.78 -16.20 50.41
CA SER D 75 -10.29 -16.56 51.74
C SER D 75 -10.98 -17.79 52.28
N LYS D 76 -12.22 -18.05 51.86
CA LYS D 76 -12.97 -19.17 52.43
C LYS D 76 -13.70 -19.97 51.36
N ASN D 77 -13.30 -19.82 50.09
CA ASN D 77 -13.87 -20.51 48.92
C ASN D 77 -15.36 -20.22 48.79
N GLN D 78 -15.66 -18.95 48.54
CA GLN D 78 -17.02 -18.53 48.24
C GLN D 78 -17.00 -17.66 47.01
N PHE D 79 -18.11 -17.66 46.29
CA PHE D 79 -18.30 -16.80 45.14
C PHE D 79 -19.75 -16.37 45.10
N PHE D 80 -19.97 -15.08 44.87
CA PHE D 80 -21.23 -14.44 45.18
C PHE D 80 -21.98 -14.02 43.92
N LEU D 81 -23.27 -14.30 43.91
CA LEU D 81 -24.18 -13.82 42.88
C LEU D 81 -24.86 -12.56 43.39
N GLN D 82 -24.84 -11.51 42.57
CA GLN D 82 -25.38 -10.21 42.97
C GLN D 82 -26.24 -9.71 41.83
N LEU D 83 -27.54 -9.91 41.95
CA LEU D 83 -28.50 -9.61 40.89
C LEU D 83 -29.35 -8.43 41.33
N ARG D 84 -29.38 -7.38 40.51
CA ARG D 84 -30.03 -6.14 40.90
C ARG D 84 -31.19 -5.81 39.98
N SER D 85 -32.08 -4.95 40.49
CA SER D 85 -33.29 -4.46 39.82
C SER D 85 -34.16 -5.62 39.35
N VAL D 86 -34.63 -6.39 40.30
CA VAL D 86 -35.31 -7.64 39.99
C VAL D 86 -36.77 -7.37 39.65
N THR D 87 -37.26 -8.07 38.68
CA THR D 87 -38.62 -8.15 38.19
C THR D 87 -39.27 -9.37 38.83
N PRO D 88 -40.60 -9.40 39.02
CA PRO D 88 -41.23 -10.64 39.49
C PRO D 88 -41.35 -11.72 38.44
N GLU D 89 -40.71 -11.61 37.28
CA GLU D 89 -40.74 -12.71 36.32
C GLU D 89 -39.72 -13.79 36.61
N ASP D 90 -38.55 -13.44 37.16
CA ASP D 90 -37.49 -14.42 37.34
C ASP D 90 -37.48 -14.94 38.77
N THR D 91 -38.60 -15.58 39.10
CA THR D 91 -38.75 -16.29 40.36
C THR D 91 -38.33 -17.75 40.20
N ALA D 92 -37.09 -17.92 39.77
CA ALA D 92 -36.61 -19.19 39.29
C ALA D 92 -35.91 -19.98 40.39
N THR D 93 -35.35 -21.11 40.02
CA THR D 93 -34.54 -21.93 40.90
C THR D 93 -33.09 -21.75 40.49
N TYR D 94 -32.26 -21.32 41.42
CA TYR D 94 -30.89 -20.94 41.11
C TYR D 94 -29.92 -22.06 41.49
N TYR D 95 -28.86 -22.22 40.69
CA TYR D 95 -27.85 -23.25 40.87
C TYR D 95 -26.45 -22.67 40.69
N CYS D 96 -25.52 -23.10 41.53
CA CYS D 96 -24.10 -22.86 41.31
C CYS D 96 -23.47 -24.14 40.75
N ALA D 97 -22.61 -24.00 39.74
CA ALA D 97 -22.14 -25.15 38.99
C ALA D 97 -20.67 -25.00 38.63
N THR D 98 -20.12 -26.04 38.00
CA THR D 98 -18.69 -26.23 37.87
C THR D 98 -18.35 -26.65 36.45
N PHE D 99 -17.38 -25.98 35.85
CA PHE D 99 -17.06 -26.13 34.44
C PHE D 99 -15.59 -26.49 34.31
N TYR D 100 -15.29 -27.64 33.71
CA TYR D 100 -13.91 -28.10 33.66
C TYR D 100 -13.10 -27.34 32.63
N GLY D 101 -13.71 -26.95 31.53
CA GLY D 101 -12.99 -26.19 30.54
C GLY D 101 -12.36 -27.04 29.47
N ALA D 102 -11.47 -27.94 29.86
CA ALA D 102 -10.84 -28.80 28.87
C ALA D 102 -11.73 -29.99 28.54
N LYS D 103 -12.77 -30.23 29.32
CA LYS D 103 -13.77 -31.23 28.98
C LYS D 103 -15.01 -30.57 28.43
N GLY D 104 -15.38 -29.42 28.97
CA GLY D 104 -16.38 -28.57 28.36
C GLY D 104 -17.79 -28.73 28.88
N THR D 105 -18.01 -29.53 29.91
CA THR D 105 -19.34 -29.78 30.37
C THR D 105 -19.53 -29.32 31.79
N LEU D 106 -20.79 -29.07 32.14
CA LEU D 106 -21.13 -28.71 33.51
C LEU D 106 -21.01 -29.96 34.35
N ASP D 107 -19.84 -30.18 34.94
CA ASP D 107 -19.55 -31.47 35.55
C ASP D 107 -20.23 -31.62 36.90
N TYR D 108 -20.23 -30.57 37.69
CA TYR D 108 -20.83 -30.65 39.01
C TYR D 108 -21.87 -29.57 39.19
N TRP D 109 -22.90 -29.90 39.95
CA TRP D 109 -24.05 -29.02 40.11
C TRP D 109 -24.39 -28.93 41.58
N GLY D 110 -24.82 -27.75 41.98
CA GLY D 110 -25.15 -27.49 43.37
C GLY D 110 -26.40 -28.21 43.81
N GLN D 111 -26.75 -28.00 45.07
CA GLN D 111 -27.99 -28.60 45.53
C GLN D 111 -29.18 -27.84 44.98
N GLY D 112 -29.09 -26.53 44.91
CA GLY D 112 -30.12 -25.74 44.28
C GLY D 112 -31.02 -25.05 45.27
N THR D 113 -31.16 -23.75 45.13
CA THR D 113 -32.04 -22.95 45.96
C THR D 113 -33.09 -22.29 45.09
N SER D 114 -34.21 -21.92 45.70
CA SER D 114 -35.32 -21.31 44.99
C SER D 114 -35.56 -19.92 45.54
N VAL D 115 -35.74 -18.97 44.63
CA VAL D 115 -35.93 -17.57 44.97
C VAL D 115 -37.27 -17.13 44.41
N THR D 116 -38.06 -16.44 45.22
CA THR D 116 -39.38 -15.96 44.81
C THR D 116 -39.47 -14.47 45.03
N VAL D 117 -39.98 -13.76 44.03
CA VAL D 117 -40.03 -12.30 44.03
C VAL D 117 -41.51 -11.91 44.08
N SER D 118 -42.00 -11.51 45.25
CA SER D 118 -43.37 -11.07 45.41
C SER D 118 -43.42 -9.99 46.48
N SER D 119 -44.63 -9.71 46.96
CA SER D 119 -44.79 -8.78 48.06
C SER D 119 -46.01 -9.13 48.91
N ASP E 1 17.01 -27.68 15.81
CA ASP E 1 16.38 -28.65 16.69
C ASP E 1 16.54 -28.26 18.14
N ILE E 2 16.16 -29.15 19.04
CA ILE E 2 16.30 -28.93 20.47
C ILE E 2 17.10 -30.08 21.05
N VAL E 3 18.34 -29.83 21.39
CA VAL E 3 19.20 -30.84 21.99
C VAL E 3 19.01 -30.80 23.48
N LEU E 4 19.22 -31.93 24.14
CA LEU E 4 18.95 -32.06 25.55
C LEU E 4 20.26 -32.42 26.24
N THR E 5 20.28 -32.30 27.56
CA THR E 5 21.50 -32.53 28.33
C THR E 5 21.15 -33.12 29.67
N GLN E 6 21.70 -34.27 29.97
CA GLN E 6 21.70 -34.81 31.32
C GLN E 6 23.16 -34.79 31.76
N SER E 7 23.59 -33.66 32.32
CA SER E 7 24.96 -33.58 32.80
C SER E 7 25.31 -34.54 33.94
N PRO E 8 24.39 -34.99 34.80
CA PRO E 8 24.80 -36.16 35.60
C PRO E 8 24.74 -37.45 34.79
N SER E 9 25.84 -37.79 34.10
CA SER E 9 25.86 -38.96 33.25
C SER E 9 25.94 -40.28 34.02
N SER E 10 26.11 -40.24 35.33
CA SER E 10 26.13 -41.45 36.16
C SER E 10 25.86 -41.06 37.60
N PHE E 11 25.62 -42.07 38.42
CA PHE E 11 25.52 -41.88 39.86
C PHE E 11 26.09 -43.10 40.57
N SER E 12 26.24 -42.96 41.88
CA SER E 12 26.71 -44.03 42.74
C SER E 12 26.04 -43.81 44.09
N VAL E 13 24.89 -44.45 44.29
CA VAL E 13 24.02 -44.16 45.40
C VAL E 13 23.88 -45.40 46.27
N SER E 14 23.08 -45.29 47.32
CA SER E 14 22.78 -46.39 48.22
C SER E 14 21.27 -46.61 48.23
N LEU E 15 20.86 -47.73 48.81
CA LEU E 15 19.44 -48.06 48.85
C LEU E 15 18.71 -47.16 49.83
N GLY E 16 17.46 -46.86 49.50
CA GLY E 16 16.67 -45.97 50.33
C GLY E 16 17.08 -44.52 50.30
N ASP E 17 17.92 -44.13 49.36
CA ASP E 17 18.45 -42.77 49.30
C ASP E 17 17.62 -41.93 48.33
N ARG E 18 17.59 -40.63 48.59
CA ARG E 18 16.87 -39.70 47.75
C ARG E 18 17.82 -39.15 46.69
N VAL E 19 17.57 -39.51 45.43
CA VAL E 19 18.43 -39.12 44.32
C VAL E 19 17.65 -38.16 43.43
N THR E 20 18.36 -37.36 42.67
CA THR E 20 17.76 -36.33 41.84
C THR E 20 18.50 -36.26 40.53
N ILE E 21 17.78 -36.34 39.43
CA ILE E 21 18.34 -36.30 38.09
C ILE E 21 17.89 -35.02 37.40
N SER E 22 18.82 -34.27 36.86
CA SER E 22 18.53 -33.03 36.19
C SER E 22 18.61 -33.22 34.69
N CYS E 23 17.71 -32.54 33.97
CA CYS E 23 17.69 -32.56 32.52
C CYS E 23 17.54 -31.13 32.03
N LYS E 24 18.51 -30.67 31.26
CA LYS E 24 18.61 -29.30 30.82
C LYS E 24 18.30 -29.25 29.33
N ALA E 25 17.53 -28.24 28.92
CA ALA E 25 17.11 -28.13 27.53
C ALA E 25 17.84 -27.01 26.83
N SER E 26 17.82 -27.05 25.51
CA SER E 26 18.40 -26.00 24.68
C SER E 26 17.35 -25.06 24.16
N GLY E 27 16.34 -24.79 24.98
CA GLY E 27 15.24 -23.94 24.57
C GLY E 27 14.14 -24.09 25.59
N TYR E 28 12.98 -23.55 25.26
CA TYR E 28 11.84 -23.71 26.14
C TYR E 28 11.04 -24.93 25.71
N ILE E 29 10.55 -25.68 26.68
CA ILE E 29 9.84 -26.91 26.39
C ILE E 29 8.41 -26.73 26.88
N LEU E 30 8.24 -25.93 27.93
CA LEU E 30 6.96 -25.64 28.56
C LEU E 30 6.24 -26.93 28.97
N ASN E 31 6.90 -27.66 29.86
CA ASN E 31 6.37 -28.84 30.52
C ASN E 31 6.02 -29.97 29.56
N ARG E 32 6.54 -29.92 28.34
CA ARG E 32 6.31 -30.99 27.36
C ARG E 32 7.44 -32.01 27.43
N LEU E 33 7.73 -32.47 28.63
CA LEU E 33 8.92 -33.25 28.93
C LEU E 33 8.46 -34.63 29.35
N ALA E 34 9.32 -35.62 29.20
CA ALA E 34 8.96 -36.98 29.56
C ALA E 34 10.09 -37.66 30.30
N TRP E 35 9.81 -38.84 30.83
CA TRP E 35 10.82 -39.66 31.47
C TRP E 35 10.59 -41.12 31.16
N TYR E 36 11.66 -41.82 30.79
CA TYR E 36 11.57 -43.23 30.49
C TYR E 36 12.54 -44.00 31.35
N GLN E 37 12.21 -45.26 31.62
CA GLN E 37 13.03 -46.12 32.46
C GLN E 37 13.32 -47.38 31.68
N GLN E 38 14.58 -47.58 31.34
CA GLN E 38 15.00 -48.73 30.53
C GLN E 38 15.82 -49.65 31.41
N LYS E 39 15.25 -50.81 31.73
CA LYS E 39 16.02 -51.89 32.29
C LYS E 39 16.99 -52.43 31.24
N PRO E 40 18.07 -53.11 31.65
CA PRO E 40 18.96 -53.70 30.64
C PRO E 40 18.30 -54.87 29.93
N GLY E 41 18.03 -54.68 28.64
CA GLY E 41 17.46 -55.73 27.82
C GLY E 41 15.99 -55.59 27.51
N ASN E 42 15.42 -54.40 27.62
CA ASN E 42 14.00 -54.20 27.36
C ASN E 42 13.79 -52.89 26.62
N ALA E 43 12.54 -52.65 26.28
CA ALA E 43 12.17 -51.41 25.65
C ALA E 43 12.02 -50.34 26.72
N PRO E 44 12.16 -49.07 26.34
CA PRO E 44 11.89 -48.00 27.31
C PRO E 44 10.42 -47.95 27.67
N ARG E 45 10.18 -47.71 28.95
CA ARG E 45 8.84 -47.68 29.51
C ARG E 45 8.60 -46.29 30.07
N LEU E 46 7.42 -45.74 29.81
CA LEU E 46 7.12 -44.37 30.20
C LEU E 46 6.99 -44.24 31.71
N LEU E 47 7.61 -43.21 32.27
CA LEU E 47 7.57 -42.95 33.70
C LEU E 47 6.77 -41.71 34.06
N ILE E 48 7.09 -40.57 33.49
CA ILE E 48 6.43 -39.32 33.82
C ILE E 48 6.08 -38.58 32.54
N SER E 49 4.83 -38.18 32.40
CA SER E 49 4.35 -37.42 31.25
C SER E 49 4.07 -35.99 31.67
N GLY E 50 4.38 -35.05 30.79
CA GLY E 50 4.09 -33.65 31.07
C GLY E 50 4.93 -33.03 32.15
N ALA E 51 6.00 -33.71 32.59
CA ALA E 51 6.98 -33.34 33.60
C ALA E 51 6.42 -33.26 35.01
N THR E 52 5.13 -33.48 35.20
CA THR E 52 4.58 -33.57 36.56
C THR E 52 3.73 -34.80 36.77
N SER E 53 2.94 -35.20 35.77
CA SER E 53 2.02 -36.31 35.94
C SER E 53 2.77 -37.63 35.95
N LEU E 54 2.14 -38.64 36.51
CA LEU E 54 2.80 -39.91 36.70
C LEU E 54 1.93 -41.01 36.12
N GLU E 55 2.57 -42.10 35.71
CA GLU E 55 1.87 -43.15 34.99
C GLU E 55 1.43 -44.26 35.91
N THR E 56 0.28 -44.84 35.59
CA THR E 56 -0.28 -45.95 36.36
C THR E 56 0.62 -47.16 36.22
N GLY E 57 1.19 -47.61 37.33
CA GLY E 57 2.10 -48.73 37.31
C GLY E 57 3.42 -48.39 37.96
N PHE E 58 3.45 -47.29 38.71
CA PHE E 58 4.64 -46.88 39.42
C PHE E 58 4.24 -46.29 40.77
N PRO E 59 5.04 -46.54 41.81
CA PRO E 59 4.74 -45.97 43.12
C PRO E 59 4.96 -44.47 43.12
N SER E 60 4.47 -43.82 44.17
CA SER E 60 4.64 -42.38 44.28
C SER E 60 5.92 -42.01 45.01
N ARG E 61 7.01 -42.63 44.58
CA ARG E 61 8.35 -42.22 44.95
C ARG E 61 9.00 -41.40 43.86
N PHE E 62 8.36 -41.30 42.71
CA PHE E 62 8.85 -40.53 41.58
C PHE E 62 8.06 -39.24 41.51
N SER E 63 8.73 -38.17 41.11
CA SER E 63 8.09 -36.86 41.03
C SER E 63 8.95 -35.94 40.20
N GLY E 64 8.32 -35.19 39.31
CA GLY E 64 9.05 -34.24 38.50
C GLY E 64 8.60 -32.84 38.76
N THR E 65 9.54 -31.92 38.98
CA THR E 65 9.23 -30.53 39.28
C THR E 65 10.01 -29.67 38.30
N GLY E 66 9.42 -29.40 37.14
CA GLY E 66 10.09 -28.65 36.11
C GLY E 66 9.42 -27.32 35.88
N SER E 67 10.22 -26.38 35.35
CA SER E 67 9.76 -25.03 35.11
C SER E 67 10.71 -24.35 34.14
N GLY E 68 10.18 -23.92 33.00
CA GLY E 68 10.99 -23.22 32.04
C GLY E 68 11.96 -24.12 31.31
N LYS E 69 13.25 -23.97 31.60
CA LYS E 69 14.27 -24.81 30.99
C LYS E 69 14.80 -25.90 31.89
N ASP E 70 14.78 -25.72 33.21
CA ASP E 70 15.44 -26.64 34.12
C ASP E 70 14.42 -27.65 34.63
N TYR E 71 14.35 -28.79 33.96
CA TYR E 71 13.45 -29.86 34.37
C TYR E 71 14.24 -30.86 35.19
N THR E 72 13.57 -31.46 36.17
CA THR E 72 14.27 -32.39 37.04
C THR E 72 13.37 -33.54 37.44
N LEU E 73 13.99 -34.57 37.97
CA LEU E 73 13.30 -35.78 38.39
C LEU E 73 13.86 -36.18 39.74
N SER E 74 12.98 -36.54 40.67
CA SER E 74 13.35 -36.85 42.03
C SER E 74 12.83 -38.23 42.39
N ILE E 75 13.73 -39.11 42.80
CA ILE E 75 13.38 -40.42 43.30
C ILE E 75 13.68 -40.40 44.79
N SER E 76 12.66 -40.41 45.62
CA SER E 76 12.85 -40.48 47.06
C SER E 76 12.78 -41.93 47.50
N SER E 77 13.84 -42.38 48.19
CA SER E 77 13.97 -43.72 48.78
C SER E 77 13.84 -44.82 47.71
N LEU E 78 14.84 -44.85 46.84
CA LEU E 78 14.84 -45.78 45.73
C LEU E 78 14.98 -47.22 46.20
N GLN E 79 14.24 -48.11 45.55
CA GLN E 79 14.31 -49.53 45.83
C GLN E 79 15.43 -50.14 45.02
N THR E 80 15.52 -51.46 45.03
CA THR E 80 16.50 -52.14 44.19
C THR E 80 16.06 -52.16 42.73
N GLU E 81 14.75 -52.27 42.50
CA GLU E 81 14.21 -52.35 41.14
C GLU E 81 14.19 -51.01 40.43
N ASP E 82 14.71 -49.95 41.04
CA ASP E 82 14.79 -48.66 40.38
C ASP E 82 16.14 -48.40 39.77
N VAL E 83 17.05 -49.37 39.82
CA VAL E 83 18.30 -49.27 39.09
C VAL E 83 17.98 -49.41 37.61
N GLY E 84 18.74 -48.74 36.77
CA GLY E 84 18.50 -48.85 35.35
C GLY E 84 18.99 -47.62 34.64
N THR E 85 18.26 -47.23 33.60
CA THR E 85 18.67 -46.12 32.77
C THR E 85 17.48 -45.18 32.63
N TYR E 86 17.73 -43.88 32.73
CA TYR E 86 16.66 -42.90 32.66
C TYR E 86 16.93 -41.95 31.51
N TYR E 87 15.88 -41.59 30.77
CA TYR E 87 15.97 -40.70 29.64
C TYR E 87 14.93 -39.60 29.76
N CYS E 88 15.27 -38.42 29.27
CA CYS E 88 14.33 -37.31 29.19
C CYS E 88 14.11 -36.97 27.73
N GLN E 89 12.87 -36.67 27.38
CA GLN E 89 12.44 -36.42 26.01
C GLN E 89 11.69 -35.11 25.91
N GLN E 90 12.06 -34.26 24.97
CA GLN E 90 11.17 -33.17 24.62
C GLN E 90 10.23 -33.66 23.54
N TYR E 91 8.97 -33.26 23.63
CA TYR E 91 8.07 -33.47 22.51
C TYR E 91 7.43 -32.16 22.12
N TRP E 92 8.22 -31.11 22.11
CA TRP E 92 7.76 -29.81 21.67
C TRP E 92 7.87 -29.67 20.15
N SER E 93 9.08 -29.78 19.60
CA SER E 93 9.26 -29.64 18.16
C SER E 93 8.95 -30.96 17.45
N THR E 94 9.30 -31.02 16.16
CA THR E 94 9.18 -32.29 15.43
C THR E 94 10.38 -33.25 15.52
N PRO E 95 11.66 -32.84 15.41
CA PRO E 95 12.70 -33.87 15.57
C PRO E 95 12.91 -34.21 17.04
N TRP E 96 12.11 -35.15 17.54
CA TRP E 96 12.01 -35.38 18.98
C TRP E 96 13.29 -35.96 19.54
N THR E 97 14.21 -35.11 19.96
CA THR E 97 15.47 -35.57 20.50
C THR E 97 15.25 -36.11 21.90
N PHE E 98 16.11 -37.01 22.31
CA PHE E 98 16.08 -37.48 23.68
C PHE E 98 17.34 -36.97 24.37
N GLY E 99 17.38 -37.14 25.67
CA GLY E 99 18.60 -36.90 26.40
C GLY E 99 19.57 -38.03 26.24
N GLY E 100 20.81 -37.79 26.65
CA GLY E 100 21.82 -38.81 26.52
C GLY E 100 21.65 -39.97 27.46
N GLY E 101 20.90 -39.78 28.53
CA GLY E 101 20.63 -40.89 29.42
C GLY E 101 21.60 -41.04 30.56
N THR E 102 21.10 -41.41 31.74
CA THR E 102 21.95 -41.63 32.89
C THR E 102 21.67 -42.99 33.47
N LYS E 103 22.62 -43.53 34.22
CA LYS E 103 22.62 -44.92 34.63
C LYS E 103 22.96 -45.01 36.10
N LEU E 104 21.99 -45.39 36.93
CA LEU E 104 22.21 -45.46 38.36
C LEU E 104 23.05 -46.68 38.73
N GLU E 105 23.79 -46.56 39.83
CA GLU E 105 24.64 -47.62 40.35
C GLU E 105 24.54 -47.66 41.87
N ILE E 106 24.95 -48.79 42.44
CA ILE E 106 24.93 -49.01 43.88
C ILE E 106 26.36 -49.29 44.33
N ARG E 107 26.81 -48.56 45.35
CA ARG E 107 28.16 -48.73 45.87
C ARG E 107 28.27 -49.96 46.77
N VAL F 2 -1.30 -50.71 21.41
CA VAL F 2 -1.67 -51.50 22.56
C VAL F 2 -0.89 -52.81 22.53
N GLN F 3 -0.59 -53.30 21.33
CA GLN F 3 0.15 -54.55 21.20
C GLN F 3 0.93 -54.52 19.90
N LEU F 4 2.26 -54.45 20.00
CA LEU F 4 3.12 -54.24 18.85
C LEU F 4 4.15 -55.35 18.78
N GLN F 5 4.71 -55.57 17.59
CA GLN F 5 5.65 -56.66 17.38
C GLN F 5 6.46 -56.42 16.13
N GLU F 6 7.77 -56.26 16.28
CA GLU F 6 8.62 -56.10 15.11
C GLU F 6 8.98 -57.46 14.52
N SER F 7 9.47 -57.41 13.28
CA SER F 7 9.96 -58.58 12.57
C SER F 7 10.75 -58.10 11.36
N GLY F 8 11.83 -58.83 11.04
CA GLY F 8 12.63 -58.50 9.89
C GLY F 8 13.98 -59.19 9.88
N PRO F 9 14.78 -58.91 8.85
CA PRO F 9 16.11 -59.55 8.76
C PRO F 9 17.07 -58.97 9.79
N GLY F 10 17.76 -59.84 10.50
CA GLY F 10 18.69 -59.45 11.53
C GLY F 10 20.09 -59.14 11.06
N LEU F 11 20.31 -59.03 9.75
CA LEU F 11 21.62 -58.77 9.18
C LEU F 11 21.39 -58.26 7.76
N VAL F 12 22.30 -57.43 7.27
CA VAL F 12 22.16 -56.89 5.91
C VAL F 12 23.54 -56.49 5.40
N LYS F 13 23.71 -56.54 4.08
CA LYS F 13 24.92 -56.03 3.46
C LYS F 13 24.94 -54.50 3.53
N PRO F 14 26.13 -53.89 3.51
CA PRO F 14 26.20 -52.43 3.47
C PRO F 14 25.74 -51.90 2.13
N SER F 15 25.15 -50.70 2.17
CA SER F 15 24.77 -49.92 0.99
C SER F 15 23.76 -50.63 0.10
N GLN F 16 22.89 -51.44 0.70
CA GLN F 16 21.89 -52.15 -0.07
C GLN F 16 20.47 -51.68 0.25
N SER F 17 19.99 -51.92 1.48
CA SER F 17 18.60 -51.68 1.88
C SER F 17 18.40 -52.01 3.34
N LEU F 18 17.20 -51.77 3.86
CA LEU F 18 16.76 -52.26 5.16
C LEU F 18 15.24 -52.25 5.20
N SER F 19 14.66 -53.35 5.65
CA SER F 19 13.21 -53.45 5.73
C SER F 19 12.82 -54.05 7.06
N LEU F 20 11.86 -53.43 7.75
CA LEU F 20 11.29 -53.96 8.97
C LEU F 20 9.77 -53.95 8.86
N THR F 21 9.12 -54.60 9.81
CA THR F 21 7.67 -54.76 9.76
C THR F 21 7.13 -54.89 11.17
N CYS F 22 6.16 -54.06 11.53
CA CYS F 22 5.55 -54.07 12.85
C CYS F 22 4.06 -54.33 12.70
N THR F 23 3.60 -55.48 13.16
CA THR F 23 2.23 -55.93 12.95
C THR F 23 1.43 -55.66 14.22
N VAL F 24 0.56 -54.66 14.18
CA VAL F 24 -0.19 -54.21 15.35
C VAL F 24 -1.41 -55.10 15.51
N THR F 25 -1.56 -55.69 16.68
CA THR F 25 -2.76 -56.42 17.01
C THR F 25 -3.49 -55.71 18.13
N GLY F 26 -4.77 -56.00 18.28
CA GLY F 26 -5.56 -55.36 19.31
C GLY F 26 -6.04 -53.97 18.97
N PHE F 27 -5.72 -53.46 17.78
CA PHE F 27 -6.13 -52.12 17.40
C PHE F 27 -6.03 -52.04 15.88
N SER F 28 -6.70 -51.05 15.30
CA SER F 28 -6.62 -50.81 13.87
C SER F 28 -5.77 -49.58 13.60
N ILE F 29 -4.73 -49.74 12.78
CA ILE F 29 -3.75 -48.66 12.66
C ILE F 29 -4.26 -47.50 11.85
N THR F 30 -5.42 -47.63 11.21
CA THR F 30 -6.03 -46.51 10.54
C THR F 30 -7.02 -45.79 11.41
N SER F 31 -7.10 -46.15 12.69
CA SER F 31 -8.12 -45.54 13.53
C SER F 31 -7.65 -44.24 14.17
N ASP F 32 -6.70 -44.33 15.09
CA ASP F 32 -6.47 -43.18 15.97
C ASP F 32 -5.07 -42.59 15.90
N TYR F 33 -4.08 -43.42 16.12
CA TYR F 33 -2.79 -42.99 16.61
C TYR F 33 -1.87 -42.56 15.47
N ALA F 34 -0.69 -42.05 15.81
CA ALA F 34 0.43 -42.01 14.90
C ALA F 34 1.32 -43.21 15.20
N TRP F 35 2.15 -43.60 14.25
CA TRP F 35 2.98 -44.78 14.41
C TRP F 35 4.38 -44.43 13.92
N ASN F 36 5.38 -44.69 14.76
CA ASN F 36 6.73 -44.19 14.50
C ASN F 36 7.81 -45.21 14.84
N TRP F 37 9.02 -44.91 14.37
CA TRP F 37 10.19 -45.76 14.52
C TRP F 37 11.26 -45.08 15.35
N ILE F 38 11.82 -45.80 16.31
CA ILE F 38 12.86 -45.31 17.19
C ILE F 38 14.01 -46.30 17.14
N ARG F 39 15.21 -45.81 16.85
CA ARG F 39 16.39 -46.66 16.86
C ARG F 39 17.31 -46.26 17.99
N GLN F 40 18.11 -47.22 18.45
CA GLN F 40 18.93 -47.03 19.63
C GLN F 40 20.32 -47.60 19.37
N PHE F 41 21.31 -46.72 19.30
CA PHE F 41 22.67 -47.13 19.01
C PHE F 41 23.29 -47.80 20.22
N PRO F 42 24.25 -48.70 20.02
CA PRO F 42 25.05 -49.17 21.16
C PRO F 42 25.95 -48.04 21.62
N GLY F 43 26.27 -48.04 22.91
CA GLY F 43 26.74 -46.83 23.52
C GLY F 43 25.54 -45.90 23.58
N LYS F 44 24.59 -46.24 24.44
CA LYS F 44 23.17 -45.96 24.29
C LYS F 44 22.83 -44.48 24.15
N LYS F 45 22.41 -44.09 22.96
CA LYS F 45 21.83 -42.79 22.68
C LYS F 45 20.66 -43.01 21.75
N LEU F 46 19.46 -42.85 22.27
CA LEU F 46 18.25 -43.06 21.49
C LEU F 46 18.09 -41.99 20.44
N GLU F 47 17.36 -42.31 19.38
CA GLU F 47 17.26 -41.39 18.26
C GLU F 47 15.97 -41.70 17.51
N TRP F 48 15.15 -40.67 17.34
CA TRP F 48 13.84 -40.82 16.73
C TRP F 48 13.94 -40.66 15.22
N MET F 49 13.16 -41.44 14.48
CA MET F 49 13.32 -41.52 13.03
C MET F 49 12.19 -40.89 12.24
N GLY F 50 10.94 -41.16 12.57
CA GLY F 50 9.85 -40.61 11.79
C GLY F 50 8.57 -41.37 12.03
N TYR F 51 7.45 -40.66 11.84
CA TYR F 51 6.14 -41.26 12.04
C TYR F 51 5.31 -41.21 10.77
N ILE F 52 4.42 -42.18 10.66
CA ILE F 52 3.32 -42.13 9.70
C ILE F 52 2.05 -41.86 10.49
N ASN F 53 1.21 -40.98 9.97
CA ASN F 53 0.00 -40.58 10.67
C ASN F 53 -1.04 -41.69 10.52
N PHE F 54 -2.22 -41.50 11.11
CA PHE F 54 -3.26 -42.48 10.89
C PHE F 54 -3.84 -42.40 9.49
N ASP F 55 -3.75 -41.23 8.85
CA ASP F 55 -4.30 -41.06 7.51
C ASP F 55 -3.24 -41.08 6.43
N GLY F 56 -2.17 -41.84 6.62
CA GLY F 56 -1.19 -42.02 5.57
C GLY F 56 -0.15 -40.93 5.45
N GLY F 57 -0.39 -39.75 6.00
CA GLY F 57 0.62 -38.72 5.98
C GLY F 57 1.80 -39.09 6.87
N THR F 58 2.93 -38.45 6.62
CA THR F 58 4.14 -38.84 7.32
C THR F 58 5.09 -37.66 7.49
N THR F 59 6.02 -37.82 8.43
CA THR F 59 7.00 -36.79 8.75
C THR F 59 8.27 -37.46 9.23
N TYR F 60 9.40 -37.09 8.62
CA TYR F 60 10.66 -37.77 8.86
C TYR F 60 11.63 -36.83 9.59
N ASN F 61 12.55 -37.44 10.32
CA ASN F 61 13.62 -36.70 11.00
C ASN F 61 14.54 -36.09 9.95
N PRO F 62 14.80 -34.79 10.00
CA PRO F 62 15.66 -34.16 8.99
C PRO F 62 17.10 -34.62 9.01
N SER F 63 17.55 -35.30 10.07
CA SER F 63 18.87 -35.92 10.04
C SER F 63 18.93 -37.05 9.02
N LEU F 64 17.83 -37.78 8.85
CA LEU F 64 17.79 -38.87 7.88
C LEU F 64 17.01 -38.38 6.67
N ARG F 65 17.68 -37.65 5.80
CA ARG F 65 17.06 -37.10 4.60
C ARG F 65 17.17 -38.13 3.49
N GLY F 66 16.04 -38.41 2.84
CA GLY F 66 16.01 -39.26 1.66
C GLY F 66 16.32 -40.73 1.87
N ARG F 67 16.90 -41.12 3.00
CA ARG F 67 17.30 -42.49 3.23
C ARG F 67 16.18 -43.33 3.79
N ILE F 68 15.16 -42.71 4.35
CA ILE F 68 14.08 -43.38 5.05
C ILE F 68 12.78 -43.13 4.31
N SER F 69 11.90 -44.12 4.34
CA SER F 69 10.54 -43.97 3.85
C SER F 69 9.67 -44.96 4.60
N ILE F 70 8.49 -44.53 5.02
CA ILE F 70 7.61 -45.36 5.81
C ILE F 70 6.30 -45.53 5.07
N THR F 71 5.93 -46.78 4.80
CA THR F 71 4.70 -47.14 4.14
C THR F 71 3.89 -48.06 5.03
N ARG F 72 2.61 -48.20 4.71
CA ARG F 72 1.72 -49.00 5.53
C ARG F 72 0.89 -49.91 4.65
N ASP F 73 0.36 -50.96 5.28
CA ASP F 73 -0.60 -51.87 4.65
C ASP F 73 -1.78 -51.96 5.60
N THR F 74 -2.85 -51.24 5.26
CA THR F 74 -4.01 -51.16 6.13
C THR F 74 -4.85 -52.42 6.13
N SER F 75 -4.55 -53.39 5.26
CA SER F 75 -5.37 -54.59 5.16
C SER F 75 -5.15 -55.53 6.33
N LYS F 76 -3.95 -55.49 6.93
CA LYS F 76 -3.65 -56.44 8.00
C LYS F 76 -2.95 -55.78 9.18
N ASN F 77 -3.02 -54.45 9.28
CA ASN F 77 -2.43 -53.63 10.33
C ASN F 77 -0.91 -53.82 10.40
N GLN F 78 -0.26 -53.41 9.32
CA GLN F 78 1.19 -53.39 9.26
C GLN F 78 1.65 -52.03 8.75
N PHE F 79 2.84 -51.65 9.15
CA PHE F 79 3.47 -50.44 8.66
C PHE F 79 4.96 -50.69 8.56
N PHE F 80 5.54 -50.27 7.44
CA PHE F 80 6.84 -50.76 7.01
C PHE F 80 7.90 -49.68 7.09
N LEU F 81 9.06 -50.05 7.61
CA LEU F 81 10.24 -49.21 7.60
C LEU F 81 11.10 -49.61 6.41
N GLN F 82 11.52 -48.64 5.61
CA GLN F 82 12.28 -48.90 4.39
C GLN F 82 13.46 -47.93 4.39
N LEU F 83 14.62 -48.42 4.80
CA LEU F 83 15.81 -47.61 4.98
C LEU F 83 16.82 -47.99 3.93
N ARG F 84 17.29 -47.03 3.15
CA ARG F 84 18.13 -47.30 2.00
C ARG F 84 19.51 -46.67 2.15
N SER F 85 20.47 -47.22 1.39
CA SER F 85 21.87 -46.79 1.35
C SER F 85 22.50 -46.80 2.74
N VAL F 86 22.53 -47.98 3.32
CA VAL F 86 22.93 -48.11 4.72
C VAL F 86 24.44 -48.10 4.83
N THR F 87 24.93 -47.43 5.85
CA THR F 87 26.30 -47.34 6.32
C THR F 87 26.47 -48.35 7.44
N PRO F 88 27.68 -48.88 7.68
CA PRO F 88 27.86 -49.73 8.87
C PRO F 88 27.92 -48.98 10.20
N GLU F 89 27.58 -47.70 10.24
CA GLU F 89 27.53 -47.01 11.53
C GLU F 89 26.21 -47.25 12.28
N ASP F 90 25.09 -47.38 11.58
CA ASP F 90 23.80 -47.49 12.24
C ASP F 90 23.37 -48.95 12.38
N THR F 91 24.19 -49.66 13.12
CA THR F 91 23.90 -51.04 13.50
C THR F 91 23.17 -51.07 14.84
N ALA F 92 22.04 -50.38 14.87
CA ALA F 92 21.37 -50.05 16.10
C ALA F 92 20.28 -51.07 16.42
N THR F 93 19.53 -50.80 17.47
CA THR F 93 18.37 -51.58 17.86
C THR F 93 17.13 -50.80 17.51
N TYR F 94 16.26 -51.38 16.69
CA TYR F 94 15.14 -50.66 16.14
C TYR F 94 13.86 -50.98 16.90
N TYR F 95 12.99 -50.00 17.04
CA TYR F 95 11.72 -50.11 17.77
C TYR F 95 10.58 -49.48 16.98
N CYS F 96 9.42 -50.12 17.00
CA CYS F 96 8.19 -49.49 16.54
C CYS F 96 7.38 -49.06 17.75
N ALA F 97 6.81 -47.85 17.70
CA ALA F 97 6.21 -47.25 18.90
C ALA F 97 4.93 -46.50 18.55
N THR F 98 4.28 -45.98 19.58
CA THR F 98 2.91 -45.52 19.50
C THR F 98 2.77 -44.17 20.19
N PHE F 99 2.14 -43.23 19.52
CA PHE F 99 2.08 -41.84 19.95
C PHE F 99 0.63 -41.42 20.02
N TYR F 100 0.17 -40.99 21.20
CA TYR F 100 -1.25 -40.69 21.37
C TYR F 100 -1.61 -39.35 20.74
N GLY F 101 -0.70 -38.40 20.78
CA GLY F 101 -1.00 -37.12 20.16
C GLY F 101 -1.58 -36.12 21.11
N ALA F 102 -2.74 -36.44 21.69
CA ALA F 102 -3.35 -35.51 22.63
C ALA F 102 -2.75 -35.66 24.01
N LYS F 103 -1.99 -36.71 24.25
CA LYS F 103 -1.23 -36.84 25.49
C LYS F 103 0.23 -36.51 25.26
N GLY F 104 0.76 -36.88 24.10
CA GLY F 104 2.04 -36.39 23.65
C GLY F 104 3.23 -37.27 23.96
N THR F 105 3.02 -38.46 24.48
CA THR F 105 4.13 -39.29 24.89
C THR F 105 4.14 -40.59 24.13
N LEU F 106 5.31 -41.21 24.05
CA LEU F 106 5.46 -42.51 23.44
C LEU F 106 4.86 -43.52 24.39
N ASP F 107 3.58 -43.82 24.22
CA ASP F 107 2.86 -44.58 25.23
C ASP F 107 3.18 -46.07 25.16
N TYR F 108 3.29 -46.60 23.96
CA TYR F 108 3.56 -48.02 23.83
C TYR F 108 4.79 -48.24 22.97
N TRP F 109 5.53 -49.29 23.29
CA TRP F 109 6.80 -49.57 22.66
C TRP F 109 6.85 -51.03 22.28
N GLY F 110 7.49 -51.29 21.13
CA GLY F 110 7.58 -52.63 20.61
C GLY F 110 8.49 -53.50 21.43
N GLN F 111 8.63 -54.74 20.99
CA GLN F 111 9.55 -55.62 21.68
C GLN F 111 10.98 -55.25 21.34
N GLY F 112 11.24 -54.90 20.10
CA GLY F 112 12.55 -54.41 19.73
C GLY F 112 13.37 -55.45 19.01
N THR F 113 13.87 -55.08 17.83
CA THR F 113 14.73 -55.95 17.05
C THR F 113 16.06 -55.26 16.85
N SER F 114 17.09 -56.05 16.57
CA SER F 114 18.44 -55.53 16.40
C SER F 114 18.91 -55.83 14.99
N VAL F 115 19.52 -54.84 14.35
CA VAL F 115 19.98 -54.93 12.98
C VAL F 115 21.47 -54.66 12.99
N THR F 116 22.24 -55.50 12.29
CA THR F 116 23.69 -55.35 12.20
C THR F 116 24.11 -55.28 10.74
N VAL F 117 24.97 -54.32 10.42
CA VAL F 117 25.40 -54.05 9.07
C VAL F 117 26.88 -54.39 8.97
N SER F 118 27.21 -55.54 8.40
CA SER F 118 28.58 -55.96 8.22
C SER F 118 28.69 -56.78 6.95
N SER F 119 29.81 -57.48 6.79
CA SER F 119 29.98 -58.38 5.67
C SER F 119 30.86 -59.56 6.03
#